data_6HX3
#
_entry.id   6HX3
#
_cell.length_a   177.760
_cell.length_b   177.760
_cell.length_c   115.390
_cell.angle_alpha   90.000
_cell.angle_beta   90.000
_cell.angle_gamma   120.000
#
_symmetry.space_group_name_H-M   'H 3'
#
loop_
_entity.id
_entity.type
_entity.pdbx_description
1 polymer "Pyridoxal 5'-phosphate synthase-like subunit PDX1.2"
2 polymer "Pyridoxal 5'-phosphate synthase subunit PDX1.3"
3 non-polymer 'SULFATE ION'
4 water water
#
loop_
_entity_poly.entity_id
_entity_poly.type
_entity_poly.pdbx_seq_one_letter_code
_entity_poly.pdbx_strand_id
1 'polypeptide(L)'
;MADQAMTDQDQGAVTLYSGTAITDAKKNHPFSVKVGLAQVLRGGAIVEVSSVNQAKLAESAGACSVIVSDPVRSRGGVRR
MPDPVLIKEVKRAVSVPVMARARVGHFVEAQILESLAVDYIDESEIISVADDDHFINKHNFRSPFICGCRDTGEALRRIR
EGAAMIRIQGDLTATGNIAETVKNVRSLMGEVRVLNNMDDDEVFTFAKKISAPYDLVAQTKQMGRVPVVQFASGGITTPA
DAALMMQLGCDGVFVGSEVFDGPDPFKKLRSIVQAVQHYNDPHVLAEMSSGLENAMESLNVRGDRIQDFGQGSV
;
A,C,E,G
2 'polypeptide(L)'
;SPFSVKVGLAQMLRGGVIMDVVNAEQARIAEEAGACAVMALERVPADIRAQGGVARMSDPQMIKEIKQAVTIPVMAKARI
GHFVEAQILEAIGIDYIDESEVLTLADEDHHINKHNFRIPFVCGCRNLGEALRRIREGAAMIRTKGEAGTGNIIEAVRHV
RSVNGDIRVLRNMDDDEVFTFAKKLAAPYDLVMQTKQLGRLPVVQFAAGGVATPADAALMMQLGCDGVFVGSGIFKSGDP
ARRARAIVQAVTHYSDPEMLVEVSCGLGEA
;
B,D,F,H
#
loop_
_chem_comp.id
_chem_comp.type
_chem_comp.name
_chem_comp.formula
SO4 non-polymer 'SULFATE ION' 'O4 S -2'
#
# COMPACT_ATOMS: atom_id res chain seq x y z
N PRO A 30 36.77 -14.84 6.93
CA PRO A 30 35.74 -15.88 7.02
C PRO A 30 34.42 -15.34 7.59
N PHE A 31 34.49 -14.42 8.53
CA PHE A 31 33.27 -13.87 9.12
C PHE A 31 32.36 -13.35 8.02
N SER A 32 32.93 -12.61 7.07
CA SER A 32 32.15 -12.06 5.98
C SER A 32 31.53 -13.17 5.14
N VAL A 33 32.18 -14.32 5.10
CA VAL A 33 31.65 -15.47 4.36
C VAL A 33 30.42 -16.03 5.07
N LYS A 34 30.43 -16.02 6.39
CA LYS A 34 29.31 -16.56 7.14
C LYS A 34 28.15 -15.57 7.06
N VAL A 35 28.49 -14.29 7.05
CA VAL A 35 27.49 -13.23 6.91
C VAL A 35 26.86 -13.28 5.54
N GLY A 36 27.68 -13.55 4.53
CA GLY A 36 27.20 -13.75 3.17
C GLY A 36 26.29 -14.95 3.08
N LEU A 37 26.67 -16.05 3.73
CA LEU A 37 25.89 -17.28 3.65
C LEU A 37 24.46 -17.05 4.11
N ALA A 38 24.30 -16.40 5.27
CA ALA A 38 22.98 -16.19 5.86
C ALA A 38 22.06 -15.37 4.95
N GLN A 39 22.63 -14.63 4.00
CA GLN A 39 21.84 -13.85 3.05
C GLN A 39 20.77 -14.72 2.38
N VAL A 40 21.03 -16.02 2.30
CA VAL A 40 20.16 -16.91 1.56
C VAL A 40 18.80 -17.03 2.23
N LEU A 41 18.76 -16.73 3.52
CA LEU A 41 17.56 -16.96 4.31
C LEU A 41 16.54 -15.83 4.16
N ARG A 42 16.96 -14.71 3.59
CA ARG A 42 16.07 -13.58 3.39
C ARG A 42 14.74 -13.94 2.73
N GLY A 43 13.68 -13.32 3.22
CA GLY A 43 12.36 -13.51 2.68
C GLY A 43 11.74 -14.80 3.11
N GLY A 44 12.34 -15.47 4.07
CA GLY A 44 11.85 -16.80 4.46
C GLY A 44 11.39 -16.96 5.89
N ALA A 45 10.79 -18.11 6.17
CA ALA A 45 10.38 -18.49 7.51
C ALA A 45 11.19 -19.70 7.96
N ILE A 46 11.68 -19.63 9.20
CA ILE A 46 12.39 -20.75 9.81
C ILE A 46 11.51 -21.37 10.87
N VAL A 47 11.39 -22.69 10.85
CA VAL A 47 10.40 -23.37 11.68
C VAL A 47 11.05 -24.33 12.67
N GLU A 48 10.60 -24.24 13.92
CA GLU A 48 11.07 -25.15 14.97
C GLU A 48 10.39 -26.50 14.76
N VAL A 49 11.18 -27.57 14.83
CA VAL A 49 10.65 -28.92 14.65
C VAL A 49 11.22 -29.86 15.71
N SER A 50 10.50 -30.93 15.99
CA SER A 50 10.90 -31.89 17.01
C SER A 50 10.99 -33.29 16.44
N SER A 51 10.63 -33.44 15.17
CA SER A 51 10.66 -34.77 14.54
C SER A 51 10.86 -34.64 13.04
N VAL A 52 11.26 -35.74 12.41
CA VAL A 52 11.45 -35.79 10.96
C VAL A 52 10.17 -35.38 10.22
N ASN A 53 9.03 -35.91 10.67
CA ASN A 53 7.75 -35.57 10.05
C ASN A 53 7.57 -34.05 9.99
N GLN A 54 7.69 -33.40 11.14
CA GLN A 54 7.52 -31.94 11.24
C GLN A 54 8.48 -31.19 10.34
N ALA A 55 9.72 -31.67 10.24
CA ALA A 55 10.72 -31.05 9.37
C ALA A 55 10.31 -31.20 7.91
N LYS A 56 9.70 -32.33 7.58
CA LYS A 56 9.26 -32.61 6.21
C LYS A 56 8.07 -31.73 5.84
N LEU A 57 7.15 -31.58 6.78
CA LEU A 57 6.02 -30.66 6.58
C LEU A 57 6.52 -29.23 6.40
N ALA A 58 7.42 -28.80 7.27
CA ALA A 58 7.95 -27.45 7.20
C ALA A 58 8.63 -27.19 5.85
N GLU A 59 9.32 -28.19 5.34
CA GLU A 59 10.02 -28.03 4.05
C GLU A 59 9.02 -27.94 2.90
N SER A 60 7.99 -28.78 2.95
CA SER A 60 6.98 -28.83 1.89
C SER A 60 6.13 -27.56 1.89
N ALA A 61 5.97 -26.93 3.05
CA ALA A 61 5.22 -25.70 3.16
C ALA A 61 6.08 -24.50 2.76
N GLY A 62 7.36 -24.74 2.49
CA GLY A 62 8.22 -23.71 1.94
C GLY A 62 9.14 -23.01 2.92
N ALA A 63 9.28 -23.56 4.11
CA ALA A 63 10.21 -23.03 5.08
C ALA A 63 11.62 -22.94 4.48
N CYS A 64 12.35 -21.86 4.78
CA CYS A 64 13.69 -21.69 4.24
C CYS A 64 14.73 -22.44 5.07
N SER A 65 14.28 -23.04 6.16
CA SER A 65 15.18 -23.69 7.10
C SER A 65 14.40 -24.22 8.29
N VAL A 66 14.94 -25.24 8.95
CA VAL A 66 14.30 -25.75 10.16
C VAL A 66 15.26 -25.69 11.35
N ILE A 67 14.69 -25.41 12.51
CA ILE A 67 15.42 -25.34 13.77
C ILE A 67 15.06 -26.57 14.57
N VAL A 68 15.96 -27.55 14.63
CA VAL A 68 15.69 -28.81 15.30
C VAL A 68 15.86 -28.68 16.81
N SER A 69 14.89 -29.20 17.56
CA SER A 69 14.96 -29.22 19.01
C SER A 69 14.08 -30.32 19.58
N ASP A 70 14.50 -30.89 20.71
CA ASP A 70 13.73 -31.91 21.40
C ASP A 70 12.46 -31.31 22.00
N VAL A 72 8.44 -25.88 26.84
CA VAL A 72 9.48 -25.44 27.76
C VAL A 72 8.92 -24.47 28.79
N ARG A 73 8.14 -23.51 28.32
CA ARG A 73 7.55 -22.49 29.19
C ARG A 73 6.57 -23.13 30.17
N SER A 74 5.97 -24.25 29.78
CA SER A 74 4.95 -24.90 30.59
C SER A 74 5.51 -26.01 31.49
N ARG A 75 6.47 -26.76 30.97
CA ARG A 75 6.97 -27.95 31.67
C ARG A 75 8.10 -27.61 32.64
N GLY A 76 8.81 -26.52 32.39
CA GLY A 76 9.97 -26.16 33.20
C GLY A 76 11.10 -27.14 32.96
N GLY A 77 12.04 -27.22 33.90
CA GLY A 77 13.19 -28.11 33.78
C GLY A 77 14.28 -27.48 32.92
N VAL A 78 15.48 -28.03 32.97
CA VAL A 78 16.60 -27.51 32.20
C VAL A 78 16.47 -27.94 30.74
N ARG A 79 16.57 -26.98 29.83
CA ARG A 79 16.52 -27.27 28.40
C ARG A 79 17.92 -27.15 27.81
N ARG A 80 18.36 -28.21 27.14
CA ARG A 80 19.73 -28.29 26.64
C ARG A 80 19.78 -28.48 25.13
N MET A 81 21.00 -28.56 24.60
CA MET A 81 21.22 -28.95 23.22
C MET A 81 20.44 -30.22 22.93
N PRO A 82 19.95 -30.37 21.70
CA PRO A 82 19.20 -31.59 21.40
C PRO A 82 20.11 -32.79 21.17
N ASP A 83 19.56 -33.99 21.31
CA ASP A 83 20.29 -35.24 21.08
C ASP A 83 20.76 -35.30 19.63
N PRO A 84 22.07 -35.52 19.42
CA PRO A 84 22.60 -35.56 18.06
C PRO A 84 21.96 -36.63 17.16
N VAL A 85 21.34 -37.64 17.75
CA VAL A 85 20.63 -38.64 16.94
C VAL A 85 19.36 -38.05 16.31
N LEU A 86 18.64 -37.22 17.07
CA LEU A 86 17.51 -36.49 16.51
C LEU A 86 17.96 -35.52 15.42
N ILE A 87 18.96 -34.69 15.74
CA ILE A 87 19.47 -33.75 14.76
C ILE A 87 19.86 -34.45 13.46
N LYS A 88 20.53 -35.59 13.60
CA LYS A 88 20.98 -36.35 12.43
C LYS A 88 19.78 -36.79 11.61
N GLU A 89 18.75 -37.30 12.28
CA GLU A 89 17.54 -37.76 11.59
C GLU A 89 16.82 -36.62 10.85
N VAL A 90 16.83 -35.43 11.43
CA VAL A 90 16.20 -34.28 10.79
C VAL A 90 17.00 -33.84 9.56
N LYS A 91 18.33 -33.78 9.69
CA LYS A 91 19.18 -33.39 8.56
C LYS A 91 19.02 -34.34 7.38
N ARG A 92 18.73 -35.60 7.66
CA ARG A 92 18.56 -36.60 6.61
C ARG A 92 17.19 -36.48 5.94
N ALA A 93 16.23 -35.90 6.65
CA ALA A 93 14.86 -35.86 6.16
C ALA A 93 14.59 -34.68 5.23
N VAL A 94 15.48 -33.70 5.22
CA VAL A 94 15.25 -32.50 4.41
C VAL A 94 16.52 -32.05 3.70
N SER A 95 16.36 -31.16 2.74
CA SER A 95 17.50 -30.64 2.00
C SER A 95 17.68 -29.14 2.25
N VAL A 96 16.73 -28.53 2.92
CA VAL A 96 16.91 -27.14 3.38
C VAL A 96 17.91 -27.11 4.54
N PRO A 97 18.52 -25.94 4.78
CA PRO A 97 19.47 -25.82 5.88
C PRO A 97 18.83 -26.19 7.23
N VAL A 98 19.62 -26.84 8.07
CA VAL A 98 19.16 -27.25 9.39
C VAL A 98 19.92 -26.49 10.47
N MET A 99 19.16 -25.92 11.41
CA MET A 99 19.70 -25.18 12.54
C MET A 99 19.47 -25.97 13.83
N ALA A 100 20.27 -25.68 14.86
CA ALA A 100 20.06 -26.26 16.17
C ALA A 100 20.53 -25.31 17.28
N ARG A 101 19.95 -25.47 18.46
CA ARG A 101 20.22 -24.56 19.57
C ARG A 101 21.29 -25.08 20.50
N ALA A 102 22.16 -24.17 20.92
CA ALA A 102 23.08 -24.41 22.02
C ALA A 102 22.68 -23.45 23.12
N ARG A 103 22.98 -23.79 24.37
CA ARG A 103 22.70 -22.88 25.47
C ARG A 103 23.67 -21.71 25.43
N VAL A 104 23.23 -20.55 25.92
CA VAL A 104 24.11 -19.39 25.94
C VAL A 104 25.39 -19.72 26.70
N GLY A 105 26.52 -19.59 26.01
CA GLY A 105 27.82 -19.76 26.63
C GLY A 105 28.32 -21.19 26.66
N HIS A 106 27.50 -22.13 26.21
CA HIS A 106 27.92 -23.50 26.21
C HIS A 106 28.67 -23.81 24.92
N PHE A 107 29.92 -23.38 24.86
CA PHE A 107 30.72 -23.56 23.66
C PHE A 107 30.96 -25.02 23.31
N VAL A 108 30.90 -25.92 24.29
CA VAL A 108 31.10 -27.32 23.96
C VAL A 108 29.89 -27.85 23.23
N GLU A 109 28.69 -27.50 23.68
CA GLU A 109 27.50 -27.89 22.96
C GLU A 109 27.65 -27.45 21.49
N ALA A 110 28.20 -26.26 21.30
CA ALA A 110 28.39 -25.71 19.96
C ALA A 110 29.42 -26.52 19.15
N GLN A 111 30.49 -26.95 19.82
CA GLN A 111 31.51 -27.77 19.16
C GLN A 111 30.90 -29.08 18.66
N ILE A 112 29.99 -29.62 19.45
CA ILE A 112 29.31 -30.86 19.09
C ILE A 112 28.41 -30.64 17.86
N LEU A 113 27.66 -29.55 17.87
CA LEU A 113 26.76 -29.28 16.76
C LEU A 113 27.58 -29.06 15.48
N GLU A 114 28.68 -28.33 15.57
CA GLU A 114 29.54 -28.13 14.42
C GLU A 114 30.05 -29.47 13.89
N SER A 115 30.39 -30.38 14.80
CA SER A 115 30.90 -31.70 14.43
C SER A 115 29.85 -32.54 13.73
N LEU A 116 28.58 -32.32 14.08
CA LEU A 116 27.49 -33.03 13.42
C LEU A 116 27.22 -32.47 12.02
N ALA A 117 27.81 -31.32 11.72
CA ALA A 117 27.62 -30.70 10.41
C ALA A 117 26.26 -30.01 10.23
N VAL A 118 25.73 -29.41 11.30
CA VAL A 118 24.55 -28.56 11.15
C VAL A 118 24.93 -27.39 10.25
N ASP A 119 23.93 -26.64 9.79
CA ASP A 119 24.21 -25.50 8.93
C ASP A 119 24.34 -24.20 9.71
N TYR A 120 23.56 -24.06 10.77
CA TYR A 120 23.63 -22.88 11.64
C TYR A 120 23.45 -23.29 13.09
N ILE A 121 24.11 -22.57 13.98
CA ILE A 121 23.92 -22.76 15.42
C ILE A 121 23.26 -21.52 15.99
N ASP A 122 22.21 -21.73 16.76
CA ASP A 122 21.52 -20.64 17.42
C ASP A 122 21.87 -20.67 18.91
N GLU A 123 22.68 -19.71 19.35
CA GLU A 123 22.97 -19.53 20.76
C GLU A 123 21.74 -18.87 21.38
N SER A 124 20.86 -19.70 21.94
CA SER A 124 19.49 -19.31 22.18
C SER A 124 19.10 -19.16 23.65
N GLU A 125 18.57 -17.99 23.99
CA GLU A 125 18.09 -17.72 25.33
C GLU A 125 16.82 -18.50 25.68
N ILE A 126 16.26 -19.27 24.76
CA ILE A 126 15.05 -20.03 25.09
C ILE A 126 15.41 -21.32 25.81
N ILE A 127 16.62 -21.81 25.58
CA ILE A 127 17.14 -22.92 26.35
C ILE A 127 17.75 -22.31 27.63
N SER A 128 18.10 -23.15 28.59
CA SER A 128 18.64 -22.68 29.86
C SER A 128 20.06 -22.13 29.69
N VAL A 129 20.26 -20.85 30.01
CA VAL A 129 21.60 -20.27 29.96
C VAL A 129 22.58 -21.12 30.75
N ALA A 130 23.79 -21.29 30.20
CA ALA A 130 24.82 -22.08 30.86
C ALA A 130 25.89 -21.17 31.43
N ASP A 131 25.99 -19.95 30.89
CA ASP A 131 26.96 -18.98 31.37
C ASP A 131 26.29 -17.63 31.48
N ASP A 132 26.26 -17.09 32.68
CA ASP A 132 25.53 -15.88 32.96
C ASP A 132 26.25 -14.63 32.43
N ASP A 133 27.57 -14.70 32.31
CA ASP A 133 28.36 -13.49 32.07
C ASP A 133 29.07 -13.43 30.72
N HIS A 134 29.08 -14.54 29.99
CA HIS A 134 29.78 -14.56 28.71
C HIS A 134 29.05 -15.41 27.69
N PHE A 135 29.06 -14.94 26.43
CA PHE A 135 28.54 -15.73 25.34
C PHE A 135 29.67 -16.51 24.70
N ILE A 136 29.31 -17.39 23.78
CA ILE A 136 30.30 -18.14 23.03
C ILE A 136 31.19 -17.19 22.21
N ASN A 137 32.47 -17.50 22.17
CA ASN A 137 33.38 -16.77 21.31
C ASN A 137 33.23 -17.32 19.91
N LYS A 138 32.29 -16.75 19.15
CA LYS A 138 31.77 -17.37 17.94
C LYS A 138 32.78 -17.35 16.79
N HIS A 139 33.81 -16.51 16.89
CA HIS A 139 34.87 -16.49 15.89
C HIS A 139 35.76 -17.74 15.95
N ASN A 140 35.50 -18.63 16.91
CA ASN A 140 36.28 -19.87 17.02
C ASN A 140 35.62 -21.01 16.25
N PHE A 141 34.56 -20.71 15.52
CA PHE A 141 33.81 -21.74 14.83
C PHE A 141 33.75 -21.52 13.32
N ARG A 142 33.49 -22.59 12.59
CA ARG A 142 33.33 -22.51 11.15
C ARG A 142 31.89 -22.16 10.80
N SER A 143 30.94 -22.84 11.42
CA SER A 143 29.54 -22.61 11.08
C SER A 143 29.06 -21.26 11.60
N PRO A 144 28.07 -20.68 10.90
CA PRO A 144 27.53 -19.39 11.29
C PRO A 144 26.58 -19.50 12.49
N PHE A 145 26.59 -18.48 13.34
CA PHE A 145 25.72 -18.44 14.51
C PHE A 145 24.60 -17.42 14.33
N ILE A 146 23.45 -17.77 14.90
CA ILE A 146 22.36 -16.84 15.10
C ILE A 146 22.29 -16.52 16.60
N CYS A 147 22.11 -15.24 16.94
CA CYS A 147 21.93 -14.82 18.34
C CYS A 147 20.69 -13.93 18.48
N GLY A 148 20.14 -13.89 19.69
CA GLY A 148 18.97 -13.06 19.95
C GLY A 148 19.37 -11.67 20.37
N CYS A 149 18.41 -10.76 20.42
CA CYS A 149 18.64 -9.43 20.96
C CYS A 149 17.31 -8.76 21.26
N ARG A 150 17.36 -7.72 22.08
CA ARG A 150 16.19 -6.96 22.44
C ARG A 150 16.39 -5.50 22.04
N ASP A 151 17.64 -5.14 21.74
CA ASP A 151 17.97 -3.79 21.33
C ASP A 151 19.25 -3.78 20.50
N THR A 152 19.59 -2.63 19.94
CA THR A 152 20.73 -2.51 19.04
C THR A 152 22.04 -2.88 19.73
N GLY A 153 22.26 -2.33 20.91
CA GLY A 153 23.50 -2.57 21.66
C GLY A 153 23.77 -4.06 21.80
N GLU A 154 22.72 -4.79 22.15
CA GLU A 154 22.83 -6.23 22.31
C GLU A 154 23.16 -6.90 20.97
N ALA A 155 22.51 -6.42 19.91
CA ALA A 155 22.71 -6.96 18.57
C ALA A 155 24.17 -6.82 18.18
N LEU A 156 24.69 -5.63 18.40
CA LEU A 156 26.04 -5.31 17.97
C LEU A 156 27.07 -6.08 18.81
N ARG A 157 26.78 -6.26 20.09
CA ARG A 157 27.66 -7.05 20.95
C ARG A 157 27.72 -8.49 20.48
N ARG A 158 26.56 -9.07 20.14
CA ARG A 158 26.54 -10.45 19.67
C ARG A 158 27.32 -10.58 18.35
N ILE A 159 27.18 -9.57 17.49
CA ILE A 159 27.84 -9.59 16.18
C ILE A 159 29.36 -9.51 16.37
N ARG A 160 29.82 -8.65 17.27
CA ARG A 160 31.25 -8.52 17.49
C ARG A 160 31.80 -9.84 18.02
N GLU A 161 30.96 -10.56 18.75
CA GLU A 161 31.34 -11.87 19.26
C GLU A 161 31.37 -12.88 18.12
N GLY A 162 30.85 -12.49 16.97
CA GLY A 162 30.89 -13.33 15.78
C GLY A 162 29.56 -13.91 15.31
N ALA A 163 28.45 -13.44 15.86
CA ALA A 163 27.15 -13.85 15.33
C ALA A 163 27.01 -13.38 13.87
N ALA A 164 26.58 -14.25 12.99
CA ALA A 164 26.45 -13.89 11.57
C ALA A 164 25.01 -13.54 11.23
N MET A 165 24.12 -13.69 12.20
CA MET A 165 22.72 -13.45 11.99
C MET A 165 22.11 -13.09 13.33
N ILE A 166 21.08 -12.25 13.30
CA ILE A 166 20.45 -11.79 14.51
C ILE A 166 18.96 -12.07 14.47
N ARG A 167 18.38 -12.46 15.60
CA ARG A 167 16.94 -12.48 15.69
C ARG A 167 16.52 -11.64 16.89
N ILE A 168 15.67 -10.66 16.62
CA ILE A 168 15.24 -9.77 17.67
C ILE A 168 14.09 -10.47 18.34
N GLN A 169 14.36 -10.87 19.57
CA GLN A 169 13.49 -11.77 20.31
C GLN A 169 12.47 -11.05 21.19
N GLY A 170 11.25 -11.55 21.17
CA GLY A 170 10.24 -11.12 22.12
C GLY A 170 10.01 -12.20 23.16
N ASP A 171 8.75 -12.46 23.50
CA ASP A 171 8.43 -13.45 24.52
C ASP A 171 9.23 -14.74 24.31
N LEU A 172 10.15 -15.01 25.22
CA LEU A 172 10.95 -16.23 25.18
C LEU A 172 10.11 -17.48 25.48
N THR A 173 8.92 -17.28 26.06
CA THR A 173 7.99 -18.37 26.28
C THR A 173 7.15 -18.54 25.02
N ALA A 174 6.29 -19.56 25.00
CA ALA A 174 5.37 -19.77 23.88
C ALA A 174 4.03 -19.10 24.19
N THR A 175 4.03 -17.77 24.20
CA THR A 175 2.85 -17.01 24.60
C THR A 175 1.93 -16.65 23.44
N GLY A 176 2.41 -16.84 22.21
CA GLY A 176 1.65 -16.46 21.03
C GLY A 176 1.31 -14.97 21.00
N ASN A 177 2.07 -14.18 21.75
CA ASN A 177 1.84 -12.74 21.79
C ASN A 177 3.03 -12.02 21.20
N ILE A 178 2.76 -11.21 20.18
CA ILE A 178 3.79 -10.58 19.37
C ILE A 178 4.27 -9.25 19.99
N ALA A 179 3.62 -8.83 21.07
CA ALA A 179 3.87 -7.51 21.65
C ALA A 179 5.34 -7.20 21.90
N GLU A 180 6.07 -8.14 22.47
CA GLU A 180 7.46 -7.88 22.85
C GLU A 180 8.39 -7.86 21.65
N THR A 181 8.08 -8.71 20.67
CA THR A 181 8.83 -8.71 19.43
C THR A 181 8.68 -7.38 18.72
N VAL A 182 7.46 -6.87 18.67
CA VAL A 182 7.21 -5.58 18.04
C VAL A 182 8.03 -4.53 18.76
N LYS A 183 8.04 -4.59 20.09
CA LYS A 183 8.80 -3.64 20.88
C LYS A 183 10.28 -3.71 20.52
N ASN A 184 10.81 -4.90 20.43
CA ASN A 184 12.24 -5.07 20.25
C ASN A 184 12.64 -4.81 18.79
N VAL A 185 11.78 -5.13 17.84
CA VAL A 185 12.03 -4.74 16.46
C VAL A 185 12.02 -3.22 16.29
N ARG A 186 11.04 -2.54 16.90
CA ARG A 186 10.96 -1.09 16.77
C ARG A 186 12.13 -0.42 17.47
N SER A 187 12.60 -1.02 18.56
CA SER A 187 13.71 -0.44 19.29
C SER A 187 14.97 -0.47 18.40
N LEU A 188 15.28 -1.64 17.86
CA LEU A 188 16.41 -1.81 16.97
C LEU A 188 16.29 -0.91 15.72
N MET A 189 15.18 -1.04 14.99
CA MET A 189 14.99 -0.23 13.78
C MET A 189 15.09 1.26 14.10
N GLY A 190 14.44 1.69 15.17
CA GLY A 190 14.44 3.08 15.57
C GLY A 190 15.82 3.62 15.94
N GLU A 191 16.59 2.80 16.66
CA GLU A 191 17.93 3.19 17.06
C GLU A 191 18.83 3.33 15.82
N VAL A 192 18.59 2.47 14.83
CA VAL A 192 19.36 2.54 13.60
C VAL A 192 19.05 3.81 12.81
N ARG A 193 17.80 4.24 12.80
CA ARG A 193 17.42 5.49 12.12
C ARG A 193 17.96 6.71 12.86
N VAL A 194 17.98 6.66 14.18
CA VAL A 194 18.60 7.73 14.96
C VAL A 194 20.08 7.82 14.60
N LEU A 195 20.73 6.66 14.56
CA LEU A 195 22.16 6.62 14.30
C LEU A 195 22.45 7.07 12.86
N ASN A 196 21.66 6.59 11.92
CA ASN A 196 21.90 6.88 10.50
C ASN A 196 22.14 8.38 10.28
N ASN A 197 21.42 9.21 11.02
CA ASN A 197 21.36 10.65 10.75
C ASN A 197 22.11 11.48 11.79
N MET A 198 22.75 10.79 12.73
CA MET A 198 23.37 11.45 13.86
C MET A 198 24.61 12.23 13.48
N ASP A 199 24.83 13.36 14.15
CA ASP A 199 26.07 14.11 14.02
C ASP A 199 27.26 13.20 14.37
N ASP A 200 28.23 13.10 13.46
CA ASP A 200 29.35 12.15 13.62
C ASP A 200 30.01 12.30 14.98
N ASP A 201 30.17 13.55 15.41
CA ASP A 201 30.86 13.81 16.64
C ASP A 201 30.12 13.22 17.84
N GLU A 202 28.84 12.95 17.71
CA GLU A 202 28.04 12.46 18.83
C GLU A 202 27.99 10.92 18.88
N VAL A 203 28.49 10.26 17.85
CA VAL A 203 28.42 8.80 17.79
C VAL A 203 29.30 8.09 18.85
N PHE A 204 30.38 8.73 19.29
CA PHE A 204 31.21 8.12 20.33
C PHE A 204 30.40 7.92 21.59
N THR A 205 29.72 8.98 22.02
CA THR A 205 28.89 8.90 23.22
C THR A 205 27.73 7.92 23.02
N PHE A 206 27.19 7.87 21.82
CA PHE A 206 26.14 6.91 21.51
C PHE A 206 26.63 5.47 21.68
N ALA A 207 27.85 5.19 21.21
CA ALA A 207 28.38 3.84 21.31
C ALA A 207 28.55 3.49 22.79
N LYS A 208 29.06 4.43 23.57
CA LYS A 208 29.17 4.24 25.00
C LYS A 208 27.79 3.93 25.61
N LYS A 209 26.81 4.77 25.30
CA LYS A 209 25.48 4.65 25.88
C LYS A 209 24.83 3.29 25.63
N ILE A 210 25.06 2.71 24.46
CA ILE A 210 24.44 1.42 24.16
C ILE A 210 25.40 0.27 24.41
N SER A 211 26.58 0.60 24.95
CA SER A 211 27.59 -0.39 25.28
C SER A 211 27.87 -1.29 24.09
N ALA A 212 28.14 -0.67 22.94
CA ALA A 212 28.45 -1.41 21.73
C ALA A 212 29.81 -1.00 21.22
N PRO A 213 30.45 -1.86 20.41
CA PRO A 213 31.73 -1.48 19.84
C PRO A 213 31.58 -0.37 18.81
N TYR A 214 32.31 0.73 19.00
CA TYR A 214 32.18 1.92 18.17
C TYR A 214 32.31 1.61 16.67
N ASP A 215 33.35 0.90 16.29
CA ASP A 215 33.60 0.64 14.89
C ASP A 215 32.42 -0.09 14.24
N LEU A 216 31.79 -1.01 14.96
CA LEU A 216 30.56 -1.64 14.46
C LEU A 216 29.37 -0.66 14.42
N VAL A 217 29.37 0.33 15.30
CA VAL A 217 28.30 1.32 15.32
C VAL A 217 28.46 2.22 14.10
N ALA A 218 29.70 2.62 13.83
CA ALA A 218 30.01 3.43 12.65
C ALA A 218 29.63 2.66 11.38
N GLN A 219 29.96 1.38 11.36
CA GLN A 219 29.59 0.55 10.23
C GLN A 219 28.08 0.58 10.03
N THR A 220 27.34 0.40 11.12
CA THR A 220 25.89 0.39 11.07
C THR A 220 25.34 1.73 10.60
N LYS A 221 25.98 2.81 11.01
CA LYS A 221 25.58 4.15 10.60
C LYS A 221 25.75 4.32 9.09
N GLN A 222 26.93 3.99 8.59
CA GLN A 222 27.25 4.16 7.17
C GLN A 222 26.38 3.25 6.30
N MET A 223 25.77 2.25 6.91
CA MET A 223 25.03 1.22 6.19
C MET A 223 23.53 1.50 6.26
N GLY A 224 23.12 2.25 7.28
CA GLY A 224 21.70 2.50 7.51
C GLY A 224 20.94 1.23 7.85
N ARG A 225 21.66 0.23 8.33
CA ARG A 225 21.08 -1.07 8.63
C ARG A 225 22.06 -1.93 9.43
N VAL A 226 21.56 -2.94 10.14
CA VAL A 226 22.46 -3.87 10.80
C VAL A 226 23.27 -4.60 9.74
N PRO A 227 24.57 -4.77 9.99
CA PRO A 227 25.45 -5.38 9.01
C PRO A 227 25.23 -6.88 8.83
N VAL A 228 24.19 -7.44 9.43
CA VAL A 228 23.85 -8.85 9.20
C VAL A 228 22.36 -9.03 9.05
N VAL A 229 21.96 -10.19 8.55
CA VAL A 229 20.57 -10.57 8.43
C VAL A 229 19.85 -10.50 9.79
N GLN A 230 18.62 -9.99 9.78
CA GLN A 230 17.90 -9.69 11.00
C GLN A 230 16.46 -10.22 10.94
N PHE A 231 16.19 -11.27 11.68
CA PHE A 231 14.88 -11.91 11.71
C PHE A 231 14.10 -11.54 12.97
N ALA A 232 12.78 -11.60 12.87
CA ALA A 232 11.92 -11.42 14.03
C ALA A 232 11.59 -12.79 14.60
N SER A 233 11.43 -12.85 15.92
CA SER A 233 11.12 -14.10 16.59
C SER A 233 10.41 -13.88 17.91
N GLY A 234 9.46 -14.75 18.22
CA GLY A 234 8.78 -14.71 19.50
C GLY A 234 7.34 -14.32 19.37
N GLY A 235 6.47 -15.32 19.44
CA GLY A 235 5.04 -15.07 19.51
C GLY A 235 4.32 -15.03 18.18
N ILE A 236 5.08 -15.16 17.09
CA ILE A 236 4.50 -15.13 15.75
C ILE A 236 3.52 -16.29 15.59
N THR A 237 2.23 -15.98 15.52
CA THR A 237 1.22 -17.03 15.53
C THR A 237 0.36 -17.03 14.26
N THR A 238 0.20 -15.88 13.62
CA THR A 238 -0.66 -15.77 12.46
C THR A 238 0.06 -15.18 11.27
N PRO A 239 -0.49 -15.40 10.06
CA PRO A 239 0.03 -14.75 8.87
C PRO A 239 0.16 -13.25 9.07
N ALA A 240 -0.79 -12.62 9.76
CA ALA A 240 -0.75 -11.18 9.95
C ALA A 240 0.44 -10.77 10.83
N ASP A 241 0.75 -11.58 11.83
CA ASP A 241 1.91 -11.33 12.68
C ASP A 241 3.19 -11.33 11.84
N ALA A 242 3.33 -12.36 11.01
CA ALA A 242 4.53 -12.55 10.22
C ALA A 242 4.72 -11.39 9.25
N ALA A 243 3.64 -11.04 8.55
CA ALA A 243 3.69 -9.94 7.60
C ALA A 243 4.01 -8.62 8.30
N LEU A 244 3.48 -8.45 9.51
CA LEU A 244 3.74 -7.25 10.30
C LEU A 244 5.23 -7.08 10.54
N MET A 245 5.88 -8.17 10.94
CA MET A 245 7.32 -8.14 11.20
C MET A 245 8.06 -7.73 9.93
N MET A 246 7.64 -8.23 8.78
CA MET A 246 8.27 -7.85 7.53
C MET A 246 8.07 -6.37 7.23
N GLN A 247 6.85 -5.87 7.40
CA GLN A 247 6.60 -4.45 7.12
C GLN A 247 7.37 -3.54 8.07
N LEU A 248 7.70 -4.04 9.26
CA LEU A 248 8.53 -3.25 10.17
C LEU A 248 10.00 -3.30 9.77
N GLY A 249 10.32 -4.13 8.78
CA GLY A 249 11.67 -4.16 8.21
C GLY A 249 12.54 -5.38 8.48
N CYS A 250 11.94 -6.47 8.93
CA CYS A 250 12.70 -7.69 9.17
C CYS A 250 12.91 -8.49 7.90
N ASP A 251 14.02 -9.23 7.84
CA ASP A 251 14.38 -10.00 6.66
C ASP A 251 13.69 -11.36 6.64
N GLY A 252 12.95 -11.67 7.70
CA GLY A 252 12.28 -12.97 7.81
C GLY A 252 11.84 -13.24 9.24
N VAL A 253 11.25 -14.41 9.48
CA VAL A 253 10.75 -14.73 10.81
C VAL A 253 11.06 -16.16 11.26
N PHE A 254 11.21 -16.34 12.58
CA PHE A 254 11.21 -17.66 13.19
C PHE A 254 9.80 -17.99 13.67
N VAL A 255 9.38 -19.24 13.54
CA VAL A 255 8.16 -19.69 14.18
C VAL A 255 8.46 -20.93 15.02
N GLY A 256 8.22 -20.81 16.32
CA GLY A 256 8.44 -21.90 17.26
C GLY A 256 7.18 -22.66 17.60
N VAL A 259 3.72 -23.37 15.21
CA VAL A 259 2.81 -23.81 14.16
C VAL A 259 2.23 -25.18 14.49
N PHE A 260 3.03 -26.01 15.15
CA PHE A 260 2.60 -27.37 15.48
C PHE A 260 1.77 -27.37 16.75
N ASP A 261 1.80 -26.26 17.48
CA ASP A 261 0.95 -26.06 18.63
C ASP A 261 -0.37 -25.43 18.19
N GLY A 262 -0.84 -25.83 17.00
CA GLY A 262 -2.10 -25.33 16.47
C GLY A 262 -2.96 -26.48 15.95
N PRO A 263 -4.13 -26.15 15.36
CA PRO A 263 -5.07 -27.14 14.83
C PRO A 263 -4.53 -27.88 13.62
N ASP A 264 -4.39 -27.18 12.50
CA ASP A 264 -3.86 -27.78 11.27
C ASP A 264 -2.52 -27.15 10.89
N PRO A 265 -1.42 -27.72 11.42
CA PRO A 265 -0.07 -27.18 11.27
C PRO A 265 0.37 -27.00 9.82
N PHE A 266 -0.02 -27.92 8.93
CA PHE A 266 0.44 -27.88 7.55
C PHE A 266 -0.11 -26.67 6.80
N LYS A 267 -1.36 -26.31 7.06
CA LYS A 267 -1.97 -25.16 6.40
C LYS A 267 -1.42 -23.84 6.96
N LYS A 268 -1.28 -23.79 8.29
CA LYS A 268 -0.79 -22.59 8.95
C LYS A 268 0.63 -22.23 8.52
N LEU A 269 1.50 -23.23 8.47
CA LEU A 269 2.89 -23.02 8.08
C LEU A 269 2.99 -22.47 6.66
N ARG A 270 2.16 -23.05 5.79
CA ARG A 270 2.06 -22.59 4.43
C ARG A 270 1.65 -21.13 4.39
N SER A 271 0.65 -20.77 5.21
CA SER A 271 0.08 -19.43 5.23
C SER A 271 1.08 -18.40 5.72
N ILE A 272 1.89 -18.78 6.70
CA ILE A 272 2.89 -17.88 7.25
C ILE A 272 4.00 -17.69 6.24
N VAL A 273 4.39 -18.77 5.58
CA VAL A 273 5.37 -18.68 4.49
C VAL A 273 4.85 -17.73 3.42
N GLN A 274 3.64 -17.97 2.94
CA GLN A 274 3.07 -17.12 1.90
C GLN A 274 2.95 -15.68 2.39
N ALA A 275 2.70 -15.52 3.68
CA ALA A 275 2.54 -14.19 4.27
C ALA A 275 3.83 -13.40 4.21
N VAL A 276 4.95 -14.08 4.47
CA VAL A 276 6.26 -13.45 4.44
C VAL A 276 6.63 -13.08 3.01
N GLN A 277 6.33 -13.98 2.08
CA GLN A 277 6.59 -13.74 0.67
C GLN A 277 5.76 -12.57 0.12
N HIS A 278 4.50 -12.44 0.58
CA HIS A 278 3.61 -11.41 0.04
C HIS A 278 3.20 -10.37 1.08
N TYR A 279 4.14 -10.01 1.95
CA TYR A 279 3.82 -9.21 3.12
C TYR A 279 3.17 -7.86 2.81
N ASN A 280 3.33 -7.36 1.59
CA ASN A 280 2.81 -6.04 1.24
C ASN A 280 1.50 -6.11 0.47
N ASP A 281 0.86 -7.29 0.48
CA ASP A 281 -0.32 -7.53 -0.34
C ASP A 281 -1.48 -8.06 0.48
N PRO A 282 -2.39 -7.15 0.89
CA PRO A 282 -3.51 -7.47 1.75
C PRO A 282 -4.48 -8.50 1.18
N HIS A 283 -4.68 -8.47 -0.13
CA HIS A 283 -5.54 -9.47 -0.78
C HIS A 283 -5.02 -10.86 -0.50
N VAL A 284 -3.72 -11.06 -0.68
CA VAL A 284 -3.12 -12.36 -0.45
C VAL A 284 -3.15 -12.72 1.04
N LEU A 285 -2.83 -11.74 1.89
CA LEU A 285 -2.84 -11.97 3.33
C LEU A 285 -4.22 -12.43 3.79
N ALA A 286 -5.26 -11.84 3.21
CA ALA A 286 -6.62 -12.20 3.59
C ALA A 286 -6.90 -13.63 3.14
N GLU A 287 -6.53 -13.93 1.90
CA GLU A 287 -6.66 -15.27 1.38
C GLU A 287 -5.98 -16.26 2.31
N MET A 288 -4.74 -15.95 2.71
CA MET A 288 -3.98 -16.83 3.60
C MET A 288 -4.61 -17.04 4.96
N SER A 289 -5.14 -15.98 5.56
CA SER A 289 -5.62 -16.05 6.93
C SER A 289 -7.01 -16.69 7.00
N SER A 290 -7.60 -16.95 5.84
CA SER A 290 -8.99 -17.42 5.76
C SER A 290 -9.11 -18.91 6.08
N GLY A 291 -9.96 -19.22 7.06
CA GLY A 291 -10.20 -20.60 7.47
C GLY A 291 -8.92 -21.31 7.87
N LEU A 292 -8.12 -20.66 8.70
CA LEU A 292 -6.82 -21.19 9.09
C LEU A 292 -6.94 -22.19 10.22
N GLU A 293 -8.12 -22.23 10.84
CA GLU A 293 -8.34 -23.07 12.01
C GLU A 293 -7.80 -22.38 13.25
N ASN A 294 -7.85 -23.06 14.39
CA ASN A 294 -7.38 -22.49 15.65
C ASN A 294 -5.89 -22.14 15.59
N ALA A 295 -5.52 -21.00 16.15
CA ALA A 295 -4.14 -20.50 16.07
C ALA A 295 -3.25 -21.02 17.20
N PRO B 30 25.01 -21.31 -3.95
CA PRO B 30 25.45 -19.92 -3.92
C PRO B 30 24.51 -19.00 -4.70
N PHE B 31 23.73 -19.55 -5.62
CA PHE B 31 22.73 -18.74 -6.32
C PHE B 31 21.75 -18.13 -5.32
N SER B 32 21.32 -18.92 -4.35
CA SER B 32 20.41 -18.43 -3.33
C SER B 32 21.02 -17.27 -2.54
N VAL B 33 22.33 -17.30 -2.36
CA VAL B 33 23.02 -16.20 -1.69
C VAL B 33 22.91 -14.89 -2.46
N LYS B 34 23.06 -14.97 -3.78
CA LYS B 34 22.97 -13.76 -4.63
C LYS B 34 21.53 -13.23 -4.67
N VAL B 35 20.58 -14.14 -4.73
CA VAL B 35 19.17 -13.78 -4.72
C VAL B 35 18.82 -13.11 -3.39
N GLY B 36 19.36 -13.65 -2.30
CA GLY B 36 19.21 -13.04 -0.99
C GLY B 36 19.82 -11.65 -0.93
N LEU B 37 21.01 -11.49 -1.48
CA LEU B 37 21.66 -10.19 -1.49
C LEU B 37 20.79 -9.14 -2.16
N ALA B 38 20.26 -9.48 -3.33
CA ALA B 38 19.51 -8.51 -4.13
C ALA B 38 18.27 -8.03 -3.40
N GLN B 39 17.79 -8.81 -2.43
CA GLN B 39 16.62 -8.42 -1.64
C GLN B 39 16.83 -7.09 -0.89
N VAL B 40 18.05 -6.86 -0.40
CA VAL B 40 18.32 -5.63 0.34
C VAL B 40 17.96 -4.41 -0.47
N LEU B 41 17.68 -4.61 -1.75
CA LEU B 41 17.42 -3.49 -2.65
C LEU B 41 15.92 -3.17 -2.71
N ARG B 42 15.10 -4.12 -2.29
CA ARG B 42 13.66 -3.91 -2.26
C ARG B 42 13.30 -2.59 -1.59
N GLY B 43 12.51 -1.77 -2.29
CA GLY B 43 12.04 -0.50 -1.75
C GLY B 43 12.91 0.67 -2.15
N GLY B 44 13.86 0.44 -3.04
CA GLY B 44 14.80 1.50 -3.41
C GLY B 44 14.70 2.00 -4.84
N ALA B 45 15.38 3.12 -5.10
CA ALA B 45 15.55 3.62 -6.46
C ALA B 45 17.02 3.54 -6.85
N ILE B 46 17.28 3.08 -8.08
CA ILE B 46 18.64 2.97 -8.56
C ILE B 46 18.88 4.02 -9.63
N VAL B 47 19.95 4.78 -9.50
CA VAL B 47 20.16 5.93 -10.36
C VAL B 47 21.38 5.78 -11.26
N GLU B 48 21.20 6.04 -12.55
CA GLU B 48 22.32 6.04 -13.50
C GLU B 48 23.18 7.27 -13.29
N VAL B 49 24.45 7.06 -12.96
CA VAL B 49 25.37 8.17 -12.78
C VAL B 49 26.55 8.06 -13.75
N SER B 50 27.19 9.19 -14.02
CA SER B 50 28.30 9.22 -14.96
C SER B 50 29.55 9.84 -14.34
N SER B 51 29.40 10.38 -13.13
CA SER B 51 30.52 10.98 -12.41
C SER B 51 30.35 10.80 -10.90
N VAL B 52 31.45 10.90 -10.17
CA VAL B 52 31.41 10.78 -8.71
C VAL B 52 30.52 11.86 -8.12
N ASN B 53 30.41 12.98 -8.84
CA ASN B 53 29.54 14.06 -8.41
C ASN B 53 28.09 13.60 -8.40
N GLN B 54 27.65 13.02 -9.52
CA GLN B 54 26.29 12.50 -9.64
C GLN B 54 26.04 11.33 -8.69
N ALA B 55 27.08 10.54 -8.44
CA ALA B 55 26.96 9.39 -7.55
C ALA B 55 26.71 9.84 -6.12
N LYS B 56 27.37 10.93 -5.73
CA LYS B 56 27.22 11.48 -4.38
C LYS B 56 25.81 12.03 -4.18
N LEU B 57 25.36 12.87 -5.10
CA LEU B 57 24.01 13.41 -5.05
C LEU B 57 23.04 12.26 -4.89
N ALA B 58 23.07 11.34 -5.84
CA ALA B 58 22.17 10.18 -5.82
C ALA B 58 22.18 9.50 -4.46
N GLU B 59 23.36 9.36 -3.86
CA GLU B 59 23.48 8.74 -2.55
C GLU B 59 22.81 9.60 -1.47
N SER B 60 23.10 10.90 -1.48
CA SER B 60 22.53 11.80 -0.49
C SER B 60 21.01 11.83 -0.63
N ALA B 61 20.52 11.79 -1.86
CA ALA B 61 19.09 11.77 -2.13
C ALA B 61 18.44 10.46 -1.67
N GLY B 62 19.26 9.51 -1.23
CA GLY B 62 18.74 8.24 -0.70
C GLY B 62 18.69 7.10 -1.69
N ALA B 63 19.34 7.25 -2.84
CA ALA B 63 19.43 6.17 -3.81
C ALA B 63 19.94 4.91 -3.11
N CYS B 64 19.29 3.78 -3.34
CA CYS B 64 19.69 2.51 -2.72
C CYS B 64 20.93 1.93 -3.40
N SER B 65 21.35 2.56 -4.49
CA SER B 65 22.44 2.04 -5.29
C SER B 65 22.62 2.91 -6.53
N VAL B 66 23.82 2.89 -7.10
CA VAL B 66 24.06 3.64 -8.33
C VAL B 66 24.61 2.74 -9.43
N ILE B 67 24.16 2.99 -10.65
CA ILE B 67 24.62 2.25 -11.82
C ILE B 67 25.55 3.12 -12.64
N VAL B 68 26.81 2.73 -12.72
CA VAL B 68 27.84 3.54 -13.36
C VAL B 68 27.89 3.36 -14.86
N SER B 69 27.88 4.47 -15.59
CA SER B 69 28.10 4.46 -17.03
C SER B 69 28.77 5.76 -17.46
N ASP B 70 29.45 5.73 -18.60
CA ASP B 70 30.15 6.91 -19.10
C ASP B 70 29.20 7.83 -19.88
N PRO B 71 28.10 7.26 -20.41
CA PRO B 71 27.01 7.97 -21.08
C PRO B 71 25.64 7.39 -20.73
N GLY B 76 23.58 7.33 -30.52
CA GLY B 76 24.21 6.50 -31.55
C GLY B 76 25.65 6.16 -31.19
N GLY B 77 26.27 5.29 -31.99
CA GLY B 77 27.60 4.78 -31.68
C GLY B 77 27.51 3.44 -30.97
N VAL B 78 28.65 2.83 -30.70
CA VAL B 78 28.65 1.58 -29.95
C VAL B 78 28.82 1.89 -28.48
N ARG B 79 27.90 1.38 -27.66
CA ARG B 79 27.93 1.65 -26.23
C ARG B 79 28.45 0.43 -25.48
N ARG B 80 29.54 0.61 -24.73
CA ARG B 80 30.23 -0.51 -24.11
C ARG B 80 30.31 -0.37 -22.60
N MET B 81 30.91 -1.37 -21.97
CA MET B 81 31.32 -1.29 -20.57
C MET B 81 32.02 0.04 -20.34
N PRO B 82 31.78 0.65 -19.18
CA PRO B 82 32.45 1.90 -18.85
C PRO B 82 33.90 1.69 -18.44
N ASP B 83 34.68 2.75 -18.52
CA ASP B 83 36.09 2.73 -18.14
C ASP B 83 36.24 2.28 -16.70
N PRO B 84 37.09 1.27 -16.45
CA PRO B 84 37.29 0.78 -15.08
C PRO B 84 37.80 1.86 -14.13
N VAL B 85 38.41 2.90 -14.68
CA VAL B 85 38.89 4.01 -13.86
C VAL B 85 37.69 4.74 -13.27
N LEU B 86 36.82 5.22 -14.16
CA LEU B 86 35.61 5.91 -13.73
C LEU B 86 34.87 5.10 -12.69
N ILE B 87 34.75 3.79 -12.92
CA ILE B 87 34.02 2.92 -12.01
C ILE B 87 34.65 2.91 -10.63
N LYS B 88 35.99 2.92 -10.58
CA LYS B 88 36.70 2.92 -9.31
C LYS B 88 36.45 4.20 -8.53
N GLU B 89 36.41 5.33 -9.24
CA GLU B 89 36.12 6.61 -8.60
C GLU B 89 34.73 6.62 -7.95
N VAL B 90 33.73 6.13 -8.69
CA VAL B 90 32.38 6.05 -8.16
C VAL B 90 32.31 5.12 -6.95
N LYS B 91 32.93 3.95 -7.06
CA LYS B 91 32.95 3.00 -5.95
C LYS B 91 33.59 3.63 -4.72
N ARG B 92 34.69 4.35 -4.94
CA ARG B 92 35.39 5.01 -3.83
C ARG B 92 34.59 6.19 -3.27
N ALA B 93 33.82 6.85 -4.13
CA ALA B 93 33.15 8.09 -3.75
C ALA B 93 31.80 7.90 -3.07
N VAL B 94 31.36 6.65 -2.90
CA VAL B 94 30.08 6.39 -2.23
C VAL B 94 30.12 5.08 -1.45
N SER B 95 29.14 4.89 -0.57
CA SER B 95 29.12 3.70 0.28
C SER B 95 28.06 2.72 -0.18
N VAL B 96 27.02 3.23 -0.81
CA VAL B 96 25.95 2.37 -1.33
C VAL B 96 26.51 1.45 -2.42
N PRO B 97 25.86 0.30 -2.64
CA PRO B 97 26.29 -0.65 -3.66
C PRO B 97 26.40 -0.02 -5.05
N VAL B 98 27.42 -0.40 -5.80
CA VAL B 98 27.65 0.15 -7.13
C VAL B 98 27.44 -0.91 -8.20
N MET B 99 26.66 -0.56 -9.22
CA MET B 99 26.39 -1.45 -10.34
C MET B 99 27.07 -0.93 -11.60
N ALA B 100 27.36 -1.84 -12.53
CA ALA B 100 27.91 -1.43 -13.82
C ALA B 100 27.35 -2.31 -14.94
N ARG B 101 27.38 -1.77 -16.15
CA ARG B 101 26.80 -2.47 -17.30
C ARG B 101 27.83 -3.23 -18.12
N ALA B 102 27.46 -4.45 -18.50
CA ALA B 102 28.19 -5.20 -19.50
C ALA B 102 27.25 -5.46 -20.69
N ARG B 103 27.80 -5.51 -21.90
CA ARG B 103 26.96 -5.77 -23.06
C ARG B 103 26.43 -7.20 -22.97
N VAL B 104 25.24 -7.43 -23.51
CA VAL B 104 24.66 -8.77 -23.54
C VAL B 104 25.64 -9.75 -24.16
N GLY B 105 25.92 -10.83 -23.43
CA GLY B 105 26.77 -11.90 -23.93
C GLY B 105 28.25 -11.59 -23.86
N HIS B 106 28.62 -10.41 -23.37
CA HIS B 106 30.04 -10.07 -23.28
C HIS B 106 30.58 -10.51 -21.93
N PHE B 107 30.86 -11.80 -21.79
CA PHE B 107 31.24 -12.37 -20.53
C PHE B 107 32.61 -11.90 -20.04
N VAL B 108 33.45 -11.45 -20.96
CA VAL B 108 34.76 -10.93 -20.60
C VAL B 108 34.61 -9.55 -19.94
N GLU B 109 33.76 -8.71 -20.52
CA GLU B 109 33.47 -7.43 -19.88
C GLU B 109 33.00 -7.68 -18.45
N ALA B 110 32.23 -8.75 -18.27
CA ALA B 110 31.74 -9.11 -16.94
C ALA B 110 32.89 -9.55 -16.03
N GLN B 111 33.82 -10.33 -16.57
CA GLN B 111 35.00 -10.75 -15.81
C GLN B 111 35.76 -9.54 -15.27
N ILE B 112 35.88 -8.52 -16.11
CA ILE B 112 36.55 -7.30 -15.73
C ILE B 112 35.80 -6.65 -14.56
N LEU B 113 34.50 -6.45 -14.73
CA LEU B 113 33.67 -5.82 -13.69
C LEU B 113 33.75 -6.58 -12.36
N GLU B 114 33.73 -7.91 -12.43
CA GLU B 114 33.86 -8.72 -11.24
C GLU B 114 35.24 -8.59 -10.62
N SER B 115 36.23 -8.34 -11.46
CA SER B 115 37.61 -8.15 -11.00
C SER B 115 37.80 -6.82 -10.28
N LEU B 116 37.08 -5.80 -10.73
CA LEU B 116 37.20 -4.47 -10.15
C LEU B 116 36.36 -4.36 -8.88
N ALA B 117 35.61 -5.42 -8.58
CA ALA B 117 34.86 -5.50 -7.33
C ALA B 117 33.53 -4.73 -7.31
N VAL B 118 32.76 -4.80 -8.38
CA VAL B 118 31.43 -4.19 -8.38
C VAL B 118 30.48 -5.00 -7.49
N ASP B 119 29.40 -4.39 -7.07
CA ASP B 119 28.44 -5.10 -6.25
C ASP B 119 27.45 -5.86 -7.13
N TYR B 120 27.12 -5.27 -8.27
CA TYR B 120 26.19 -5.88 -9.21
C TYR B 120 26.63 -5.60 -10.64
N ILE B 121 26.40 -6.57 -11.52
CA ILE B 121 26.60 -6.37 -12.95
C ILE B 121 25.25 -6.42 -13.64
N ASP B 122 24.93 -5.38 -14.39
CA ASP B 122 23.73 -5.38 -15.20
C ASP B 122 24.09 -5.75 -16.64
N GLU B 123 23.72 -6.96 -17.03
CA GLU B 123 23.89 -7.40 -18.41
C GLU B 123 22.79 -6.71 -19.20
N SER B 124 23.13 -5.58 -19.80
CA SER B 124 22.13 -4.61 -20.21
C SER B 124 21.93 -4.46 -21.71
N GLU B 125 20.68 -4.59 -22.15
CA GLU B 125 20.32 -4.36 -23.55
C GLU B 125 20.30 -2.88 -23.91
N ILE B 126 20.47 -2.00 -22.93
CA ILE B 126 20.59 -0.57 -23.22
C ILE B 126 21.90 -0.29 -23.95
N ILE B 127 22.90 -1.13 -23.67
CA ILE B 127 24.20 -1.04 -24.32
C ILE B 127 24.15 -1.94 -25.56
N SER B 128 25.17 -1.85 -26.41
CA SER B 128 25.18 -2.60 -27.67
C SER B 128 25.43 -4.10 -27.48
N VAL B 129 24.46 -4.92 -27.86
CA VAL B 129 24.58 -6.36 -27.69
C VAL B 129 25.79 -6.91 -28.43
N ALA B 130 26.52 -7.79 -27.75
CA ALA B 130 27.74 -8.36 -28.29
C ALA B 130 27.50 -9.77 -28.79
N ASP B 131 26.38 -10.35 -28.37
CA ASP B 131 26.01 -11.69 -28.77
C ASP B 131 24.49 -11.71 -28.94
N ASP B 132 24.00 -12.02 -30.13
CA ASP B 132 22.57 -11.96 -30.39
C ASP B 132 21.87 -13.27 -30.06
N ASP B 133 22.64 -14.32 -29.81
CA ASP B 133 22.04 -15.65 -29.62
C ASP B 133 22.20 -16.21 -28.21
N HIS B 134 23.15 -15.66 -27.46
CA HIS B 134 23.43 -16.18 -26.12
C HIS B 134 23.71 -15.08 -25.13
N PHE B 135 23.24 -15.25 -23.90
CA PHE B 135 23.59 -14.35 -22.82
C PHE B 135 24.76 -14.90 -22.04
N ILE B 136 25.36 -14.05 -21.22
CA ILE B 136 26.42 -14.45 -20.32
C ILE B 136 25.93 -15.59 -19.43
N ASN B 137 26.76 -16.61 -19.26
CA ASN B 137 26.42 -17.69 -18.35
C ASN B 137 26.72 -17.20 -16.94
N LYS B 138 25.66 -16.78 -16.25
CA LYS B 138 25.80 -15.95 -15.08
C LYS B 138 26.20 -16.76 -13.83
N HIS B 139 26.02 -18.07 -13.87
CA HIS B 139 26.43 -18.93 -12.77
C HIS B 139 27.93 -19.12 -12.68
N ASN B 140 28.67 -18.59 -13.65
CA ASN B 140 30.14 -18.67 -13.63
C ASN B 140 30.76 -17.52 -12.85
N PHE B 141 29.92 -16.64 -12.30
CA PHE B 141 30.41 -15.47 -11.58
C PHE B 141 29.99 -15.49 -10.12
N ARG B 142 30.73 -14.74 -9.31
CA ARG B 142 30.40 -14.58 -7.91
C ARG B 142 29.49 -13.37 -7.72
N SER B 143 29.70 -12.33 -8.54
CA SER B 143 28.86 -11.13 -8.51
C SER B 143 27.43 -11.47 -8.87
N PRO B 144 26.46 -10.84 -8.21
CA PRO B 144 25.07 -10.99 -8.62
C PRO B 144 24.78 -10.23 -9.93
N PHE B 145 23.97 -10.82 -10.80
CA PHE B 145 23.58 -10.18 -12.07
C PHE B 145 22.13 -9.73 -12.08
N ILE B 146 21.89 -8.58 -12.68
CA ILE B 146 20.54 -8.16 -13.08
C ILE B 146 20.42 -8.19 -14.60
N CYS B 147 19.32 -8.76 -15.09
CA CYS B 147 19.02 -8.78 -16.51
C CYS B 147 17.65 -8.15 -16.79
N GLY B 148 17.44 -7.72 -18.03
CA GLY B 148 16.18 -7.11 -18.40
C GLY B 148 15.23 -8.16 -18.92
N CYS B 149 13.96 -7.81 -19.01
CA CYS B 149 12.96 -8.69 -19.56
C CYS B 149 11.75 -7.88 -20.02
N ARG B 150 10.91 -8.49 -20.84
CA ARG B 150 9.70 -7.84 -21.33
C ARG B 150 8.49 -8.71 -21.04
N ASP B 151 8.74 -9.95 -20.67
CA ASP B 151 7.67 -10.88 -20.33
C ASP B 151 8.21 -11.97 -19.41
N THR B 152 7.30 -12.79 -18.91
CA THR B 152 7.63 -13.80 -17.92
C THR B 152 8.64 -14.80 -18.44
N GLY B 153 8.42 -15.27 -19.66
CA GLY B 153 9.30 -16.27 -20.26
C GLY B 153 10.72 -15.75 -20.25
N GLU B 154 10.87 -14.51 -20.69
CA GLU B 154 12.18 -13.91 -20.81
C GLU B 154 12.82 -13.79 -19.43
N ALA B 155 12.02 -13.40 -18.44
CA ALA B 155 12.49 -13.28 -17.07
C ALA B 155 13.01 -14.63 -16.57
N LEU B 156 12.21 -15.67 -16.77
CA LEU B 156 12.57 -16.99 -16.27
C LEU B 156 13.84 -17.54 -16.95
N ARG B 157 14.04 -17.19 -18.22
CA ARG B 157 15.22 -17.65 -18.94
C ARG B 157 16.48 -16.95 -18.43
N ARG B 158 16.38 -15.64 -18.18
CA ARG B 158 17.50 -14.90 -17.63
C ARG B 158 17.86 -15.44 -16.25
N ILE B 159 16.85 -15.82 -15.46
CA ILE B 159 17.07 -16.32 -14.12
C ILE B 159 17.73 -17.70 -14.14
N ARG B 160 17.27 -18.59 -15.01
CA ARG B 160 17.89 -19.91 -15.11
C ARG B 160 19.34 -19.78 -15.55
N GLU B 161 19.65 -18.74 -16.34
CA GLU B 161 21.02 -18.46 -16.75
C GLU B 161 21.85 -17.94 -15.58
N GLY B 162 21.18 -17.48 -14.53
CA GLY B 162 21.87 -17.04 -13.32
C GLY B 162 21.65 -15.61 -12.90
N ALA B 163 20.72 -14.91 -13.52
CA ALA B 163 20.37 -13.57 -13.07
C ALA B 163 19.78 -13.64 -11.66
N ALA B 164 20.22 -12.75 -10.78
CA ALA B 164 19.74 -12.75 -9.40
C ALA B 164 18.71 -11.66 -9.19
N MET B 165 18.40 -10.94 -10.26
CA MET B 165 17.51 -9.81 -10.17
C MET B 165 17.07 -9.45 -11.58
N ILE B 166 15.79 -9.12 -11.73
CA ILE B 166 15.23 -8.81 -13.04
C ILE B 166 14.77 -7.37 -13.07
N ARG B 167 15.04 -6.67 -14.15
CA ARG B 167 14.37 -5.39 -14.33
C ARG B 167 13.45 -5.46 -15.54
N ILE B 168 12.21 -5.06 -15.31
CA ILE B 168 11.18 -5.10 -16.33
C ILE B 168 11.34 -3.84 -17.15
N GLN B 169 11.94 -4.00 -18.32
CA GLN B 169 12.36 -2.87 -19.14
C GLN B 169 11.31 -2.38 -20.12
N GLY B 170 11.09 -1.08 -20.13
CA GLY B 170 10.27 -0.45 -21.15
C GLY B 170 11.13 0.04 -22.30
N ASP B 171 11.07 1.34 -22.58
CA ASP B 171 11.88 1.93 -23.64
C ASP B 171 13.38 1.84 -23.30
N LEU B 172 14.19 1.43 -24.27
CA LEU B 172 15.63 1.41 -24.13
C LEU B 172 16.22 2.81 -24.32
N THR B 173 15.41 3.69 -24.91
CA THR B 173 15.82 5.04 -25.23
C THR B 173 15.49 5.94 -24.04
N ALA B 174 16.02 7.15 -24.05
CA ALA B 174 15.66 8.16 -23.06
C ALA B 174 14.43 8.91 -23.57
N THR B 175 13.29 8.24 -23.55
CA THR B 175 12.07 8.79 -24.10
C THR B 175 11.20 9.50 -23.06
N GLY B 176 11.37 9.13 -21.79
CA GLY B 176 10.53 9.67 -20.74
C GLY B 176 9.10 9.14 -20.80
N ASN B 177 8.91 8.05 -21.54
CA ASN B 177 7.58 7.49 -21.68
C ASN B 177 7.52 6.13 -20.98
N ILE B 178 6.61 6.00 -20.03
CA ILE B 178 6.52 4.79 -19.22
C ILE B 178 5.59 3.76 -19.83
N ALA B 179 5.06 4.06 -21.01
CA ALA B 179 4.06 3.20 -21.64
C ALA B 179 4.51 1.74 -21.75
N GLU B 180 5.70 1.52 -22.29
CA GLU B 180 6.17 0.15 -22.53
C GLU B 180 6.51 -0.54 -21.22
N THR B 181 7.02 0.23 -20.27
CA THR B 181 7.30 -0.28 -18.94
C THR B 181 6.03 -0.83 -18.31
N VAL B 182 4.95 -0.05 -18.41
CA VAL B 182 3.66 -0.47 -17.88
C VAL B 182 3.20 -1.74 -18.57
N LYS B 183 3.37 -1.77 -19.88
CA LYS B 183 2.99 -2.93 -20.66
C LYS B 183 3.73 -4.16 -20.16
N ASN B 184 5.02 -4.04 -19.93
CA ASN B 184 5.82 -5.21 -19.60
C ASN B 184 5.67 -5.62 -18.12
N VAL B 185 5.53 -4.63 -17.25
CA VAL B 185 5.20 -4.92 -15.86
C VAL B 185 3.86 -5.65 -15.76
N ARG B 186 2.84 -5.15 -16.45
CA ARG B 186 1.54 -5.79 -16.41
C ARG B 186 1.59 -7.18 -17.04
N SER B 187 2.41 -7.36 -18.06
CA SER B 187 2.49 -8.66 -18.71
C SER B 187 3.13 -9.65 -17.76
N LEU B 188 4.18 -9.20 -17.09
CA LEU B 188 4.86 -10.00 -16.09
C LEU B 188 3.91 -10.40 -14.95
N MET B 189 3.35 -9.40 -14.29
CA MET B 189 2.47 -9.64 -13.15
C MET B 189 1.30 -10.53 -13.55
N GLY B 190 0.66 -10.19 -14.66
CA GLY B 190 -0.54 -10.92 -15.10
C GLY B 190 -0.31 -12.38 -15.43
N GLU B 191 0.87 -12.70 -15.97
CA GLU B 191 1.18 -14.08 -16.30
C GLU B 191 1.46 -14.85 -15.00
N VAL B 192 2.08 -14.16 -14.04
CA VAL B 192 2.32 -14.77 -12.74
C VAL B 192 0.97 -15.11 -12.09
N ARG B 193 0.01 -14.19 -12.16
CA ARG B 193 -1.33 -14.42 -11.60
C ARG B 193 -2.08 -15.55 -12.33
N VAL B 194 -1.94 -15.63 -13.64
CA VAL B 194 -2.55 -16.73 -14.40
C VAL B 194 -1.90 -18.05 -13.95
N LEU B 195 -0.59 -18.04 -13.86
CA LEU B 195 0.15 -19.23 -13.44
C LEU B 195 -0.26 -19.68 -12.04
N ASN B 196 -0.39 -18.73 -11.13
CA ASN B 196 -0.75 -19.03 -9.74
C ASN B 196 -1.98 -19.94 -9.64
N ASN B 197 -2.97 -19.69 -10.49
CA ASN B 197 -4.25 -20.37 -10.40
C ASN B 197 -4.41 -21.56 -11.31
N MET B 198 -3.40 -21.81 -12.12
CA MET B 198 -3.53 -22.75 -13.21
C MET B 198 -3.67 -24.19 -12.73
N ASP B 199 -4.50 -24.96 -13.42
CA ASP B 199 -4.54 -26.40 -13.21
C ASP B 199 -3.13 -26.98 -13.43
N ASP B 200 -2.56 -27.62 -12.40
CA ASP B 200 -1.19 -28.15 -12.47
C ASP B 200 -0.92 -28.91 -13.77
N ASP B 201 -1.92 -29.66 -14.22
CA ASP B 201 -1.76 -30.48 -15.41
C ASP B 201 -1.52 -29.63 -16.66
N GLU B 202 -1.77 -28.34 -16.55
CA GLU B 202 -1.66 -27.44 -17.69
C GLU B 202 -0.37 -26.63 -17.66
N VAL B 203 0.40 -26.78 -16.59
CA VAL B 203 1.61 -25.99 -16.44
C VAL B 203 2.70 -26.40 -17.43
N PHE B 204 2.72 -27.67 -17.83
CA PHE B 204 3.74 -28.12 -18.76
C PHE B 204 3.59 -27.38 -20.08
N THR B 205 2.38 -27.40 -20.64
CA THR B 205 2.11 -26.71 -21.89
C THR B 205 2.40 -25.21 -21.75
N PHE B 206 2.09 -24.66 -20.58
CA PHE B 206 2.36 -23.24 -20.31
C PHE B 206 3.85 -22.94 -20.37
N ALA B 207 4.66 -23.84 -19.84
CA ALA B 207 6.11 -23.65 -19.85
C ALA B 207 6.63 -23.74 -21.28
N LYS B 208 6.12 -24.69 -22.04
CA LYS B 208 6.43 -24.76 -23.47
C LYS B 208 6.07 -23.46 -24.21
N LYS B 209 4.91 -22.89 -23.90
CA LYS B 209 4.43 -21.70 -24.60
C LYS B 209 5.28 -20.46 -24.32
N ILE B 210 5.72 -20.27 -23.08
CA ILE B 210 6.55 -19.11 -22.78
C ILE B 210 8.03 -19.43 -22.90
N SER B 211 8.33 -20.63 -23.38
CA SER B 211 9.73 -21.08 -23.51
C SER B 211 10.54 -20.80 -22.25
N ALA B 212 10.01 -21.27 -21.12
CA ALA B 212 10.70 -21.15 -19.83
C ALA B 212 10.94 -22.54 -19.25
N PRO B 213 12.04 -22.69 -18.49
CA PRO B 213 12.31 -23.94 -17.79
C PRO B 213 11.17 -24.32 -16.85
N TYR B 214 10.62 -25.52 -17.05
CA TYR B 214 9.43 -25.93 -16.33
C TYR B 214 9.60 -25.80 -14.82
N ASP B 215 10.79 -26.10 -14.33
CA ASP B 215 10.99 -26.18 -12.90
C ASP B 215 10.97 -24.79 -12.25
N LEU B 216 11.52 -23.80 -12.92
CA LEU B 216 11.37 -22.42 -12.47
C LEU B 216 9.91 -21.93 -12.57
N VAL B 217 9.17 -22.46 -13.53
CA VAL B 217 7.77 -22.08 -13.68
C VAL B 217 6.98 -22.58 -12.47
N ALA B 218 7.27 -23.83 -12.07
CA ALA B 218 6.62 -24.42 -10.89
C ALA B 218 6.97 -23.61 -9.65
N GLN B 219 8.23 -23.27 -9.52
CA GLN B 219 8.70 -22.50 -8.38
C GLN B 219 7.96 -21.16 -8.33
N THR B 220 7.80 -20.55 -9.49
CA THR B 220 7.10 -19.28 -9.59
C THR B 220 5.63 -19.47 -9.24
N LYS B 221 5.06 -20.61 -9.62
CA LYS B 221 3.68 -20.90 -9.31
C LYS B 221 3.48 -21.11 -7.81
N GLN B 222 4.32 -21.98 -7.23
CA GLN B 222 4.22 -22.28 -5.79
C GLN B 222 4.37 -21.01 -4.95
N MET B 223 5.26 -20.12 -5.37
CA MET B 223 5.54 -18.90 -4.61
C MET B 223 4.58 -17.76 -4.94
N GLY B 224 3.87 -17.89 -6.06
CA GLY B 224 2.94 -16.85 -6.51
C GLY B 224 3.63 -15.53 -6.84
N ARG B 225 4.87 -15.62 -7.31
CA ARG B 225 5.66 -14.43 -7.59
C ARG B 225 7.00 -14.84 -8.22
N VAL B 226 7.64 -13.94 -8.96
CA VAL B 226 8.94 -14.25 -9.58
C VAL B 226 10.01 -14.38 -8.50
N PRO B 227 10.71 -15.52 -8.51
CA PRO B 227 11.63 -15.96 -7.46
C PRO B 227 12.80 -15.01 -7.17
N VAL B 228 12.84 -13.87 -7.85
CA VAL B 228 13.90 -12.89 -7.60
C VAL B 228 13.31 -11.50 -7.56
N VAL B 229 14.07 -10.55 -7.04
CA VAL B 229 13.65 -9.15 -7.00
C VAL B 229 13.34 -8.63 -8.41
N GLN B 230 12.22 -7.93 -8.54
CA GLN B 230 11.80 -7.38 -9.83
C GLN B 230 11.63 -5.86 -9.77
N PHE B 231 12.49 -5.14 -10.49
CA PHE B 231 12.43 -3.69 -10.55
C PHE B 231 11.88 -3.22 -11.89
N ALA B 232 11.28 -2.03 -11.90
CA ALA B 232 10.82 -1.42 -13.14
C ALA B 232 11.90 -0.47 -13.64
N SER B 233 11.95 -0.30 -14.95
CA SER B 233 12.99 0.48 -15.58
C SER B 233 12.57 0.89 -16.98
N GLY B 234 12.89 2.13 -17.33
CA GLY B 234 12.58 2.63 -18.65
C GLY B 234 11.49 3.68 -18.65
N GLY B 235 11.92 4.94 -18.75
CA GLY B 235 10.99 6.04 -18.95
C GLY B 235 10.45 6.65 -17.68
N ILE B 236 10.87 6.12 -16.53
CA ILE B 236 10.46 6.66 -15.24
C ILE B 236 10.99 8.09 -15.15
N THR B 237 10.10 9.07 -15.17
CA THR B 237 10.54 10.46 -15.22
C THR B 237 10.03 11.28 -14.03
N THR B 238 8.91 10.88 -13.46
CA THR B 238 8.32 11.63 -12.35
C THR B 238 8.02 10.74 -11.14
N PRO B 239 7.76 11.37 -10.00
CA PRO B 239 7.36 10.65 -8.80
C PRO B 239 6.11 9.82 -9.05
N ALA B 240 5.17 10.36 -9.81
CA ALA B 240 3.96 9.62 -10.14
C ALA B 240 4.30 8.35 -10.90
N ASP B 241 5.24 8.43 -11.83
CA ASP B 241 5.67 7.24 -12.59
C ASP B 241 6.22 6.18 -11.64
N ALA B 242 7.11 6.60 -10.74
CA ALA B 242 7.75 5.66 -9.83
C ALA B 242 6.73 4.99 -8.92
N ALA B 243 5.82 5.79 -8.35
CA ALA B 243 4.81 5.24 -7.47
C ALA B 243 3.89 4.27 -8.20
N LEU B 244 3.59 4.57 -9.46
CA LEU B 244 2.73 3.69 -10.26
C LEU B 244 3.35 2.30 -10.39
N MET B 245 4.66 2.27 -10.68
CA MET B 245 5.34 0.98 -10.83
C MET B 245 5.25 0.18 -9.54
N MET B 246 5.48 0.84 -8.40
CA MET B 246 5.34 0.19 -7.10
C MET B 246 3.92 -0.34 -6.89
N GLN B 247 2.91 0.48 -7.16
CA GLN B 247 1.51 0.04 -6.99
C GLN B 247 1.17 -1.10 -7.95
N LEU B 248 1.92 -1.20 -9.04
CA LEU B 248 1.75 -2.30 -9.99
C LEU B 248 2.47 -3.57 -9.54
N GLY B 249 3.17 -3.49 -8.41
CA GLY B 249 3.78 -4.68 -7.80
C GLY B 249 5.29 -4.83 -7.89
N CYS B 250 5.97 -3.83 -8.44
CA CYS B 250 7.43 -3.92 -8.53
C CYS B 250 8.08 -3.75 -7.16
N ASP B 251 9.33 -4.20 -7.05
CA ASP B 251 10.07 -4.12 -5.79
C ASP B 251 10.92 -2.85 -5.68
N GLY B 252 10.98 -2.07 -6.76
CA GLY B 252 11.78 -0.84 -6.80
C GLY B 252 11.86 -0.32 -8.23
N VAL B 253 12.64 0.73 -8.47
CA VAL B 253 12.77 1.27 -9.83
C VAL B 253 14.20 1.72 -10.18
N PHE B 254 14.52 1.63 -11.48
CA PHE B 254 15.72 2.28 -12.02
C PHE B 254 15.31 3.62 -12.57
N VAL B 255 16.19 4.61 -12.45
CA VAL B 255 15.98 5.88 -13.12
C VAL B 255 17.28 6.28 -13.83
N GLY B 256 17.14 6.76 -15.07
CA GLY B 256 18.29 7.12 -15.89
C GLY B 256 18.63 8.59 -15.84
N PRO B 263 16.89 19.93 -15.47
CA PRO B 263 16.91 21.12 -14.62
C PRO B 263 17.61 20.87 -13.30
N ASP B 264 16.82 20.81 -12.21
CA ASP B 264 17.37 20.56 -10.87
C ASP B 264 17.27 19.07 -10.52
N PRO B 265 18.37 18.32 -10.71
CA PRO B 265 18.44 16.88 -10.51
C PRO B 265 18.32 16.41 -9.06
N PHE B 266 18.98 17.10 -8.13
CA PHE B 266 18.92 16.68 -6.73
C PHE B 266 17.47 16.62 -6.24
N LYS B 267 16.74 17.71 -6.43
CA LYS B 267 15.35 17.77 -5.98
C LYS B 267 14.52 16.63 -6.56
N LYS B 268 14.65 16.42 -7.87
CA LYS B 268 13.88 15.37 -8.54
C LYS B 268 14.27 13.99 -8.00
N LEU B 269 15.55 13.84 -7.64
CA LEU B 269 16.06 12.56 -7.17
C LEU B 269 15.41 12.17 -5.84
N ARG B 270 15.42 13.11 -4.89
CA ARG B 270 14.85 12.85 -3.58
C ARG B 270 13.36 12.59 -3.69
N SER B 271 12.71 13.33 -4.59
CA SER B 271 11.27 13.19 -4.81
C SER B 271 10.94 11.77 -5.28
N ILE B 272 11.76 11.25 -6.18
CA ILE B 272 11.54 9.90 -6.70
C ILE B 272 11.78 8.87 -5.61
N VAL B 273 12.83 9.06 -4.82
CA VAL B 273 13.10 8.17 -3.70
C VAL B 273 11.90 8.16 -2.75
N GLN B 274 11.48 9.35 -2.33
CA GLN B 274 10.31 9.48 -1.46
C GLN B 274 9.06 8.83 -2.07
N ALA B 275 8.88 9.02 -3.37
CA ALA B 275 7.71 8.49 -4.07
C ALA B 275 7.67 6.99 -3.96
N VAL B 276 8.84 6.37 -4.07
CA VAL B 276 8.96 4.92 -3.98
C VAL B 276 8.77 4.46 -2.54
N GLN B 277 9.28 5.26 -1.61
CA GLN B 277 9.14 4.95 -0.18
C GLN B 277 7.69 5.13 0.31
N HIS B 278 6.97 6.09 -0.25
CA HIS B 278 5.58 6.34 0.18
C HIS B 278 4.59 6.21 -0.98
N TYR B 279 4.69 5.11 -1.71
CA TYR B 279 3.98 5.00 -2.98
C TYR B 279 2.46 4.93 -2.86
N ASN B 280 1.94 4.63 -1.67
CA ASN B 280 0.48 4.57 -1.49
C ASN B 280 -0.09 5.83 -0.85
N ASP B 281 0.71 6.89 -0.76
CA ASP B 281 0.26 8.10 -0.07
C ASP B 281 0.20 9.32 -0.98
N PRO B 282 -1.00 9.62 -1.49
CA PRO B 282 -1.29 10.72 -2.41
C PRO B 282 -0.77 12.08 -1.96
N HIS B 283 -0.99 12.43 -0.70
CA HIS B 283 -0.58 13.74 -0.18
C HIS B 283 0.94 13.88 -0.30
N VAL B 284 1.65 12.85 0.13
CA VAL B 284 3.10 12.82 0.00
C VAL B 284 3.49 13.01 -1.46
N LEU B 285 2.82 12.28 -2.34
CA LEU B 285 3.13 12.33 -3.77
C LEU B 285 2.89 13.72 -4.36
N ALA B 286 1.83 14.38 -3.93
CA ALA B 286 1.56 15.75 -4.39
C ALA B 286 2.69 16.67 -3.93
N GLU B 287 3.06 16.57 -2.66
CA GLU B 287 4.14 17.37 -2.12
C GLU B 287 5.39 17.25 -2.99
N MET B 288 5.78 16.02 -3.27
CA MET B 288 7.04 15.75 -3.95
C MET B 288 7.03 16.20 -5.41
N SER B 289 5.85 16.23 -6.02
CA SER B 289 5.73 16.63 -7.41
C SER B 289 5.67 18.15 -7.53
N SER B 290 5.37 18.83 -6.43
CA SER B 290 5.15 20.26 -6.46
C SER B 290 6.45 21.02 -6.74
N GLY B 291 6.48 21.75 -7.84
CA GLY B 291 7.62 22.57 -8.21
C GLY B 291 8.84 21.76 -8.61
N LEU B 292 8.67 20.89 -9.59
CA LEU B 292 9.78 20.08 -10.09
C LEU B 292 10.31 20.68 -11.38
N GLU B 293 10.63 21.97 -11.35
CA GLU B 293 11.11 22.68 -12.51
C GLU B 293 10.48 22.11 -13.77
N ASN B 294 11.19 21.18 -14.41
CA ASN B 294 10.70 20.50 -15.60
C ASN B 294 11.41 19.16 -15.76
N ALA B 295 10.64 18.11 -15.99
CA ALA B 295 11.19 16.76 -16.12
C ALA B 295 11.88 16.56 -17.46
N HIS C 29 -26.54 6.91 -4.98
CA HIS C 29 -25.35 6.35 -5.69
C HIS C 29 -24.21 7.36 -5.64
N PRO C 30 -22.99 6.88 -5.33
CA PRO C 30 -21.82 7.73 -5.44
C PRO C 30 -21.53 8.09 -6.90
N PHE C 31 -21.96 7.23 -7.83
CA PHE C 31 -21.79 7.51 -9.25
C PHE C 31 -22.81 8.56 -9.69
N SER C 32 -24.05 8.37 -9.26
CA SER C 32 -25.12 9.34 -9.55
C SER C 32 -24.72 10.73 -9.07
N VAL C 33 -24.03 10.81 -7.95
CA VAL C 33 -23.59 12.10 -7.42
C VAL C 33 -22.55 12.70 -8.35
N LYS C 34 -21.62 11.87 -8.82
CA LYS C 34 -20.61 12.34 -9.76
C LYS C 34 -21.28 12.76 -11.07
N VAL C 35 -22.24 11.98 -11.53
CA VAL C 35 -22.97 12.31 -12.74
C VAL C 35 -23.74 13.62 -12.56
N GLY C 36 -24.17 13.87 -11.33
CA GLY C 36 -24.86 15.12 -10.99
C GLY C 36 -23.93 16.32 -10.96
N LEU C 37 -22.69 16.12 -10.55
CA LEU C 37 -21.73 17.22 -10.54
C LEU C 37 -21.47 17.70 -11.97
N ALA C 38 -21.30 16.75 -12.89
CA ALA C 38 -21.00 17.09 -14.27
C ALA C 38 -22.13 17.86 -14.92
N GLN C 39 -23.35 17.58 -14.48
CA GLN C 39 -24.55 18.17 -15.09
C GLN C 39 -24.63 19.69 -14.91
N VAL C 40 -23.97 20.23 -13.90
CA VAL C 40 -23.99 21.67 -13.70
C VAL C 40 -23.26 22.37 -14.83
N LEU C 41 -22.49 21.62 -15.60
CA LEU C 41 -21.69 22.18 -16.67
C LEU C 41 -22.48 22.30 -17.96
N ARG C 42 -23.64 21.65 -18.02
CA ARG C 42 -24.47 21.73 -19.21
C ARG C 42 -24.56 23.18 -19.68
N GLY C 43 -24.54 23.39 -20.99
CA GLY C 43 -24.73 24.71 -21.58
C GLY C 43 -23.49 25.58 -21.61
N GLY C 44 -22.35 25.04 -21.21
CA GLY C 44 -21.15 25.85 -21.09
C GLY C 44 -19.98 25.45 -21.97
N ALA C 45 -18.93 26.27 -21.92
CA ALA C 45 -17.69 25.99 -22.62
C ALA C 45 -16.54 25.85 -21.63
N ILE C 46 -15.73 24.82 -21.81
CA ILE C 46 -14.58 24.58 -20.97
C ILE C 46 -13.33 24.96 -21.74
N VAL C 47 -12.51 25.83 -21.15
CA VAL C 47 -11.34 26.35 -21.86
C VAL C 47 -10.06 25.78 -21.27
N GLU C 48 -9.18 25.33 -22.16
CA GLU C 48 -7.84 24.90 -21.78
C GLU C 48 -6.97 26.10 -21.47
N VAL C 49 -6.41 26.14 -20.25
CA VAL C 49 -5.58 27.27 -19.83
C VAL C 49 -4.21 26.79 -19.35
N SER C 50 -3.22 27.68 -19.40
CA SER C 50 -1.83 27.32 -19.11
C SER C 50 -1.23 28.21 -18.03
N SER C 51 -2.02 29.14 -17.51
CA SER C 51 -1.53 30.06 -16.49
C SER C 51 -2.70 30.71 -15.78
N VAL C 52 -2.41 31.44 -14.71
CA VAL C 52 -3.45 32.16 -13.98
C VAL C 52 -4.08 33.20 -14.91
N ASN C 53 -3.24 33.83 -15.72
CA ASN C 53 -3.69 34.82 -16.68
C ASN C 53 -4.84 34.27 -17.55
N GLN C 54 -4.49 33.34 -18.43
CA GLN C 54 -5.48 32.73 -19.33
C GLN C 54 -6.71 32.27 -18.56
N ALA C 55 -6.50 31.72 -17.35
CA ALA C 55 -7.60 31.22 -16.55
C ALA C 55 -8.54 32.34 -16.12
N LYS C 56 -7.97 33.51 -15.85
CA LYS C 56 -8.75 34.68 -15.47
C LYS C 56 -9.56 35.20 -16.65
N LEU C 57 -8.91 35.30 -17.81
CA LEU C 57 -9.59 35.71 -19.03
C LEU C 57 -10.77 34.78 -19.29
N ALA C 58 -10.52 33.48 -19.28
CA ALA C 58 -11.55 32.49 -19.60
C ALA C 58 -12.76 32.62 -18.68
N GLU C 59 -12.51 32.93 -17.41
CA GLU C 59 -13.59 33.06 -16.44
C GLU C 59 -14.36 34.34 -16.72
N SER C 60 -13.64 35.36 -17.21
CA SER C 60 -14.25 36.64 -17.52
C SER C 60 -15.23 36.50 -18.68
N ALA C 61 -14.88 35.65 -19.64
CA ALA C 61 -15.72 35.44 -20.82
C ALA C 61 -16.93 34.55 -20.53
N GLY C 62 -16.93 33.89 -19.37
CA GLY C 62 -18.08 33.08 -18.97
C GLY C 62 -17.88 31.59 -19.11
N ALA C 63 -16.64 31.15 -19.25
CA ALA C 63 -16.36 29.72 -19.27
C ALA C 63 -16.98 29.06 -18.04
N CYS C 64 -17.58 27.89 -18.22
CA CYS C 64 -18.20 27.19 -17.12
C CYS C 64 -17.14 26.49 -16.25
N SER C 65 -15.93 26.44 -16.77
CA SER C 65 -14.85 25.72 -16.13
C SER C 65 -13.57 25.92 -16.92
N VAL C 66 -12.44 25.60 -16.32
CA VAL C 66 -11.16 25.68 -17.02
C VAL C 66 -10.38 24.38 -16.83
N ILE C 67 -9.73 23.92 -17.90
CA ILE C 67 -8.92 22.72 -17.82
C ILE C 67 -7.43 23.08 -17.89
N VAL C 68 -6.70 22.66 -16.86
CA VAL C 68 -5.32 23.10 -16.66
C VAL C 68 -4.31 22.20 -17.34
N SER C 69 -3.31 22.82 -17.95
CA SER C 69 -2.20 22.10 -18.59
C SER C 69 -1.00 23.03 -18.71
N ASP C 70 0.20 22.44 -18.73
CA ASP C 70 1.42 23.22 -18.76
C ASP C 70 1.66 23.89 -20.10
N PRO C 71 1.29 23.20 -21.20
CA PRO C 71 1.42 23.72 -22.56
C PRO C 71 0.23 23.32 -23.45
N GLY C 77 7.38 15.55 -27.83
CA GLY C 77 7.72 15.21 -26.45
C GLY C 77 6.61 14.45 -25.74
N VAL C 78 6.91 13.95 -24.54
CA VAL C 78 5.91 13.28 -23.73
C VAL C 78 5.14 14.34 -22.96
N ARG C 79 3.81 14.20 -22.95
CA ARG C 79 2.98 15.17 -22.25
C ARG C 79 2.33 14.49 -21.05
N ARG C 80 2.52 15.08 -19.88
CA ARG C 80 2.09 14.46 -18.63
C ARG C 80 1.12 15.31 -17.84
N MET C 81 0.65 14.75 -16.72
CA MET C 81 -0.09 15.50 -15.72
C MET C 81 0.62 16.83 -15.53
N PRO C 82 -0.13 17.91 -15.35
CA PRO C 82 0.55 19.18 -15.14
C PRO C 82 1.09 19.32 -13.71
N ASP C 83 2.03 20.25 -13.53
CA ASP C 83 2.66 20.48 -12.23
C ASP C 83 1.64 20.94 -11.21
N PRO C 84 1.59 20.29 -10.05
CA PRO C 84 0.62 20.66 -9.00
C PRO C 84 0.66 22.15 -8.62
N VAL C 85 1.84 22.76 -8.66
CA VAL C 85 1.96 24.20 -8.40
C VAL C 85 1.05 24.97 -9.35
N LEU C 86 1.28 24.80 -10.65
CA LEU C 86 0.45 25.46 -11.66
C LEU C 86 -1.03 25.24 -11.37
N ILE C 87 -1.42 23.99 -11.15
CA ILE C 87 -2.81 23.65 -10.90
C ILE C 87 -3.38 24.38 -9.68
N LYS C 88 -2.58 24.52 -8.63
CA LYS C 88 -3.01 25.20 -7.41
C LYS C 88 -3.11 26.70 -7.62
N GLU C 89 -2.19 27.26 -8.39
CA GLU C 89 -2.23 28.68 -8.72
C GLU C 89 -3.50 29.02 -9.50
N VAL C 90 -3.89 28.14 -10.40
CA VAL C 90 -5.11 28.33 -11.17
C VAL C 90 -6.35 28.17 -10.30
N LYS C 91 -6.31 27.20 -9.39
CA LYS C 91 -7.46 26.95 -8.52
C LYS C 91 -7.78 28.19 -7.66
N ARG C 92 -6.74 28.86 -7.19
CA ARG C 92 -6.91 30.03 -6.32
C ARG C 92 -7.34 31.24 -7.12
N ALA C 93 -6.90 31.29 -8.38
CA ALA C 93 -7.12 32.47 -9.20
C ALA C 93 -8.52 32.58 -9.78
N VAL C 94 -9.33 31.53 -9.66
CA VAL C 94 -10.69 31.58 -10.23
C VAL C 94 -11.69 30.87 -9.35
N SER C 95 -12.97 31.15 -9.58
CA SER C 95 -14.05 30.57 -8.80
C SER C 95 -14.85 29.51 -9.57
N VAL C 96 -14.63 29.40 -10.88
CA VAL C 96 -15.26 28.32 -11.65
C VAL C 96 -14.52 27.01 -11.40
N PRO C 97 -15.20 25.86 -11.59
CA PRO C 97 -14.55 24.56 -11.41
C PRO C 97 -13.24 24.45 -12.17
N VAL C 98 -12.29 23.69 -11.61
CA VAL C 98 -10.99 23.50 -12.26
C VAL C 98 -10.79 22.02 -12.61
N MET C 99 -10.47 21.77 -13.88
CA MET C 99 -10.20 20.42 -14.36
C MET C 99 -8.72 20.26 -14.64
N ALA C 100 -8.24 19.03 -14.60
CA ALA C 100 -6.87 18.76 -15.03
C ALA C 100 -6.78 17.37 -15.65
N ARG C 101 -5.73 17.16 -16.44
CA ARG C 101 -5.57 15.95 -17.22
C ARG C 101 -4.64 14.96 -16.54
N ALA C 102 -5.03 13.68 -16.59
CA ALA C 102 -4.17 12.57 -16.27
C ALA C 102 -3.98 11.74 -17.53
N ARG C 103 -2.81 11.12 -17.69
CA ARG C 103 -2.57 10.29 -18.85
C ARG C 103 -3.45 9.05 -18.78
N VAL C 104 -3.89 8.57 -19.93
CA VAL C 104 -4.68 7.35 -19.96
C VAL C 104 -3.99 6.26 -19.15
N GLY C 105 -4.71 5.70 -18.19
CA GLY C 105 -4.22 4.59 -17.38
C GLY C 105 -3.27 4.99 -16.25
N HIS C 106 -2.94 6.27 -16.13
CA HIS C 106 -2.03 6.69 -15.08
C HIS C 106 -2.80 6.99 -13.79
N PHE C 107 -3.15 5.93 -13.07
CA PHE C 107 -4.03 6.08 -11.93
C PHE C 107 -3.37 6.84 -10.78
N VAL C 108 -2.04 6.88 -10.77
CA VAL C 108 -1.34 7.62 -9.73
C VAL C 108 -1.42 9.12 -9.99
N GLU C 109 -1.19 9.54 -11.23
CA GLU C 109 -1.39 10.94 -11.60
C GLU C 109 -2.78 11.38 -11.13
N ALA C 110 -3.76 10.51 -11.30
CA ALA C 110 -5.13 10.80 -10.89
C ALA C 110 -5.26 10.88 -9.36
N GLN C 111 -4.57 10.00 -8.66
CA GLN C 111 -4.56 10.04 -7.21
C GLN C 111 -4.02 11.39 -6.75
N ILE C 112 -3.03 11.89 -7.47
CA ILE C 112 -2.42 13.16 -7.13
C ILE C 112 -3.38 14.33 -7.36
N LEU C 113 -4.02 14.35 -8.54
CA LEU C 113 -4.96 15.41 -8.87
C LEU C 113 -6.10 15.45 -7.85
N GLU C 114 -6.58 14.28 -7.46
CA GLU C 114 -7.66 14.21 -6.50
C GLU C 114 -7.23 14.78 -5.14
N SER C 115 -6.01 14.47 -4.74
CA SER C 115 -5.47 14.91 -3.46
C SER C 115 -5.40 16.43 -3.37
N LEU C 116 -4.96 17.08 -4.44
CA LEU C 116 -4.84 18.52 -4.46
C LEU C 116 -6.21 19.16 -4.74
N ALA C 117 -7.23 18.32 -4.80
CA ALA C 117 -8.61 18.80 -4.87
C ALA C 117 -8.98 19.56 -6.15
N VAL C 118 -8.75 18.94 -7.31
CA VAL C 118 -9.33 19.45 -8.55
C VAL C 118 -10.81 19.13 -8.51
N ASP C 119 -11.58 19.71 -9.42
CA ASP C 119 -13.01 19.45 -9.46
C ASP C 119 -13.32 18.32 -10.43
N TYR C 120 -12.48 18.17 -11.43
CA TYR C 120 -12.65 17.12 -12.42
C TYR C 120 -11.29 16.64 -12.93
N ILE C 121 -11.22 15.36 -13.25
CA ILE C 121 -10.04 14.80 -13.88
C ILE C 121 -10.41 14.35 -15.28
N ASP C 122 -9.66 14.83 -16.27
CA ASP C 122 -9.85 14.37 -17.64
C ASP C 122 -8.79 13.31 -17.93
N GLU C 123 -9.19 12.05 -18.00
CA GLU C 123 -8.29 10.98 -18.41
C GLU C 123 -8.17 11.12 -19.91
N SER C 124 -7.13 11.84 -20.35
CA SER C 124 -7.13 12.45 -21.68
C SER C 124 -6.15 11.84 -22.68
N GLU C 125 -6.67 11.34 -23.79
CA GLU C 125 -5.86 10.83 -24.89
C GLU C 125 -5.04 11.92 -25.57
N ILE C 126 -5.24 13.17 -25.17
CA ILE C 126 -4.49 14.26 -25.78
C ILE C 126 -3.04 14.26 -25.29
N ILE C 127 -2.81 13.98 -24.01
CA ILE C 127 -1.46 13.74 -23.52
C ILE C 127 -1.08 12.28 -23.79
N SER C 128 0.15 11.91 -23.45
CA SER C 128 0.72 10.62 -23.85
C SER C 128 0.15 9.45 -23.04
N VAL C 129 -0.40 8.46 -23.73
CA VAL C 129 -0.95 7.28 -23.07
C VAL C 129 0.08 6.60 -22.19
N ALA C 130 -0.33 6.17 -21.01
CA ALA C 130 0.57 5.51 -20.07
C ALA C 130 0.31 4.02 -20.03
N ASP C 131 -0.90 3.63 -20.41
CA ASP C 131 -1.27 2.22 -20.42
C ASP C 131 -2.10 1.93 -21.67
N ASP C 132 -1.51 1.22 -22.63
CA ASP C 132 -2.18 0.97 -23.91
C ASP C 132 -3.36 0.01 -23.80
N ASP C 133 -3.45 -0.73 -22.70
CA ASP C 133 -4.44 -1.79 -22.60
C ASP C 133 -5.54 -1.55 -21.55
N HIS C 134 -5.32 -0.64 -20.62
CA HIS C 134 -6.28 -0.41 -19.55
C HIS C 134 -6.40 1.05 -19.22
N PHE C 135 -7.63 1.50 -19.01
CA PHE C 135 -7.87 2.84 -18.50
C PHE C 135 -7.91 2.80 -16.98
N ILE C 136 -7.85 3.97 -16.37
CA ILE C 136 -8.01 4.09 -14.94
C ILE C 136 -9.33 3.49 -14.47
N ASN C 137 -9.27 2.74 -13.37
CA ASN C 137 -10.49 2.26 -12.73
C ASN C 137 -11.08 3.41 -11.94
N LYS C 138 -11.97 4.17 -12.58
CA LYS C 138 -12.39 5.47 -12.08
C LYS C 138 -13.34 5.38 -10.88
N HIS C 139 -13.91 4.21 -10.64
CA HIS C 139 -14.75 4.02 -9.47
C HIS C 139 -13.97 4.11 -8.15
N ASN C 140 -12.65 3.99 -8.21
CA ASN C 140 -11.83 4.06 -7.01
C ASN C 140 -11.57 5.50 -6.58
N PHE C 141 -12.19 6.46 -7.26
CA PHE C 141 -11.96 7.87 -6.95
C PHE C 141 -13.25 8.55 -6.52
N ARG C 142 -13.11 9.66 -5.80
CA ARG C 142 -14.25 10.46 -5.40
C ARG C 142 -14.49 11.54 -6.45
N SER C 143 -13.40 12.05 -7.02
CA SER C 143 -13.43 13.05 -8.07
C SER C 143 -14.14 12.52 -9.32
N PRO C 144 -15.02 13.34 -9.93
CA PRO C 144 -15.65 12.89 -11.18
C PRO C 144 -14.68 12.95 -12.35
N PHE C 145 -14.73 11.93 -13.21
CA PHE C 145 -13.85 11.85 -14.39
C PHE C 145 -14.57 12.17 -15.69
N ILE C 146 -13.85 12.84 -16.59
CA ILE C 146 -14.23 12.90 -18.00
C ILE C 146 -13.34 11.97 -18.82
N CYS C 147 -13.94 11.30 -19.81
CA CYS C 147 -13.20 10.46 -20.75
C CYS C 147 -13.62 10.78 -22.19
N GLY C 148 -12.68 10.60 -23.11
CA GLY C 148 -12.97 10.84 -24.53
C GLY C 148 -13.58 9.60 -25.17
N CYS C 149 -14.13 9.78 -26.36
CA CYS C 149 -14.71 8.66 -27.10
C CYS C 149 -14.89 9.08 -28.56
N ARG C 150 -14.95 8.10 -29.45
CA ARG C 150 -15.16 8.38 -30.87
C ARG C 150 -16.41 7.67 -31.38
N ASP C 151 -16.99 6.82 -30.54
CA ASP C 151 -18.22 6.11 -30.90
C ASP C 151 -18.93 5.62 -29.64
N THR C 152 -20.15 5.14 -29.80
CA THR C 152 -21.01 4.82 -28.66
C THR C 152 -20.41 3.74 -27.77
N GLY C 153 -19.76 2.75 -28.39
CA GLY C 153 -19.19 1.64 -27.65
C GLY C 153 -18.12 2.11 -26.68
N GLU C 154 -17.26 2.98 -27.19
CA GLU C 154 -16.16 3.52 -26.42
C GLU C 154 -16.70 4.30 -25.24
N ALA C 155 -17.68 5.16 -25.52
CA ALA C 155 -18.30 5.99 -24.49
C ALA C 155 -18.82 5.12 -23.37
N LEU C 156 -19.56 4.07 -23.71
CA LEU C 156 -20.15 3.21 -22.71
C LEU C 156 -19.06 2.49 -21.90
N ARG C 157 -17.99 2.07 -22.57
CA ARG C 157 -16.88 1.43 -21.88
C ARG C 157 -16.21 2.38 -20.87
N ARG C 158 -16.06 3.65 -21.24
CA ARG C 158 -15.46 4.61 -20.32
C ARG C 158 -16.41 4.83 -19.13
N ILE C 159 -17.71 4.84 -19.41
CA ILE C 159 -18.70 5.05 -18.36
C ILE C 159 -18.74 3.88 -17.39
N ARG C 160 -18.66 2.66 -17.91
CA ARG C 160 -18.67 1.49 -17.04
C ARG C 160 -17.44 1.48 -16.13
N GLU C 161 -16.32 1.98 -16.64
CA GLU C 161 -15.11 2.12 -15.84
C GLU C 161 -15.27 3.23 -14.81
N GLY C 162 -16.36 3.98 -14.92
CA GLY C 162 -16.68 5.01 -13.93
C GLY C 162 -16.59 6.44 -14.40
N ALA C 163 -16.53 6.67 -15.72
CA ALA C 163 -16.54 8.03 -16.25
C ALA C 163 -17.90 8.68 -15.98
N ALA C 164 -17.89 9.89 -15.45
CA ALA C 164 -19.13 10.59 -15.11
C ALA C 164 -19.48 11.60 -16.19
N MET C 165 -18.63 11.70 -17.19
CA MET C 165 -18.82 12.66 -18.25
C MET C 165 -18.03 12.20 -19.47
N ILE C 166 -18.60 12.41 -20.65
CA ILE C 166 -17.98 11.99 -21.88
C ILE C 166 -17.68 13.20 -22.75
N ARG C 167 -16.55 13.19 -23.42
CA ARG C 167 -16.32 14.19 -24.43
C ARG C 167 -16.03 13.52 -25.77
N ILE C 168 -16.76 13.95 -26.79
CA ILE C 168 -16.49 13.55 -28.14
C ILE C 168 -15.07 14.02 -28.41
N GLN C 169 -14.30 13.24 -29.13
CA GLN C 169 -13.00 13.73 -29.53
C GLN C 169 -12.85 13.72 -31.05
N GLY C 170 -12.59 14.91 -31.59
CA GLY C 170 -12.18 15.01 -32.99
C GLY C 170 -10.68 14.83 -33.09
N ASP C 171 -10.04 15.68 -33.88
CA ASP C 171 -8.58 15.62 -34.02
C ASP C 171 -7.94 15.78 -32.64
N LEU C 172 -6.85 15.05 -32.41
CA LEU C 172 -6.14 15.10 -31.14
C LEU C 172 -5.20 16.31 -31.04
N THR C 173 -4.73 16.78 -32.19
CA THR C 173 -3.87 17.97 -32.21
C THR C 173 -4.70 19.19 -32.54
N ALA C 174 -4.04 20.36 -32.57
CA ALA C 174 -4.74 21.62 -32.80
C ALA C 174 -4.86 21.90 -34.29
N THR C 175 -5.77 21.19 -34.95
CA THR C 175 -5.93 21.32 -36.39
C THR C 175 -6.91 22.43 -36.76
N GLY C 176 -7.70 22.88 -35.80
CA GLY C 176 -8.75 23.84 -36.07
C GLY C 176 -9.78 23.28 -37.05
N ASN C 177 -9.77 21.97 -37.24
CA ASN C 177 -10.72 21.32 -38.15
C ASN C 177 -11.73 20.52 -37.35
N ILE C 178 -13.01 20.79 -37.60
CA ILE C 178 -14.09 20.26 -36.78
C ILE C 178 -14.65 18.97 -37.35
N ALA C 179 -14.07 18.49 -38.44
CA ALA C 179 -14.64 17.39 -39.24
C ALA C 179 -14.73 16.05 -38.51
N GLU C 180 -13.69 15.67 -37.79
CA GLU C 180 -13.68 14.40 -37.07
C GLU C 180 -14.64 14.44 -35.90
N THR C 181 -14.65 15.59 -35.23
CA THR C 181 -15.58 15.83 -34.16
C THR C 181 -17.02 15.63 -34.62
N VAL C 182 -17.38 16.25 -35.74
CA VAL C 182 -18.73 16.09 -36.30
C VAL C 182 -18.99 14.61 -36.60
N LYS C 183 -17.99 13.93 -37.13
CA LYS C 183 -18.14 12.50 -37.41
C LYS C 183 -18.45 11.75 -36.14
N ASN C 184 -17.67 12.01 -35.11
CA ASN C 184 -17.77 11.24 -33.89
C ASN C 184 -19.02 11.60 -33.12
N VAL C 185 -19.46 12.85 -33.17
CA VAL C 185 -20.73 13.23 -32.58
C VAL C 185 -21.89 12.57 -33.32
N ARG C 186 -21.84 12.56 -34.64
CA ARG C 186 -22.90 11.94 -35.42
C ARG C 186 -22.94 10.44 -35.21
N SER C 187 -21.77 9.84 -35.04
CA SER C 187 -21.72 8.40 -34.80
C SER C 187 -22.43 8.07 -33.49
N LEU C 188 -22.08 8.80 -32.44
CA LEU C 188 -22.68 8.59 -31.14
C LEU C 188 -24.19 8.86 -31.17
N MET C 189 -24.57 10.08 -31.57
CA MET C 189 -25.98 10.43 -31.67
C MET C 189 -26.76 9.42 -32.50
N GLY C 190 -26.24 9.10 -33.68
CA GLY C 190 -26.89 8.19 -34.60
C GLY C 190 -27.10 6.80 -34.02
N GLU C 191 -26.11 6.28 -33.31
CA GLU C 191 -26.23 4.94 -32.73
C GLU C 191 -27.24 4.93 -31.58
N VAL C 192 -27.27 6.01 -30.81
CA VAL C 192 -28.24 6.14 -29.74
C VAL C 192 -29.66 6.09 -30.31
N ARG C 193 -29.88 6.77 -31.44
CA ARG C 193 -31.19 6.75 -32.08
C ARG C 193 -31.53 5.36 -32.62
N VAL C 194 -30.55 4.67 -33.17
CA VAL C 194 -30.76 3.31 -33.64
C VAL C 194 -31.17 2.43 -32.46
N LEU C 195 -30.39 2.51 -31.38
CA LEU C 195 -30.65 1.72 -30.19
C LEU C 195 -32.03 2.04 -29.60
N ASN C 196 -32.34 3.33 -29.50
CA ASN C 196 -33.61 3.77 -28.91
C ASN C 196 -34.82 3.00 -29.44
N ASN C 197 -34.77 2.63 -30.71
CA ASN C 197 -35.93 2.10 -31.40
C ASN C 197 -35.81 0.61 -31.72
N MET C 198 -34.69 0.02 -31.32
CA MET C 198 -34.34 -1.34 -31.69
C MET C 198 -35.26 -2.36 -31.07
N ASP C 199 -35.54 -3.43 -31.81
CA ASP C 199 -36.22 -4.56 -31.24
C ASP C 199 -35.38 -5.08 -30.04
N ASP C 200 -36.05 -5.26 -28.91
CA ASP C 200 -35.38 -5.62 -27.67
C ASP C 200 -34.54 -6.90 -27.81
N ASP C 201 -35.04 -7.86 -28.57
CA ASP C 201 -34.37 -9.14 -28.68
C ASP C 201 -33.02 -9.00 -29.39
N GLU C 202 -32.87 -7.94 -30.17
CA GLU C 202 -31.67 -7.74 -30.97
C GLU C 202 -30.61 -6.95 -30.22
N VAL C 203 -30.96 -6.43 -29.04
CA VAL C 203 -30.03 -5.57 -28.30
C VAL C 203 -28.81 -6.34 -27.73
N PHE C 204 -28.96 -7.63 -27.51
CA PHE C 204 -27.81 -8.42 -27.03
C PHE C 204 -26.69 -8.40 -28.07
N THR C 205 -27.04 -8.84 -29.28
CA THR C 205 -26.09 -8.87 -30.39
C THR C 205 -25.50 -7.48 -30.62
N PHE C 206 -26.33 -6.45 -30.51
CA PHE C 206 -25.87 -5.08 -30.69
C PHE C 206 -24.83 -4.69 -29.66
N ALA C 207 -25.00 -5.17 -28.44
CA ALA C 207 -24.06 -4.90 -27.36
C ALA C 207 -22.72 -5.56 -27.66
N LYS C 208 -22.79 -6.80 -28.13
CA LYS C 208 -21.60 -7.52 -28.56
C LYS C 208 -20.89 -6.76 -29.69
N LYS C 209 -21.67 -6.36 -30.70
CA LYS C 209 -21.11 -5.71 -31.88
C LYS C 209 -20.28 -4.49 -31.54
N ILE C 210 -20.78 -3.67 -30.61
CA ILE C 210 -20.05 -2.45 -30.26
C ILE C 210 -19.19 -2.66 -29.02
N SER C 211 -19.07 -3.91 -28.61
CA SER C 211 -18.26 -4.28 -27.45
C SER C 211 -18.58 -3.40 -26.24
N ALA C 212 -19.86 -3.35 -25.87
CA ALA C 212 -20.28 -2.55 -24.74
C ALA C 212 -21.01 -3.40 -23.71
N PRO C 213 -20.99 -2.97 -22.45
CA PRO C 213 -21.73 -3.61 -21.39
C PRO C 213 -23.22 -3.56 -21.68
N TYR C 214 -23.86 -4.72 -21.72
CA TYR C 214 -25.26 -4.81 -22.12
C TYR C 214 -26.15 -3.93 -21.26
N ASP C 215 -25.96 -4.00 -19.95
CA ASP C 215 -26.85 -3.29 -19.05
C ASP C 215 -26.80 -1.77 -19.26
N LEU C 216 -25.63 -1.24 -19.63
CA LEU C 216 -25.53 0.19 -19.96
C LEU C 216 -26.16 0.52 -21.31
N VAL C 217 -26.09 -0.43 -22.24
CA VAL C 217 -26.73 -0.29 -23.53
C VAL C 217 -28.25 -0.22 -23.31
N ALA C 218 -28.76 -1.06 -22.41
CA ALA C 218 -30.19 -1.06 -22.07
C ALA C 218 -30.60 0.25 -21.40
N GLN C 219 -29.76 0.75 -20.52
CA GLN C 219 -30.03 2.02 -19.85
C GLN C 219 -30.09 3.15 -20.87
N THR C 220 -29.13 3.17 -21.79
CA THR C 220 -29.06 4.21 -22.82
C THR C 220 -30.28 4.18 -23.72
N LYS C 221 -30.79 2.98 -23.97
CA LYS C 221 -31.98 2.81 -24.78
C LYS C 221 -33.20 3.39 -24.06
N GLN C 222 -33.30 3.12 -22.76
CA GLN C 222 -34.40 3.64 -21.95
C GLN C 222 -34.42 5.17 -21.97
N MET C 223 -33.28 5.79 -21.72
CA MET C 223 -33.21 7.24 -21.61
C MET C 223 -33.24 7.91 -22.98
N GLY C 224 -33.07 7.14 -24.04
CA GLY C 224 -32.92 7.72 -25.37
C GLY C 224 -31.77 8.72 -25.37
N ARG C 225 -30.75 8.44 -24.57
CA ARG C 225 -29.63 9.36 -24.39
C ARG C 225 -28.49 8.67 -23.62
N VAL C 226 -27.27 9.16 -23.78
CA VAL C 226 -26.12 8.64 -23.04
C VAL C 226 -26.22 9.11 -21.58
N PRO C 227 -26.24 8.16 -20.65
CA PRO C 227 -26.54 8.39 -19.24
C PRO C 227 -25.65 9.42 -18.55
N VAL C 228 -24.74 10.06 -19.28
CA VAL C 228 -23.92 11.11 -18.70
C VAL C 228 -23.83 12.32 -19.62
N VAL C 229 -23.39 13.44 -19.08
CA VAL C 229 -23.16 14.65 -19.84
C VAL C 229 -22.18 14.39 -21.00
N GLN C 230 -22.49 14.95 -22.17
CA GLN C 230 -21.67 14.74 -23.35
C GLN C 230 -21.26 16.05 -24.01
N PHE C 231 -19.96 16.35 -23.96
CA PHE C 231 -19.41 17.55 -24.58
C PHE C 231 -18.65 17.19 -25.85
N ALA C 232 -18.73 18.07 -26.85
CA ALA C 232 -17.92 17.94 -28.04
C ALA C 232 -16.59 18.60 -27.77
N SER C 233 -15.54 18.06 -28.37
CA SER C 233 -14.20 18.60 -28.25
C SER C 233 -13.37 18.21 -29.45
N GLY C 234 -12.48 19.10 -29.84
CA GLY C 234 -11.59 18.83 -30.97
C GLY C 234 -11.93 19.69 -32.17
N GLY C 235 -11.09 20.69 -32.41
CA GLY C 235 -11.19 21.49 -33.61
C GLY C 235 -12.15 22.67 -33.54
N ILE C 236 -12.78 22.88 -32.39
CA ILE C 236 -13.70 23.99 -32.25
C ILE C 236 -12.90 25.29 -32.33
N THR C 237 -13.13 26.06 -33.39
CA THR C 237 -12.32 27.23 -33.63
C THR C 237 -13.18 28.50 -33.69
N THR C 238 -14.42 28.36 -34.15
CA THR C 238 -15.29 29.52 -34.32
C THR C 238 -16.61 29.38 -33.56
N PRO C 239 -17.32 30.50 -33.41
CA PRO C 239 -18.65 30.50 -32.82
C PRO C 239 -19.59 29.55 -33.54
N ALA C 240 -19.49 29.53 -34.87
CA ALA C 240 -20.35 28.65 -35.68
C ALA C 240 -20.07 27.18 -35.38
N ASP C 241 -18.78 26.82 -35.29
CA ASP C 241 -18.39 25.47 -34.90
C ASP C 241 -19.07 25.04 -33.61
N ALA C 242 -18.92 25.88 -32.58
CA ALA C 242 -19.41 25.58 -31.25
C ALA C 242 -20.92 25.43 -31.27
N ALA C 243 -21.60 26.30 -31.99
CA ALA C 243 -23.06 26.24 -32.08
C ALA C 243 -23.51 25.01 -32.87
N LEU C 244 -22.72 24.64 -33.88
CA LEU C 244 -23.01 23.44 -34.65
C LEU C 244 -23.04 22.24 -33.72
N MET C 245 -22.02 22.13 -32.88
CA MET C 245 -21.93 21.02 -31.94
C MET C 245 -23.18 20.96 -31.07
N MET C 246 -23.64 22.12 -30.59
CA MET C 246 -24.83 22.16 -29.75
C MET C 246 -26.08 21.73 -30.51
N GLN C 247 -26.20 22.17 -31.77
CA GLN C 247 -27.37 21.81 -32.55
C GLN C 247 -27.37 20.33 -32.92
N LEU C 248 -26.19 19.71 -32.94
CA LEU C 248 -26.10 18.28 -33.19
C LEU C 248 -26.48 17.50 -31.94
N GLY C 249 -26.66 18.23 -30.83
CA GLY C 249 -27.19 17.63 -29.61
C GLY C 249 -26.23 17.49 -28.44
N CYS C 250 -25.10 18.18 -28.47
CA CYS C 250 -24.16 18.09 -27.36
C CYS C 250 -24.65 18.93 -26.19
N ASP C 251 -24.04 18.76 -25.03
CA ASP C 251 -24.42 19.50 -23.84
C ASP C 251 -23.50 20.68 -23.62
N GLY C 252 -22.42 20.74 -24.39
CA GLY C 252 -21.42 21.80 -24.23
C GLY C 252 -20.18 21.48 -25.04
N VAL C 253 -19.15 22.32 -24.92
CA VAL C 253 -17.95 22.15 -25.73
C VAL C 253 -16.67 22.49 -24.99
N PHE C 254 -15.59 21.81 -25.40
CA PHE C 254 -14.24 22.14 -24.97
C PHE C 254 -13.58 23.00 -26.04
N VAL C 255 -12.79 23.98 -25.63
CA VAL C 255 -11.99 24.75 -26.56
C VAL C 255 -10.54 24.71 -26.11
N GLY C 256 -9.61 24.58 -27.06
CA GLY C 256 -8.20 24.45 -26.73
C GLY C 256 -7.45 25.75 -26.92
N PRO C 263 -4.94 35.83 -32.14
CA PRO C 263 -5.98 36.80 -32.52
C PRO C 263 -6.36 37.72 -31.36
N ASP C 264 -7.62 37.64 -30.93
CA ASP C 264 -8.08 38.38 -29.75
C ASP C 264 -8.82 37.40 -28.83
N PRO C 265 -8.09 36.81 -27.88
CA PRO C 265 -8.58 35.75 -27.00
C PRO C 265 -9.83 36.09 -26.21
N PHE C 266 -9.82 37.22 -25.50
CA PHE C 266 -10.95 37.61 -24.67
C PHE C 266 -12.23 37.70 -25.51
N LYS C 267 -12.09 38.22 -26.73
CA LYS C 267 -13.24 38.42 -27.59
C LYS C 267 -13.72 37.08 -28.16
N LYS C 268 -12.79 36.28 -28.66
CA LYS C 268 -13.13 35.00 -29.26
C LYS C 268 -13.77 34.06 -28.23
N LEU C 269 -13.26 34.07 -27.01
CA LEU C 269 -13.79 33.23 -25.95
C LEU C 269 -15.20 33.64 -25.59
N ARG C 270 -15.42 34.95 -25.51
CA ARG C 270 -16.74 35.49 -25.25
C ARG C 270 -17.70 35.05 -26.35
N SER C 271 -17.25 35.18 -27.60
CA SER C 271 -18.08 34.84 -28.76
C SER C 271 -18.50 33.38 -28.71
N ILE C 272 -17.58 32.51 -28.30
CA ILE C 272 -17.86 31.08 -28.24
C ILE C 272 -18.83 30.77 -27.11
N VAL C 273 -18.62 31.39 -25.96
CA VAL C 273 -19.54 31.23 -24.84
C VAL C 273 -20.94 31.65 -25.25
N GLN C 274 -21.05 32.84 -25.83
CA GLN C 274 -22.34 33.35 -26.30
C GLN C 274 -22.95 32.40 -27.33
N ALA C 275 -22.12 31.93 -28.25
CA ALA C 275 -22.55 30.98 -29.28
C ALA C 275 -23.21 29.76 -28.67
N VAL C 276 -22.57 29.19 -27.64
CA VAL C 276 -23.11 28.00 -26.98
C VAL C 276 -24.38 28.32 -26.23
N GLN C 277 -24.42 29.48 -25.59
CA GLN C 277 -25.61 29.90 -24.86
C GLN C 277 -26.78 30.17 -25.81
N HIS C 278 -26.51 30.78 -26.96
CA HIS C 278 -27.57 31.11 -27.90
C HIS C 278 -27.42 30.41 -29.24
N TYR C 279 -27.21 29.09 -29.18
CA TYR C 279 -26.86 28.33 -30.38
C TYR C 279 -27.97 28.25 -31.42
N ASN C 280 -29.18 28.64 -31.06
CA ASN C 280 -30.30 28.58 -32.01
C ASN C 280 -30.61 29.96 -32.61
N ASP C 281 -29.81 30.97 -32.29
CA ASP C 281 -30.10 32.34 -32.73
C ASP C 281 -29.09 32.85 -33.76
N PRO C 282 -29.43 32.69 -35.04
CA PRO C 282 -28.58 33.11 -36.15
C PRO C 282 -28.13 34.57 -36.04
N HIS C 283 -29.00 35.45 -35.56
CA HIS C 283 -28.67 36.87 -35.47
C HIS C 283 -27.54 37.07 -34.47
N VAL C 284 -27.65 36.40 -33.32
CA VAL C 284 -26.60 36.47 -32.31
C VAL C 284 -25.31 35.83 -32.83
N LEU C 285 -25.43 34.66 -33.44
CA LEU C 285 -24.27 33.97 -33.98
C LEU C 285 -23.56 34.87 -34.98
N ALA C 286 -24.33 35.62 -35.74
CA ALA C 286 -23.78 36.54 -36.73
C ALA C 286 -23.01 37.64 -36.03
N GLU C 287 -23.64 38.30 -35.07
CA GLU C 287 -22.98 39.34 -34.29
C GLU C 287 -21.69 38.79 -33.68
N MET C 288 -21.77 37.59 -33.12
CA MET C 288 -20.65 36.97 -32.44
C MET C 288 -19.43 36.82 -33.34
N SER C 289 -19.65 36.51 -34.62
CA SER C 289 -18.55 36.19 -35.53
C SER C 289 -17.91 37.43 -36.16
N SER C 290 -18.55 38.58 -36.01
CA SER C 290 -18.12 39.79 -36.71
C SER C 290 -16.79 40.33 -36.21
N GLY C 291 -15.81 40.41 -37.11
CA GLY C 291 -14.49 40.96 -36.78
C GLY C 291 -13.65 40.00 -35.98
N LEU C 292 -14.28 38.94 -35.48
CA LEU C 292 -13.61 37.97 -34.60
C LEU C 292 -12.10 38.03 -34.71
N GLU C 293 -11.60 38.45 -35.88
CA GLU C 293 -10.16 38.48 -36.12
C GLU C 293 -9.72 37.12 -36.66
N ASN C 294 -8.41 36.98 -36.88
CA ASN C 294 -7.86 35.73 -37.44
C ASN C 294 -7.90 34.62 -36.39
N ALA C 295 -8.56 33.51 -36.75
CA ALA C 295 -8.68 32.36 -35.85
C ALA C 295 -7.39 31.55 -35.85
N HIS D 29 -12.19 16.58 3.10
CA HIS D 29 -11.14 15.55 2.88
C HIS D 29 -11.70 14.16 3.10
N PRO D 30 -10.87 13.12 2.89
CA PRO D 30 -11.32 11.76 3.16
C PRO D 30 -11.65 11.55 4.63
N PHE D 31 -11.11 12.40 5.51
CA PHE D 31 -11.36 12.26 6.95
C PHE D 31 -12.77 12.69 7.33
N SER D 32 -13.23 13.79 6.75
CA SER D 32 -14.60 14.26 6.97
C SER D 32 -15.58 13.24 6.45
N VAL D 33 -15.22 12.55 5.38
CA VAL D 33 -16.08 11.52 4.82
C VAL D 33 -16.23 10.34 5.79
N LYS D 34 -15.11 9.95 6.41
CA LYS D 34 -15.14 8.86 7.37
C LYS D 34 -15.92 9.27 8.62
N VAL D 35 -15.71 10.51 9.05
CA VAL D 35 -16.46 11.06 10.16
C VAL D 35 -17.95 11.05 9.86
N GLY D 36 -18.30 11.36 8.62
CA GLY D 36 -19.68 11.31 8.15
C GLY D 36 -20.24 9.90 8.15
N LEU D 37 -19.41 8.93 7.80
CA LEU D 37 -19.84 7.53 7.82
C LEU D 37 -20.25 7.07 9.23
N ALA D 38 -19.57 7.59 10.25
CA ALA D 38 -19.83 7.16 11.62
C ALA D 38 -21.08 7.83 12.18
N GLN D 39 -21.40 9.02 11.67
CA GLN D 39 -22.56 9.78 12.12
C GLN D 39 -23.89 9.05 11.92
N VAL D 40 -23.98 8.23 10.89
CA VAL D 40 -25.21 7.52 10.59
C VAL D 40 -25.50 6.48 11.67
N LEU D 41 -24.52 6.25 12.53
CA LEU D 41 -24.69 5.28 13.61
C LEU D 41 -25.26 5.97 14.84
N ARG D 42 -25.38 7.29 14.80
CA ARG D 42 -25.92 8.04 15.93
C ARG D 42 -27.29 7.50 16.31
N GLY D 43 -27.54 7.41 17.62
CA GLY D 43 -28.82 6.97 18.13
C GLY D 43 -29.00 5.47 18.09
N GLY D 44 -27.91 4.73 17.97
CA GLY D 44 -28.01 3.27 17.89
C GLY D 44 -27.19 2.50 18.92
N ALA D 45 -27.46 1.19 18.99
CA ALA D 45 -26.66 0.28 19.78
C ALA D 45 -25.87 -0.66 18.87
N ILE D 46 -24.59 -0.82 19.17
CA ILE D 46 -23.73 -1.76 18.45
C ILE D 46 -23.51 -3.00 19.31
N VAL D 47 -23.79 -4.16 18.76
CA VAL D 47 -23.76 -5.39 19.53
C VAL D 47 -22.63 -6.32 19.08
N GLU D 48 -21.92 -6.88 20.05
CA GLU D 48 -20.83 -7.81 19.77
C GLU D 48 -21.39 -9.21 19.54
N VAL D 49 -21.04 -9.80 18.40
CA VAL D 49 -21.58 -11.08 18.01
C VAL D 49 -20.45 -12.06 17.66
N SER D 50 -20.73 -13.36 17.78
CA SER D 50 -19.70 -14.38 17.61
C SER D 50 -20.08 -15.42 16.55
N SER D 51 -21.27 -15.30 15.99
CA SER D 51 -21.73 -16.23 14.96
C SER D 51 -22.61 -15.46 13.98
N VAL D 52 -23.27 -16.19 13.08
CA VAL D 52 -24.20 -15.57 12.15
C VAL D 52 -25.58 -15.49 12.79
N ASN D 53 -25.87 -16.44 13.68
CA ASN D 53 -27.13 -16.45 14.40
C ASN D 53 -27.27 -15.19 15.26
N GLN D 54 -26.25 -14.90 16.07
CA GLN D 54 -26.28 -13.73 16.94
C GLN D 54 -26.43 -12.45 16.13
N ALA D 55 -25.77 -12.40 14.98
CA ALA D 55 -25.82 -11.22 14.12
C ALA D 55 -27.23 -10.98 13.62
N LYS D 56 -27.92 -12.07 13.26
CA LYS D 56 -29.29 -11.97 12.74
C LYS D 56 -30.24 -11.52 13.83
N LEU D 57 -30.09 -12.08 15.03
CA LEU D 57 -30.87 -11.63 16.18
C LEU D 57 -30.61 -10.14 16.38
N ALA D 58 -29.34 -9.78 16.55
CA ALA D 58 -28.97 -8.39 16.80
C ALA D 58 -29.62 -7.43 15.80
N GLU D 59 -29.58 -7.78 14.51
CA GLU D 59 -30.18 -6.94 13.49
C GLU D 59 -31.69 -6.87 13.64
N SER D 60 -32.31 -8.02 13.96
CA SER D 60 -33.75 -8.07 14.16
C SER D 60 -34.15 -7.12 15.28
N ALA D 61 -33.40 -7.17 16.38
CA ALA D 61 -33.70 -6.32 17.54
C ALA D 61 -33.46 -4.85 17.24
N GLY D 62 -32.88 -4.54 16.09
CA GLY D 62 -32.74 -3.16 15.65
C GLY D 62 -31.37 -2.51 15.90
N ALA D 63 -30.34 -3.34 16.07
CA ALA D 63 -29.00 -2.80 16.24
C ALA D 63 -28.57 -2.03 15.00
N CYS D 64 -27.88 -0.90 15.18
CA CYS D 64 -27.41 -0.10 14.05
C CYS D 64 -26.15 -0.71 13.44
N SER D 65 -25.73 -1.84 13.99
CA SER D 65 -24.51 -2.51 13.54
C SER D 65 -24.14 -3.64 14.46
N VAL D 66 -23.25 -4.51 13.99
CA VAL D 66 -22.68 -5.55 14.83
C VAL D 66 -21.16 -5.52 14.72
N ILE D 67 -20.49 -5.85 15.83
CA ILE D 67 -19.04 -5.95 15.83
C ILE D 67 -18.64 -7.41 16.05
N VAL D 68 -17.94 -7.96 15.07
CA VAL D 68 -17.71 -9.40 14.99
C VAL D 68 -16.45 -9.83 15.73
N SER D 69 -16.52 -10.99 16.38
CA SER D 69 -15.37 -11.55 17.06
C SER D 69 -15.53 -13.05 17.26
N ASP D 70 -14.41 -13.77 17.28
CA ASP D 70 -14.41 -15.21 17.50
C ASP D 70 -14.80 -15.52 18.93
N PRO D 71 -14.50 -14.59 19.85
CA PRO D 71 -14.82 -14.65 21.28
C PRO D 71 -15.05 -13.27 21.88
N GLY D 76 -8.39 -16.78 29.84
CA GLY D 76 -7.22 -15.99 29.48
C GLY D 76 -6.98 -15.99 27.98
N GLY D 77 -5.76 -16.30 27.57
CA GLY D 77 -5.41 -16.41 26.15
C GLY D 77 -5.05 -15.09 25.49
N VAL D 78 -4.49 -15.17 24.29
CA VAL D 78 -4.21 -13.99 23.48
C VAL D 78 -5.40 -13.77 22.56
N ARG D 79 -5.91 -12.55 22.53
CA ARG D 79 -7.08 -12.28 21.72
C ARG D 79 -6.67 -11.52 20.46
N ARG D 80 -7.02 -12.06 19.30
CA ARG D 80 -6.58 -11.48 18.03
C ARG D 80 -7.76 -11.11 17.14
N MET D 81 -7.47 -10.43 16.04
CA MET D 81 -8.43 -10.28 14.96
C MET D 81 -9.13 -11.61 14.71
N PRO D 82 -10.43 -11.57 14.40
CA PRO D 82 -11.15 -12.82 14.14
C PRO D 82 -10.88 -13.35 12.73
N ASP D 83 -11.14 -14.65 12.51
CA ASP D 83 -10.93 -15.28 11.20
C ASP D 83 -11.77 -14.61 10.12
N PRO D 84 -11.14 -14.29 8.99
CA PRO D 84 -11.89 -13.62 7.93
C PRO D 84 -13.11 -14.43 7.44
N VAL D 85 -13.05 -15.75 7.57
CA VAL D 85 -14.19 -16.58 7.19
C VAL D 85 -15.41 -16.27 8.07
N LEU D 86 -15.19 -16.14 9.38
CA LEU D 86 -16.26 -15.75 10.29
C LEU D 86 -16.80 -14.36 9.94
N ILE D 87 -15.90 -13.42 9.70
CA ILE D 87 -16.29 -12.06 9.35
C ILE D 87 -17.05 -12.04 8.02
N LYS D 88 -16.64 -12.86 7.07
CA LYS D 88 -17.31 -12.91 5.77
C LYS D 88 -18.73 -13.41 5.95
N GLU D 89 -18.90 -14.49 6.70
CA GLU D 89 -20.23 -15.03 6.96
C GLU D 89 -21.16 -13.97 7.54
N VAL D 90 -20.72 -13.32 8.62
CA VAL D 90 -21.53 -12.30 9.28
C VAL D 90 -21.96 -11.20 8.31
N LYS D 91 -21.00 -10.64 7.56
CA LYS D 91 -21.32 -9.58 6.59
C LYS D 91 -22.35 -10.09 5.57
N ARG D 92 -22.38 -11.40 5.36
CA ARG D 92 -23.32 -11.99 4.41
C ARG D 92 -24.71 -12.14 5.03
N ALA D 93 -24.76 -12.31 6.34
CA ALA D 93 -26.00 -12.66 7.04
C ALA D 93 -26.81 -11.46 7.48
N VAL D 94 -26.33 -10.26 7.22
CA VAL D 94 -27.01 -9.06 7.71
C VAL D 94 -26.81 -7.89 6.76
N SER D 95 -27.72 -6.93 6.84
CA SER D 95 -27.66 -5.75 5.99
C SER D 95 -27.11 -4.54 6.74
N VAL D 96 -27.06 -4.61 8.06
CA VAL D 96 -26.49 -3.52 8.84
C VAL D 96 -24.96 -3.56 8.72
N PRO D 97 -24.31 -2.42 8.96
CA PRO D 97 -22.85 -2.33 8.91
C PRO D 97 -22.18 -3.35 9.83
N VAL D 98 -21.06 -3.90 9.38
CA VAL D 98 -20.29 -4.87 10.17
C VAL D 98 -18.95 -4.30 10.59
N MET D 99 -18.67 -4.40 11.89
CA MET D 99 -17.40 -3.95 12.44
C MET D 99 -16.60 -5.16 12.89
N ALA D 100 -15.29 -4.99 13.01
CA ALA D 100 -14.42 -6.03 13.58
C ALA D 100 -13.21 -5.41 14.26
N ARG D 101 -12.58 -6.17 15.14
CA ARG D 101 -11.48 -5.66 15.94
C ARG D 101 -10.12 -5.99 15.36
N ALA D 102 -9.21 -5.03 15.50
CA ALA D 102 -7.78 -5.25 15.31
C ALA D 102 -7.07 -4.91 16.62
N ARG D 103 -6.07 -5.69 16.99
CA ARG D 103 -5.30 -5.41 18.19
C ARG D 103 -4.66 -4.04 18.05
N VAL D 104 -4.44 -3.36 19.17
CA VAL D 104 -3.83 -2.04 19.13
C VAL D 104 -2.45 -2.08 18.47
N GLY D 105 -2.27 -1.24 17.47
CA GLY D 105 -1.00 -1.15 16.76
C GLY D 105 -0.77 -2.24 15.72
N HIS D 106 -1.73 -3.14 15.56
CA HIS D 106 -1.56 -4.20 14.57
C HIS D 106 -2.10 -3.75 13.21
N PHE D 107 -1.31 -2.95 12.50
CA PHE D 107 -1.76 -2.36 11.25
C PHE D 107 -1.96 -3.38 10.13
N VAL D 108 -1.34 -4.54 10.24
CA VAL D 108 -1.54 -5.56 9.24
C VAL D 108 -2.88 -6.25 9.42
N GLU D 109 -3.24 -6.56 10.67
CA GLU D 109 -4.58 -7.07 10.95
C GLU D 109 -5.63 -6.12 10.36
N ALA D 110 -5.37 -4.83 10.47
CA ALA D 110 -6.28 -3.82 9.93
C ALA D 110 -6.31 -3.83 8.40
N GLN D 111 -5.15 -4.02 7.76
CA GLN D 111 -5.08 -4.09 6.31
C GLN D 111 -5.91 -5.26 5.82
N ILE D 112 -5.88 -6.36 6.56
CA ILE D 112 -6.64 -7.52 6.21
C ILE D 112 -8.14 -7.22 6.29
N LEU D 113 -8.56 -6.66 7.43
CA LEU D 113 -9.97 -6.31 7.63
C LEU D 113 -10.46 -5.38 6.53
N GLU D 114 -9.66 -4.38 6.20
CA GLU D 114 -10.01 -3.45 5.14
C GLU D 114 -10.18 -4.18 3.80
N SER D 115 -9.25 -5.07 3.51
CA SER D 115 -9.30 -5.87 2.29
C SER D 115 -10.58 -6.71 2.27
N LEU D 116 -11.05 -7.13 3.43
CA LEU D 116 -12.27 -7.92 3.52
C LEU D 116 -13.50 -7.05 3.24
N ALA D 117 -13.30 -5.74 3.26
CA ALA D 117 -14.38 -4.80 3.04
C ALA D 117 -15.40 -4.84 4.18
N VAL D 118 -14.94 -4.70 5.41
CA VAL D 118 -15.82 -4.45 6.54
C VAL D 118 -16.09 -2.94 6.56
N ASP D 119 -17.08 -2.53 7.34
CA ASP D 119 -17.50 -1.13 7.33
C ASP D 119 -16.74 -0.29 8.36
N TYR D 120 -16.31 -0.93 9.44
CA TYR D 120 -15.52 -0.25 10.45
C TYR D 120 -14.50 -1.18 11.07
N ILE D 121 -13.38 -0.59 11.49
CA ILE D 121 -12.40 -1.30 12.28
C ILE D 121 -12.31 -0.63 13.63
N ASP D 122 -12.41 -1.45 14.68
CA ASP D 122 -12.22 -0.97 16.05
C ASP D 122 -10.83 -1.40 16.48
N GLU D 123 -9.91 -0.44 16.56
CA GLU D 123 -8.60 -0.70 17.13
C GLU D 123 -8.83 -0.84 18.63
N SER D 124 -8.95 -2.07 19.10
CA SER D 124 -9.60 -2.33 20.39
C SER D 124 -8.70 -2.86 21.49
N GLU D 125 -8.61 -2.10 22.58
CA GLU D 125 -7.83 -2.50 23.73
C GLU D 125 -8.45 -3.68 24.46
N ILE D 126 -9.59 -4.18 23.99
CA ILE D 126 -10.18 -5.36 24.62
C ILE D 126 -9.42 -6.62 24.26
N ILE D 127 -8.98 -6.73 23.01
CA ILE D 127 -8.07 -7.82 22.65
C ILE D 127 -6.63 -7.42 23.00
N SER D 128 -5.67 -8.29 22.69
CA SER D 128 -4.31 -8.16 23.22
C SER D 128 -3.46 -7.13 22.47
N VAL D 129 -3.07 -6.06 23.13
CA VAL D 129 -2.22 -5.06 22.51
C VAL D 129 -1.05 -5.72 21.77
N ALA D 130 -0.69 -5.17 20.61
CA ALA D 130 0.43 -5.70 19.83
C ALA D 130 1.59 -4.73 19.83
N ASP D 131 1.30 -3.45 20.08
CA ASP D 131 2.34 -2.43 20.13
C ASP D 131 2.02 -1.55 21.32
N ASP D 132 2.87 -1.58 22.34
CA ASP D 132 2.60 -0.85 23.57
C ASP D 132 2.91 0.63 23.43
N ASP D 133 3.54 1.01 22.33
CA ASP D 133 4.06 2.37 22.21
C ASP D 133 3.36 3.20 21.13
N HIS D 134 2.76 2.53 20.15
CA HIS D 134 2.13 3.22 19.04
C HIS D 134 0.83 2.55 18.65
N PHE D 135 -0.13 3.37 18.23
CA PHE D 135 -1.34 2.85 17.60
C PHE D 135 -1.17 2.82 16.09
N ILE D 136 -2.17 2.25 15.42
CA ILE D 136 -2.19 2.24 13.98
C ILE D 136 -2.24 3.66 13.44
N ASN D 137 -1.51 3.90 12.35
CA ASN D 137 -1.58 5.18 11.66
C ASN D 137 -2.82 5.15 10.77
N LYS D 138 -3.95 5.53 11.36
CA LYS D 138 -5.26 5.25 10.78
C LYS D 138 -5.56 6.09 9.53
N HIS D 139 -4.75 7.10 9.29
CA HIS D 139 -4.89 7.90 8.07
C HIS D 139 -4.44 7.14 6.82
N ASN D 140 -3.76 6.01 6.99
CA ASN D 140 -3.31 5.21 5.85
C ASN D 140 -4.39 4.26 5.36
N PHE D 141 -5.59 4.36 5.93
CA PHE D 141 -6.66 3.46 5.53
C PHE D 141 -7.85 4.20 4.95
N ARG D 142 -8.63 3.48 4.15
CA ARG D 142 -9.89 4.00 3.63
C ARG D 142 -11.00 3.74 4.66
N SER D 143 -10.91 2.61 5.35
CA SER D 143 -11.90 2.24 6.38
C SER D 143 -11.93 3.25 7.54
N PRO D 144 -13.13 3.57 8.02
CA PRO D 144 -13.22 4.40 9.22
C PRO D 144 -12.92 3.57 10.48
N PHE D 145 -12.17 4.16 11.40
CA PHE D 145 -11.80 3.47 12.63
C PHE D 145 -12.54 4.01 13.84
N ILE D 146 -12.85 3.11 14.76
CA ILE D 146 -13.20 3.47 16.11
C ILE D 146 -11.99 3.20 17.01
N CYS D 147 -11.78 4.07 18.01
CA CYS D 147 -10.77 3.84 19.04
C CYS D 147 -11.38 4.11 20.42
N GLY D 148 -10.85 3.47 21.44
CA GLY D 148 -11.33 3.68 22.80
C GLY D 148 -10.60 4.82 23.47
N CYS D 149 -11.14 5.30 24.59
CA CYS D 149 -10.48 6.33 25.37
C CYS D 149 -11.06 6.36 26.76
N ARG D 150 -10.33 6.98 27.69
CA ARG D 150 -10.77 7.08 29.07
C ARG D 150 -10.80 8.53 29.48
N ASP D 151 -10.23 9.40 28.65
CA ASP D 151 -10.28 10.83 28.88
C ASP D 151 -10.12 11.57 27.57
N THR D 152 -10.20 12.89 27.63
CA THR D 152 -10.26 13.73 26.44
C THR D 152 -8.93 13.72 25.67
N GLY D 153 -7.83 13.79 26.41
CA GLY D 153 -6.51 13.79 25.78
C GLY D 153 -6.36 12.57 24.92
N GLU D 154 -6.78 11.44 25.46
CA GLU D 154 -6.66 10.18 24.78
C GLU D 154 -7.54 10.17 23.53
N ALA D 155 -8.77 10.64 23.66
CA ALA D 155 -9.69 10.74 22.53
C ALA D 155 -9.08 11.56 21.41
N LEU D 156 -8.49 12.70 21.77
CA LEU D 156 -7.95 13.60 20.77
C LEU D 156 -6.71 13.02 20.09
N ARG D 157 -5.87 12.31 20.85
CA ARG D 157 -4.70 11.67 20.27
C ARG D 157 -5.13 10.62 19.26
N ARG D 158 -6.12 9.81 19.62
CA ARG D 158 -6.64 8.80 18.70
C ARG D 158 -7.17 9.46 17.43
N ILE D 159 -7.93 10.55 17.60
CA ILE D 159 -8.53 11.24 16.46
C ILE D 159 -7.45 11.79 15.52
N ARG D 160 -6.42 12.40 16.09
CA ARG D 160 -5.32 12.94 15.31
C ARG D 160 -4.62 11.84 14.51
N GLU D 161 -4.55 10.64 15.09
CA GLU D 161 -3.98 9.47 14.42
C GLU D 161 -4.92 8.97 13.31
N GLY D 162 -6.17 9.39 13.35
CA GLY D 162 -7.11 9.05 12.28
C GLY D 162 -8.40 8.37 12.70
N ALA D 163 -8.63 8.25 14.01
CA ALA D 163 -9.90 7.70 14.47
C ALA D 163 -11.08 8.56 13.99
N ALA D 164 -12.12 7.92 13.45
CA ALA D 164 -13.27 8.64 12.92
C ALA D 164 -14.42 8.55 13.90
N MET D 165 -14.21 7.75 14.94
CA MET D 165 -15.21 7.53 15.96
C MET D 165 -14.47 7.16 17.24
N ILE D 166 -15.10 7.46 18.37
CA ILE D 166 -14.50 7.25 19.67
C ILE D 166 -15.46 6.45 20.52
N ARG D 167 -14.95 5.50 21.28
CA ARG D 167 -15.79 4.92 22.31
C ARG D 167 -15.16 5.12 23.69
N ILE D 168 -15.97 5.68 24.59
CA ILE D 168 -15.54 5.95 25.94
C ILE D 168 -15.66 4.66 26.72
N GLN D 169 -14.49 4.07 26.95
CA GLN D 169 -14.37 2.74 27.49
C GLN D 169 -14.38 2.72 29.01
N GLY D 170 -15.11 1.78 29.58
CA GLY D 170 -15.08 1.56 31.01
C GLY D 170 -14.48 0.19 31.32
N ASP D 171 -15.12 -0.55 32.22
CA ASP D 171 -14.65 -1.87 32.56
C ASP D 171 -14.61 -2.74 31.32
N LEU D 172 -13.41 -3.01 30.82
CA LEU D 172 -13.23 -4.02 29.81
C LEU D 172 -13.78 -5.32 30.39
N THR D 173 -12.89 -6.25 30.71
CA THR D 173 -13.32 -7.54 31.22
C THR D 173 -14.74 -7.72 30.71
N ALA D 174 -15.63 -8.16 31.60
CA ALA D 174 -17.04 -8.34 31.29
C ALA D 174 -17.75 -8.35 32.63
N THR D 175 -17.67 -7.20 33.32
CA THR D 175 -18.05 -7.12 34.71
C THR D 175 -19.52 -6.77 34.93
N GLY D 176 -20.16 -6.22 33.92
CA GLY D 176 -21.54 -5.76 34.04
C GLY D 176 -21.66 -4.52 34.92
N ASN D 177 -20.53 -3.90 35.23
CA ASN D 177 -20.51 -2.73 36.10
C ASN D 177 -20.18 -1.49 35.30
N ILE D 178 -21.11 -0.52 35.26
CA ILE D 178 -20.91 0.69 34.46
C ILE D 178 -20.08 1.76 35.13
N ALA D 179 -19.58 1.49 36.32
CA ALA D 179 -18.90 2.53 37.10
C ALA D 179 -17.80 3.27 36.32
N GLU D 180 -16.89 2.52 35.71
CA GLU D 180 -15.72 3.12 35.05
C GLU D 180 -16.14 3.90 33.81
N THR D 181 -17.14 3.37 33.12
CA THR D 181 -17.72 4.00 31.96
C THR D 181 -18.33 5.36 32.31
N VAL D 182 -19.06 5.44 33.42
CA VAL D 182 -19.63 6.71 33.84
C VAL D 182 -18.49 7.68 34.14
N LYS D 183 -17.47 7.16 34.81
CA LYS D 183 -16.29 7.95 35.13
C LYS D 183 -15.68 8.53 33.86
N ASN D 184 -15.49 7.68 32.87
CA ASN D 184 -14.75 8.11 31.68
C ASN D 184 -15.61 9.02 30.80
N VAL D 185 -16.91 8.73 30.71
CA VAL D 185 -17.81 9.60 29.99
C VAL D 185 -17.87 10.97 30.67
N ARG D 186 -17.99 10.99 32.00
CA ARG D 186 -18.04 12.25 32.73
C ARG D 186 -16.74 13.05 32.56
N SER D 187 -15.62 12.34 32.53
CA SER D 187 -14.32 12.99 32.37
C SER D 187 -14.24 13.68 31.00
N LEU D 188 -14.66 12.98 29.96
CA LEU D 188 -14.66 13.55 28.62
C LEU D 188 -15.60 14.76 28.53
N MET D 189 -16.88 14.56 28.80
CA MET D 189 -17.86 15.64 28.72
C MET D 189 -17.42 16.82 29.57
N GLY D 190 -16.94 16.53 30.79
CA GLY D 190 -16.55 17.58 31.70
C GLY D 190 -15.41 18.43 31.18
N GLU D 191 -14.37 17.77 30.67
CA GLU D 191 -13.21 18.47 30.14
C GLU D 191 -13.59 19.29 28.90
N VAL D 192 -14.54 18.80 28.12
CA VAL D 192 -15.02 19.57 26.97
C VAL D 192 -15.75 20.84 27.42
N ARG D 193 -16.58 20.73 28.46
CA ARG D 193 -17.26 21.91 29.00
C ARG D 193 -16.26 22.92 29.54
N VAL D 194 -15.22 22.42 30.20
CA VAL D 194 -14.16 23.29 30.72
C VAL D 194 -13.50 24.01 29.55
N LEU D 195 -13.16 23.23 28.53
CA LEU D 195 -12.48 23.78 27.37
C LEU D 195 -13.33 24.84 26.69
N ASN D 196 -14.63 24.57 26.59
CA ASN D 196 -15.53 25.41 25.82
C ASN D 196 -15.51 26.87 26.27
N ASN D 197 -15.41 27.09 27.59
CA ASN D 197 -15.54 28.41 28.18
C ASN D 197 -14.19 29.01 28.58
N MET D 198 -13.12 28.35 28.18
CA MET D 198 -11.79 28.71 28.63
C MET D 198 -11.27 29.99 27.98
N ASP D 199 -10.55 30.78 28.75
CA ASP D 199 -9.80 31.89 28.18
C ASP D 199 -8.87 31.35 27.09
N ASP D 200 -8.94 31.96 25.90
CA ASP D 200 -8.22 31.46 24.73
C ASP D 200 -6.73 31.30 25.01
N ASP D 201 -6.17 32.26 25.75
CA ASP D 201 -4.74 32.28 26.03
C ASP D 201 -4.28 31.10 26.87
N GLU D 202 -5.20 30.44 27.55
CA GLU D 202 -4.87 29.36 28.48
C GLU D 202 -4.97 28.00 27.78
N VAL D 203 -5.50 27.99 26.57
CA VAL D 203 -5.71 26.73 25.85
C VAL D 203 -4.40 26.04 25.47
N PHE D 204 -3.34 26.83 25.26
CA PHE D 204 -2.04 26.25 24.91
C PHE D 204 -1.57 25.33 26.04
N THR D 205 -1.54 25.87 27.25
CA THR D 205 -1.14 25.12 28.41
C THR D 205 -2.07 23.92 28.66
N PHE D 206 -3.36 24.10 28.41
CA PHE D 206 -4.33 23.02 28.59
C PHE D 206 -4.04 21.86 27.63
N ALA D 207 -3.72 22.19 26.38
CA ALA D 207 -3.38 21.19 25.39
C ALA D 207 -2.14 20.42 25.84
N LYS D 208 -1.16 21.13 26.38
CA LYS D 208 0.03 20.50 26.92
C LYS D 208 -0.32 19.53 28.05
N LYS D 209 -1.18 19.97 28.97
CA LYS D 209 -1.49 19.19 30.15
C LYS D 209 -2.25 17.91 29.82
N ILE D 210 -3.12 17.96 28.81
CA ILE D 210 -3.84 16.75 28.44
C ILE D 210 -3.10 16.00 27.33
N SER D 211 -1.89 16.46 27.01
CA SER D 211 -1.09 15.83 25.98
C SER D 211 -1.86 15.63 24.68
N ALA D 212 -2.53 16.69 24.21
CA ALA D 212 -3.32 16.62 22.98
C ALA D 212 -2.88 17.67 21.98
N PRO D 213 -3.06 17.38 20.68
CA PRO D 213 -2.73 18.35 19.65
C PRO D 213 -3.56 19.64 19.78
N TYR D 214 -2.89 20.77 19.85
CA TYR D 214 -3.54 22.04 20.11
C TYR D 214 -4.66 22.36 19.12
N ASP D 215 -4.40 22.15 17.83
CA ASP D 215 -5.38 22.48 16.79
C ASP D 215 -6.66 21.66 16.96
N LEU D 216 -6.52 20.40 17.34
CA LEU D 216 -7.71 19.58 17.61
C LEU D 216 -8.42 20.02 18.88
N VAL D 217 -7.65 20.55 19.83
CA VAL D 217 -8.20 21.07 21.07
C VAL D 217 -8.99 22.33 20.76
N ALA D 218 -8.42 23.22 19.95
CA ALA D 218 -9.13 24.43 19.51
C ALA D 218 -10.41 24.08 18.76
N GLN D 219 -10.35 23.06 17.92
CA GLN D 219 -11.52 22.64 17.17
C GLN D 219 -12.62 22.18 18.14
N THR D 220 -12.24 21.36 19.11
CA THR D 220 -13.18 20.82 20.08
C THR D 220 -13.83 21.96 20.87
N LYS D 221 -13.05 23.01 21.12
CA LYS D 221 -13.56 24.19 21.78
C LYS D 221 -14.60 24.91 20.93
N GLN D 222 -14.29 25.10 19.65
CA GLN D 222 -15.21 25.76 18.74
C GLN D 222 -16.56 25.04 18.69
N MET D 223 -16.52 23.71 18.61
CA MET D 223 -17.75 22.94 18.45
C MET D 223 -18.43 22.63 19.79
N GLY D 224 -17.78 22.96 20.90
CA GLY D 224 -18.31 22.60 22.21
C GLY D 224 -18.68 21.12 22.21
N ARG D 225 -17.96 20.35 21.40
CA ARG D 225 -18.25 18.93 21.23
C ARG D 225 -16.97 18.24 20.75
N VAL D 226 -16.90 16.92 20.90
CA VAL D 226 -15.78 16.14 20.37
C VAL D 226 -16.03 15.88 18.88
N PRO D 227 -15.10 16.33 18.03
CA PRO D 227 -15.21 16.38 16.58
C PRO D 227 -15.71 15.11 15.90
N VAL D 228 -15.93 14.05 16.66
CA VAL D 228 -16.39 12.78 16.07
C VAL D 228 -17.46 12.14 16.93
N VAL D 229 -18.20 11.19 16.35
CA VAL D 229 -19.20 10.43 17.08
C VAL D 229 -18.58 9.78 18.33
N GLN D 230 -19.29 9.88 19.45
CA GLN D 230 -18.81 9.34 20.74
C GLN D 230 -19.79 8.34 21.35
N PHE D 231 -19.39 7.08 21.42
CA PHE D 231 -20.24 6.03 22.00
C PHE D 231 -19.74 5.59 23.37
N ALA D 232 -20.67 5.15 24.20
CA ALA D 232 -20.32 4.59 25.49
C ALA D 232 -20.12 3.09 25.34
N SER D 233 -19.22 2.54 26.14
CA SER D 233 -18.94 1.12 26.07
C SER D 233 -18.30 0.61 27.35
N GLY D 234 -18.69 -0.58 27.75
CA GLY D 234 -18.12 -1.17 28.95
C GLY D 234 -19.13 -1.28 30.07
N GLY D 235 -19.67 -2.49 30.25
CA GLY D 235 -20.51 -2.78 31.40
C GLY D 235 -21.96 -2.39 31.22
N ILE D 236 -22.34 -2.02 30.01
CA ILE D 236 -23.73 -1.70 29.76
C ILE D 236 -24.52 -2.99 29.78
N THR D 237 -25.30 -3.18 30.82
CA THR D 237 -25.98 -4.44 31.03
C THR D 237 -27.49 -4.30 30.85
N THR D 238 -28.06 -3.21 31.35
CA THR D 238 -29.50 -3.04 31.37
C THR D 238 -29.95 -1.82 30.55
N PRO D 239 -31.24 -1.79 30.20
CA PRO D 239 -31.83 -0.65 29.54
C PRO D 239 -31.53 0.64 30.28
N ALA D 240 -31.54 0.58 31.61
CA ALA D 240 -31.26 1.77 32.41
C ALA D 240 -29.82 2.24 32.20
N ASP D 241 -28.88 1.31 32.20
CA ASP D 241 -27.48 1.61 31.92
C ASP D 241 -27.36 2.36 30.60
N ALA D 242 -28.03 1.84 29.58
CA ALA D 242 -27.90 2.38 28.23
C ALA D 242 -28.46 3.78 28.13
N ALA D 243 -29.65 3.98 28.70
CA ALA D 243 -30.30 5.27 28.70
C ALA D 243 -29.48 6.29 29.50
N LEU D 244 -28.82 5.80 30.54
CA LEU D 244 -27.98 6.66 31.39
C LEU D 244 -26.84 7.23 30.56
N MET D 245 -26.18 6.37 29.78
CA MET D 245 -25.08 6.83 28.93
C MET D 245 -25.59 7.89 27.95
N MET D 246 -26.75 7.62 27.34
CA MET D 246 -27.36 8.59 26.42
C MET D 246 -27.65 9.90 27.14
N GLN D 247 -28.23 9.84 28.34
CA GLN D 247 -28.57 11.06 29.07
C GLN D 247 -27.30 11.82 29.46
N LEU D 248 -26.21 11.11 29.67
CA LEU D 248 -24.93 11.77 29.96
C LEU D 248 -24.33 12.45 28.73
N GLY D 249 -24.93 12.22 27.56
CA GLY D 249 -24.54 12.94 26.36
C GLY D 249 -23.80 12.14 25.30
N CYS D 250 -23.85 10.82 25.38
CA CYS D 250 -23.21 10.01 24.36
C CYS D 250 -24.07 9.96 23.09
N ASP D 251 -23.51 9.43 22.01
CA ASP D 251 -24.23 9.35 20.75
C ASP D 251 -24.80 7.95 20.54
N GLY D 252 -24.48 7.04 21.45
CA GLY D 252 -24.90 5.64 21.32
C GLY D 252 -24.08 4.73 22.21
N VAL D 253 -24.31 3.42 22.12
CA VAL D 253 -23.60 2.48 22.99
C VAL D 253 -23.20 1.18 22.32
N PHE D 254 -22.12 0.58 22.83
CA PHE D 254 -21.74 -0.78 22.50
C PHE D 254 -22.24 -1.69 23.61
N VAL D 255 -22.67 -2.90 23.26
CA VAL D 255 -22.98 -3.91 24.26
C VAL D 255 -22.26 -5.20 23.90
N GLY D 256 -21.63 -5.82 24.89
CA GLY D 256 -20.84 -7.03 24.67
C GLY D 256 -21.60 -8.31 24.97
N PRO D 263 -30.60 -15.37 29.90
CA PRO D 263 -31.98 -15.83 29.78
C PRO D 263 -32.53 -15.68 28.36
N ASP D 264 -32.90 -14.46 28.00
CA ASP D 264 -33.37 -14.18 26.64
C ASP D 264 -32.64 -12.96 26.07
N PRO D 265 -31.61 -13.21 25.24
CA PRO D 265 -30.81 -12.18 24.56
C PRO D 265 -31.63 -11.33 23.57
N PHE D 266 -32.59 -11.93 22.88
CA PHE D 266 -33.41 -11.19 21.94
C PHE D 266 -34.23 -10.13 22.67
N LYS D 267 -34.83 -10.52 23.79
CA LYS D 267 -35.64 -9.60 24.58
C LYS D 267 -34.79 -8.45 25.12
N LYS D 268 -33.67 -8.80 25.74
CA LYS D 268 -32.75 -7.81 26.30
C LYS D 268 -32.23 -6.90 25.18
N LEU D 269 -31.95 -7.50 24.03
CA LEU D 269 -31.41 -6.75 22.90
C LEU D 269 -32.34 -5.63 22.48
N ARG D 270 -33.62 -5.97 22.27
CA ARG D 270 -34.63 -5.00 21.87
C ARG D 270 -34.81 -3.94 22.95
N SER D 271 -34.78 -4.38 24.21
CA SER D 271 -34.96 -3.47 25.34
C SER D 271 -33.91 -2.37 25.31
N ILE D 272 -32.65 -2.75 25.10
CA ILE D 272 -31.56 -1.80 25.09
C ILE D 272 -31.65 -0.89 23.88
N VAL D 273 -32.03 -1.45 22.72
CA VAL D 273 -32.25 -0.62 21.54
C VAL D 273 -33.33 0.42 21.81
N GLN D 274 -34.46 -0.04 22.35
CA GLN D 274 -35.57 0.86 22.67
C GLN D 274 -35.13 1.91 23.70
N ALA D 275 -34.40 1.47 24.72
CA ALA D 275 -33.93 2.37 25.76
C ALA D 275 -33.07 3.48 25.16
N VAL D 276 -32.20 3.11 24.22
CA VAL D 276 -31.33 4.09 23.57
C VAL D 276 -32.14 5.02 22.69
N GLN D 277 -33.15 4.45 22.01
CA GLN D 277 -34.02 5.24 21.15
C GLN D 277 -34.93 6.16 21.97
N HIS D 278 -35.35 5.69 23.14
CA HIS D 278 -36.27 6.48 23.97
C HIS D 278 -35.70 6.78 25.36
N TYR D 279 -34.43 7.19 25.40
CA TYR D 279 -33.71 7.34 26.67
C TYR D 279 -34.29 8.38 27.63
N ASN D 280 -35.12 9.29 27.13
CA ASN D 280 -35.71 10.31 27.99
C ASN D 280 -37.12 9.96 28.46
N ASP D 281 -37.57 8.74 28.15
CA ASP D 281 -38.94 8.33 28.46
C ASP D 281 -38.98 7.23 29.52
N PRO D 282 -39.20 7.62 30.78
CA PRO D 282 -39.23 6.71 31.93
C PRO D 282 -40.26 5.61 31.78
N HIS D 283 -41.46 5.96 31.31
CA HIS D 283 -42.52 4.99 31.15
C HIS D 283 -42.05 3.86 30.22
N VAL D 284 -41.41 4.25 29.12
CA VAL D 284 -40.88 3.27 28.18
C VAL D 284 -39.76 2.45 28.82
N LEU D 285 -38.83 3.13 29.46
CA LEU D 285 -37.71 2.46 30.13
C LEU D 285 -38.23 1.42 31.12
N ALA D 286 -39.30 1.77 31.84
CA ALA D 286 -39.90 0.87 32.80
C ALA D 286 -40.40 -0.39 32.10
N GLU D 287 -41.19 -0.19 31.05
CA GLU D 287 -41.72 -1.30 30.26
C GLU D 287 -40.59 -2.21 29.76
N MET D 288 -39.54 -1.60 29.21
CA MET D 288 -38.41 -2.37 28.68
C MET D 288 -37.71 -3.19 29.75
N SER D 289 -37.61 -2.62 30.95
CA SER D 289 -36.87 -3.28 32.03
C SER D 289 -37.70 -4.35 32.73
N SER D 290 -38.98 -4.43 32.38
CA SER D 290 -39.92 -5.28 33.12
C SER D 290 -39.80 -6.74 32.69
N GLY D 291 -39.57 -7.62 33.67
CA GLY D 291 -39.42 -9.04 33.42
C GLY D 291 -38.36 -9.32 32.37
N LEU D 292 -37.24 -8.61 32.46
CA LEU D 292 -36.17 -8.73 31.49
C LEU D 292 -35.34 -9.99 31.71
N GLU D 293 -35.35 -10.49 32.94
CA GLU D 293 -34.64 -11.72 33.27
C GLU D 293 -33.21 -11.42 33.73
N ASN D 294 -32.53 -12.44 34.24
CA ASN D 294 -31.17 -12.28 34.77
C ASN D 294 -30.25 -11.58 33.76
N ALA D 295 -29.41 -10.67 34.26
CA ALA D 295 -28.52 -9.90 33.41
C ALA D 295 -27.08 -10.41 33.50
N SER E 1 37.17 -12.08 4.64
CA SER E 1 37.32 -12.76 5.97
C SER E 1 36.30 -13.90 6.09
N PRO E 2 36.64 -14.92 6.89
CA PRO E 2 35.71 -16.02 7.13
C PRO E 2 34.42 -15.53 7.79
N PHE E 3 34.44 -14.32 8.34
CA PHE E 3 33.24 -13.74 8.93
C PHE E 3 32.37 -13.15 7.84
N SER E 4 33.00 -12.53 6.85
CA SER E 4 32.29 -12.00 5.69
C SER E 4 31.57 -13.15 4.99
N VAL E 5 32.19 -14.31 4.99
CA VAL E 5 31.63 -15.47 4.32
C VAL E 5 30.42 -16.04 5.04
N LYS E 6 30.47 -16.03 6.38
CA LYS E 6 29.35 -16.57 7.15
C LYS E 6 28.17 -15.62 7.06
N VAL E 7 28.48 -14.32 7.06
CA VAL E 7 27.46 -13.30 6.90
C VAL E 7 26.79 -13.45 5.54
N GLY E 8 27.61 -13.65 4.50
CA GLY E 8 27.09 -13.90 3.16
C GLY E 8 26.19 -15.11 3.12
N LEU E 9 26.63 -16.19 3.76
CA LEU E 9 25.85 -17.43 3.77
C LEU E 9 24.41 -17.19 4.24
N ALA E 10 24.25 -16.35 5.25
CA ALA E 10 22.94 -16.11 5.84
C ALA E 10 22.02 -15.28 4.93
N GLN E 11 22.61 -14.57 3.97
CA GLN E 11 21.84 -13.76 3.04
C GLN E 11 20.76 -14.58 2.35
N MET E 12 20.98 -15.88 2.22
CA MET E 12 20.08 -16.74 1.46
C MET E 12 18.77 -16.97 2.19
N LEU E 13 18.73 -16.60 3.46
CA LEU E 13 17.55 -16.85 4.27
C LEU E 13 16.54 -15.71 4.15
N ARG E 14 16.99 -14.55 3.67
CA ARG E 14 16.12 -13.41 3.44
C ARG E 14 14.81 -13.81 2.78
N GLY E 15 13.70 -13.32 3.33
CA GLY E 15 12.38 -13.64 2.81
C GLY E 15 11.95 -15.02 3.25
N GLY E 16 12.58 -15.53 4.30
CA GLY E 16 12.32 -16.90 4.72
C GLY E 16 11.60 -17.06 6.05
N VAL E 17 11.03 -18.24 6.25
CA VAL E 17 10.40 -18.59 7.51
C VAL E 17 11.08 -19.84 8.08
N ILE E 18 11.74 -19.67 9.22
CA ILE E 18 12.40 -20.79 9.90
C ILE E 18 11.44 -21.42 10.89
N MET E 19 11.37 -22.74 10.90
CA MET E 19 10.36 -23.44 11.68
C MET E 19 10.99 -24.41 12.66
N ASP E 20 10.51 -24.39 13.91
CA ASP E 20 10.94 -25.37 14.91
C ASP E 20 10.32 -26.71 14.60
N VAL E 21 11.10 -27.78 14.73
CA VAL E 21 10.60 -29.13 14.54
C VAL E 21 11.19 -30.07 15.58
N VAL E 22 10.40 -31.03 16.04
CA VAL E 22 10.83 -31.96 17.07
C VAL E 22 11.02 -33.37 16.55
N ASN E 23 10.79 -33.56 15.25
CA ASN E 23 11.00 -34.87 14.62
C ASN E 23 11.11 -34.74 13.12
N ALA E 24 11.11 -35.87 12.43
CA ALA E 24 11.21 -35.89 10.97
C ALA E 24 9.93 -35.38 10.31
N GLU E 25 8.83 -36.12 10.49
CA GLU E 25 7.55 -35.74 9.90
C GLU E 25 7.40 -34.23 9.82
N GLN E 26 7.58 -33.56 10.95
CA GLN E 26 7.43 -32.11 11.04
C GLN E 26 8.39 -31.37 10.10
N ALA E 27 9.65 -31.77 10.11
CA ALA E 27 10.66 -31.16 9.24
C ALA E 27 10.26 -31.29 7.78
N ARG E 28 9.59 -32.39 7.45
CA ARG E 28 9.11 -32.62 6.09
C ARG E 28 7.95 -31.69 5.78
N ILE E 29 7.03 -31.57 6.74
CA ILE E 29 5.90 -30.66 6.61
C ILE E 29 6.40 -29.22 6.51
N ALA E 30 7.41 -28.88 7.30
CA ALA E 30 7.98 -27.55 7.29
C ALA E 30 8.61 -27.22 5.94
N GLU E 31 9.30 -28.19 5.34
CA GLU E 31 9.90 -27.97 4.02
C GLU E 31 8.82 -27.99 2.95
N GLU E 32 7.83 -28.86 3.13
CA GLU E 32 6.73 -28.99 2.18
C GLU E 32 5.93 -27.69 2.08
N ALA E 33 5.85 -26.96 3.18
CA ALA E 33 5.13 -25.70 3.22
C ALA E 33 6.01 -24.53 2.80
N GLY E 34 7.28 -24.81 2.53
CA GLY E 34 8.18 -23.80 1.96
C GLY E 34 9.05 -23.07 2.96
N ALA E 35 9.26 -23.65 4.13
CA ALA E 35 10.17 -23.08 5.11
C ALA E 35 11.58 -23.00 4.53
N CYS E 36 12.27 -21.89 4.76
CA CYS E 36 13.63 -21.72 4.22
C CYS E 36 14.64 -22.53 5.02
N ALA E 37 14.24 -22.99 6.19
CA ALA E 37 15.12 -23.78 7.05
C ALA E 37 14.35 -24.28 8.25
N VAL E 38 14.84 -25.36 8.86
CA VAL E 38 14.22 -25.87 10.07
C VAL E 38 15.18 -25.76 11.26
N MET E 39 14.61 -25.72 12.44
CA MET E 39 15.37 -25.62 13.68
C MET E 39 15.03 -26.82 14.54
N ALA E 40 15.99 -27.73 14.69
CA ALA E 40 15.77 -28.98 15.41
C ALA E 40 15.85 -28.78 16.92
N LEU E 41 14.83 -29.25 17.62
CA LEU E 41 14.86 -29.34 19.08
C LEU E 41 13.89 -30.40 19.59
N GLU E 42 14.25 -31.03 20.71
CA GLU E 42 13.41 -32.05 21.31
C GLU E 42 12.26 -31.41 22.07
N ILE E 48 8.64 -26.07 26.95
CA ILE E 48 9.70 -25.48 27.75
C ILE E 48 9.13 -24.59 28.84
N ARG E 49 8.34 -23.60 28.42
CA ARG E 49 7.71 -22.67 29.36
C ARG E 49 6.74 -23.41 30.28
N ALA E 50 5.84 -24.19 29.68
CA ALA E 50 4.76 -24.84 30.43
C ALA E 50 5.25 -26.06 31.21
N GLN E 51 6.45 -26.54 30.90
CA GLN E 51 6.98 -27.76 31.53
C GLN E 51 7.98 -27.44 32.63
N GLY E 52 9.06 -26.76 32.26
CA GLY E 52 10.12 -26.43 33.22
C GLY E 52 11.38 -27.23 32.92
N GLY E 53 11.92 -27.86 33.96
CA GLY E 53 13.15 -28.63 33.83
C GLY E 53 14.25 -27.79 33.21
N VAL E 54 15.36 -28.43 32.85
CA VAL E 54 16.45 -27.73 32.18
C VAL E 54 16.42 -28.07 30.70
N ALA E 55 16.45 -27.04 29.86
CA ALA E 55 16.43 -27.23 28.41
C ALA E 55 17.83 -27.09 27.85
N ARG E 56 18.33 -28.15 27.23
CA ARG E 56 19.69 -28.18 26.72
C ARG E 56 19.73 -28.42 25.22
N MET E 57 20.93 -28.52 24.68
CA MET E 57 21.12 -28.96 23.32
C MET E 57 20.30 -30.23 23.13
N SER E 58 19.83 -30.47 21.92
CA SER E 58 19.06 -31.67 21.64
C SER E 58 20.02 -32.80 21.28
N ASP E 59 19.55 -34.04 21.44
CA ASP E 59 20.36 -35.22 21.16
C ASP E 59 20.74 -35.28 19.68
N PRO E 60 22.03 -35.48 19.40
CA PRO E 60 22.50 -35.55 18.01
C PRO E 60 21.68 -36.52 17.15
N GLN E 61 21.39 -37.70 17.68
CA GLN E 61 20.59 -38.68 16.95
C GLN E 61 19.40 -38.00 16.25
N MET E 62 18.60 -37.27 17.01
CA MET E 62 17.40 -36.63 16.48
C MET E 62 17.74 -35.43 15.60
N ILE E 63 18.97 -34.94 15.71
CA ILE E 63 19.44 -33.89 14.81
C ILE E 63 19.87 -34.50 13.48
N LYS E 64 20.54 -35.65 13.56
CA LYS E 64 21.01 -36.35 12.38
C LYS E 64 19.82 -36.82 11.54
N GLU E 65 18.80 -37.32 12.21
CA GLU E 65 17.61 -37.80 11.53
C GLU E 65 16.91 -36.68 10.76
N ILE E 66 16.82 -35.51 11.37
CA ILE E 66 16.19 -34.36 10.72
C ILE E 66 17.01 -33.86 9.53
N LYS E 67 18.33 -33.79 9.69
CA LYS E 67 19.20 -33.35 8.61
C LYS E 67 19.13 -34.29 7.41
N GLN E 68 18.71 -35.53 7.65
CA GLN E 68 18.59 -36.52 6.59
C GLN E 68 17.21 -36.45 5.92
N ALA E 69 16.24 -35.92 6.65
CA ALA E 69 14.86 -35.89 6.18
C ALA E 69 14.59 -34.73 5.22
N VAL E 70 15.38 -33.68 5.31
CA VAL E 70 15.14 -32.48 4.51
C VAL E 70 16.37 -32.05 3.73
N THR E 71 16.18 -31.17 2.76
CA THR E 71 17.27 -30.70 1.93
C THR E 71 17.54 -29.22 2.20
N ILE E 72 16.61 -28.56 2.88
CA ILE E 72 16.83 -27.18 3.32
C ILE E 72 17.75 -27.16 4.53
N PRO E 73 18.43 -26.03 4.77
CA PRO E 73 19.35 -25.91 5.90
C PRO E 73 18.74 -26.36 7.22
N VAL E 74 19.56 -26.93 8.08
CA VAL E 74 19.11 -27.40 9.39
C VAL E 74 19.85 -26.69 10.52
N MET E 75 19.09 -26.11 11.43
CA MET E 75 19.65 -25.37 12.57
C MET E 75 19.50 -26.17 13.85
N ALA E 76 20.22 -25.76 14.89
CA ALA E 76 20.09 -26.36 16.22
C ALA E 76 20.51 -25.39 17.30
N LYS E 77 19.88 -25.50 18.47
CA LYS E 77 20.13 -24.58 19.58
C LYS E 77 21.23 -25.10 20.50
N ALA E 78 22.13 -24.20 20.87
CA ALA E 78 23.13 -24.47 21.88
C ALA E 78 22.93 -23.48 23.01
N ARG E 79 22.94 -23.96 24.25
CA ARG E 79 22.74 -23.09 25.40
C ARG E 79 23.71 -21.92 25.36
N ILE E 80 23.25 -20.75 25.82
CA ILE E 80 24.10 -19.57 25.85
C ILE E 80 25.37 -19.85 26.64
N GLY E 81 26.51 -19.64 26.00
CA GLY E 81 27.80 -19.78 26.65
C GLY E 81 28.35 -21.19 26.60
N HIS E 82 27.51 -22.15 26.22
CA HIS E 82 27.94 -23.53 26.20
C HIS E 82 28.68 -23.83 24.90
N PHE E 83 29.95 -23.42 24.85
CA PHE E 83 30.73 -23.58 23.64
C PHE E 83 30.99 -25.04 23.28
N VAL E 84 30.82 -25.95 24.23
CA VAL E 84 31.04 -27.35 23.93
C VAL E 84 29.82 -27.94 23.24
N GLU E 85 28.64 -27.49 23.64
CA GLU E 85 27.43 -27.90 22.93
C GLU E 85 27.57 -27.45 21.47
N ALA E 86 28.15 -26.27 21.27
CA ALA E 86 28.36 -25.73 19.93
C ALA E 86 29.33 -26.59 19.15
N GLN E 87 30.47 -26.93 19.76
CA GLN E 87 31.47 -27.78 19.12
C GLN E 87 30.84 -29.08 18.64
N ILE E 88 29.95 -29.63 19.45
CA ILE E 88 29.27 -30.88 19.11
C ILE E 88 28.34 -30.70 17.92
N LEU E 89 27.68 -29.54 17.85
CA LEU E 89 26.77 -29.28 16.74
C LEU E 89 27.56 -29.05 15.46
N GLU E 90 28.66 -28.32 15.56
CA GLU E 90 29.52 -28.11 14.41
C GLU E 90 30.00 -29.45 13.88
N ALA E 91 30.45 -30.32 14.78
CA ALA E 91 30.95 -31.64 14.41
C ALA E 91 29.88 -32.46 13.70
N ILE E 92 28.63 -32.33 14.15
CA ILE E 92 27.52 -33.07 13.56
C ILE E 92 27.20 -32.57 12.15
N GLY E 93 27.73 -31.41 11.80
CA GLY E 93 27.51 -30.86 10.46
C GLY E 93 26.15 -30.18 10.27
N ILE E 94 25.73 -29.39 11.24
CA ILE E 94 24.55 -28.54 11.07
C ILE E 94 24.93 -27.32 10.25
N ASP E 95 23.95 -26.65 9.67
CA ASP E 95 24.21 -25.48 8.85
C ASP E 95 24.40 -24.23 9.71
N TYR E 96 23.52 -24.04 10.69
CA TYR E 96 23.60 -22.88 11.57
C TYR E 96 23.41 -23.31 13.03
N ILE E 97 24.10 -22.62 13.93
CA ILE E 97 23.91 -22.83 15.36
C ILE E 97 23.22 -21.63 15.96
N ASP E 98 22.15 -21.88 16.70
CA ASP E 98 21.44 -20.81 17.40
C ASP E 98 21.82 -20.85 18.88
N GLU E 99 22.72 -19.95 19.28
CA GLU E 99 23.03 -19.78 20.68
C GLU E 99 21.84 -19.10 21.31
N SER E 100 20.92 -19.93 21.82
CA SER E 100 19.54 -19.53 22.03
C SER E 100 19.16 -19.32 23.49
N GLU E 101 18.64 -18.14 23.79
CA GLU E 101 18.20 -17.84 25.15
C GLU E 101 16.84 -18.45 25.49
N VAL E 102 16.27 -19.31 24.63
CA VAL E 102 15.06 -20.02 25.01
C VAL E 102 15.44 -21.31 25.72
N LEU E 103 16.69 -21.71 25.55
CA LEU E 103 17.25 -22.82 26.30
C LEU E 103 17.74 -22.27 27.65
N THR E 104 18.15 -23.16 28.55
CA THR E 104 18.63 -22.74 29.87
C THR E 104 20.04 -22.16 29.79
N LEU E 105 20.15 -20.87 30.06
CA LEU E 105 21.43 -20.18 30.14
C LEU E 105 22.46 -21.08 30.83
N ALA E 106 23.65 -21.20 30.25
CA ALA E 106 24.71 -22.02 30.84
C ALA E 106 25.83 -21.15 31.40
N ASP E 107 25.93 -19.93 30.88
CA ASP E 107 26.90 -18.97 31.38
C ASP E 107 26.26 -17.60 31.44
N GLU E 108 26.15 -17.06 32.65
CA GLU E 108 25.41 -15.83 32.89
C GLU E 108 26.22 -14.58 32.53
N ASP E 109 27.53 -14.73 32.32
CA ASP E 109 28.39 -13.55 32.11
C ASP E 109 29.05 -13.49 30.74
N HIS E 110 29.05 -14.60 30.01
CA HIS E 110 29.74 -14.65 28.73
C HIS E 110 29.00 -15.50 27.70
N HIS E 111 28.93 -15.00 26.48
CA HIS E 111 28.40 -15.79 25.38
C HIS E 111 29.52 -16.59 24.74
N ILE E 112 29.15 -17.58 23.95
CA ILE E 112 30.12 -18.37 23.22
C ILE E 112 30.94 -17.47 22.31
N ASN E 113 32.24 -17.73 22.23
CA ASN E 113 33.07 -17.05 21.27
C ASN E 113 32.81 -17.71 19.92
N LYS E 114 32.03 -17.05 19.09
CA LYS E 114 31.50 -17.67 17.88
C LYS E 114 32.50 -17.61 16.72
N HIS E 115 33.47 -16.72 16.79
CA HIS E 115 34.54 -16.68 15.81
C HIS E 115 35.28 -18.02 15.76
N ASN E 116 35.50 -18.63 16.93
CA ASN E 116 36.25 -19.88 17.01
C ASN E 116 35.57 -21.01 16.23
N PHE E 117 34.52 -20.70 15.50
CA PHE E 117 33.79 -21.73 14.75
C PHE E 117 33.74 -21.41 13.26
N ARG E 118 33.62 -22.45 12.44
CA ARG E 118 33.50 -22.28 11.00
C ARG E 118 32.03 -22.23 10.61
N ILE E 119 31.17 -22.71 11.51
CA ILE E 119 29.74 -22.73 11.27
C ILE E 119 29.09 -21.43 11.75
N PRO E 120 28.16 -20.89 10.97
CA PRO E 120 27.56 -19.59 11.27
C PRO E 120 26.62 -19.63 12.47
N PHE E 121 26.60 -18.55 13.25
CA PHE E 121 25.77 -18.47 14.45
C PHE E 121 24.64 -17.47 14.31
N VAL E 122 23.49 -17.85 14.86
CA VAL E 122 22.40 -16.92 15.10
C VAL E 122 22.34 -16.59 16.59
N CYS E 123 22.20 -15.31 16.91
CA CYS E 123 22.04 -14.88 18.30
C CYS E 123 20.78 -14.03 18.47
N GLY E 124 20.15 -14.13 19.63
CA GLY E 124 18.98 -13.31 19.93
C GLY E 124 19.43 -11.93 20.37
N CYS E 125 18.49 -10.98 20.34
CA CYS E 125 18.75 -9.65 20.87
C CYS E 125 17.41 -9.02 21.23
N ARG E 126 17.47 -7.94 22.01
CA ARG E 126 16.27 -7.21 22.41
C ARG E 126 16.39 -5.75 21.97
N ASN E 127 17.62 -5.30 21.76
CA ASN E 127 17.87 -3.94 21.33
C ASN E 127 19.15 -3.88 20.47
N LEU E 128 19.51 -2.68 20.03
CA LEU E 128 20.61 -2.50 19.09
C LEU E 128 21.96 -2.87 19.71
N GLY E 129 22.20 -2.41 20.93
CA GLY E 129 23.48 -2.64 21.60
C GLY E 129 23.74 -4.12 21.77
N GLU E 130 22.72 -4.85 22.20
CA GLU E 130 22.82 -6.28 22.41
C GLU E 130 23.11 -7.01 21.10
N ALA E 131 22.58 -6.47 20.00
CA ALA E 131 22.77 -7.06 18.69
C ALA E 131 24.20 -6.86 18.22
N LEU E 132 24.70 -5.65 18.41
CA LEU E 132 26.03 -5.29 17.97
C LEU E 132 27.09 -6.03 18.81
N ARG E 133 26.76 -6.30 20.07
CA ARG E 133 27.66 -7.07 20.92
C ARG E 133 27.71 -8.52 20.47
N ARG E 134 26.55 -9.09 20.14
CA ARG E 134 26.50 -10.48 19.66
C ARG E 134 27.27 -10.61 18.34
N ILE E 135 27.17 -9.60 17.49
CA ILE E 135 27.83 -9.63 16.20
C ILE E 135 29.34 -9.58 16.38
N ARG E 136 29.81 -8.73 17.26
CA ARG E 136 31.24 -8.61 17.50
C ARG E 136 31.79 -9.93 18.03
N GLU E 137 30.95 -10.66 18.75
CA GLU E 137 31.33 -11.95 19.28
C GLU E 137 31.39 -13.00 18.17
N GLY E 138 30.87 -12.64 17.00
CA GLY E 138 30.94 -13.50 15.83
C GLY E 138 29.60 -13.95 15.27
N ALA E 139 28.49 -13.51 15.88
CA ALA E 139 27.18 -13.85 15.36
C ALA E 139 27.05 -13.38 13.91
N ALA E 140 26.61 -14.27 13.03
CA ALA E 140 26.49 -13.91 11.62
C ALA E 140 25.05 -13.56 11.26
N MET E 141 24.14 -13.79 12.20
CA MET E 141 22.73 -13.54 11.98
C MET E 141 22.07 -13.19 13.31
N ILE E 142 21.14 -12.25 13.27
CA ILE E 142 20.50 -11.77 14.48
C ILE E 142 19.00 -12.02 14.42
N ARG E 143 18.43 -12.43 15.54
CA ARG E 143 16.98 -12.46 15.66
C ARG E 143 16.55 -11.69 16.89
N THR E 144 15.74 -10.66 16.67
CA THR E 144 15.25 -9.87 17.77
C THR E 144 14.11 -10.65 18.38
N LYS E 145 14.37 -11.18 19.57
CA LYS E 145 13.40 -12.03 20.27
C LYS E 145 12.49 -11.21 21.18
N GLY E 146 11.19 -11.41 21.02
CA GLY E 146 10.23 -10.86 21.97
C GLY E 146 10.09 -11.80 23.14
N GLU E 147 8.94 -12.46 23.27
CA GLU E 147 8.75 -13.43 24.34
C GLU E 147 8.40 -14.80 23.75
N ALA E 148 8.82 -15.85 24.45
CA ALA E 148 8.80 -17.20 23.89
C ALA E 148 7.68 -18.05 24.46
N GLY E 149 6.93 -18.67 23.54
CA GLY E 149 5.90 -19.65 23.92
C GLY E 149 4.62 -19.07 24.46
N THR E 150 4.34 -17.80 24.15
CA THR E 150 3.12 -17.15 24.62
C THR E 150 2.11 -16.97 23.50
N GLY E 151 2.59 -16.86 22.26
CA GLY E 151 1.73 -16.55 21.13
C GLY E 151 1.39 -15.07 21.08
N ASN E 152 2.04 -14.29 21.93
CA ASN E 152 1.83 -12.85 21.94
C ASN E 152 3.04 -12.16 21.30
N ILE E 153 2.76 -11.28 20.34
CA ILE E 153 3.78 -10.69 19.49
C ILE E 153 4.25 -9.35 20.03
N ILE E 154 3.61 -8.86 21.09
CA ILE E 154 3.85 -7.51 21.59
C ILE E 154 5.33 -7.20 21.87
N GLU E 155 6.07 -8.18 22.38
CA GLU E 155 7.45 -7.94 22.76
C GLU E 155 8.39 -7.95 21.55
N ALA E 156 8.08 -8.80 20.57
CA ALA E 156 8.83 -8.79 19.33
C ALA E 156 8.70 -7.43 18.67
N VAL E 157 7.49 -6.87 18.69
CA VAL E 157 7.25 -5.58 18.09
C VAL E 157 8.08 -4.50 18.80
N ARG E 158 8.12 -4.59 20.13
CA ARG E 158 8.90 -3.63 20.91
C ARG E 158 10.37 -3.67 20.50
N HIS E 159 10.90 -4.87 20.36
CA HIS E 159 12.33 -5.03 20.08
C HIS E 159 12.65 -4.63 18.64
N VAL E 160 11.86 -5.11 17.68
CA VAL E 160 12.03 -4.70 16.30
C VAL E 160 12.05 -3.18 16.18
N ARG E 161 11.05 -2.52 16.77
CA ARG E 161 10.98 -1.07 16.71
C ARG E 161 12.17 -0.44 17.43
N SER E 162 12.61 -1.08 18.50
CA SER E 162 13.74 -0.56 19.26
C SER E 162 14.99 -0.51 18.40
N VAL E 163 15.38 -1.69 17.89
CA VAL E 163 16.56 -1.79 17.04
C VAL E 163 16.46 -0.87 15.81
N ASN E 164 15.41 -1.02 15.02
CA ASN E 164 15.23 -0.20 13.82
C ASN E 164 15.17 1.28 14.15
N GLY E 165 14.55 1.61 15.27
CA GLY E 165 14.46 3.00 15.70
C GLY E 165 15.82 3.63 15.93
N ASP E 166 16.65 2.96 16.71
CA ASP E 166 17.98 3.50 17.02
C ASP E 166 18.86 3.52 15.77
N ILE E 167 18.65 2.56 14.86
CA ILE E 167 19.39 2.55 13.62
C ILE E 167 19.10 3.81 12.80
N ARG E 168 17.83 4.23 12.78
CA ARG E 168 17.46 5.47 12.10
C ARG E 168 18.01 6.69 12.82
N VAL E 169 17.97 6.66 14.15
CA VAL E 169 18.59 7.71 14.94
C VAL E 169 20.07 7.79 14.60
N LEU E 170 20.73 6.64 14.58
CA LEU E 170 22.16 6.57 14.33
C LEU E 170 22.49 7.05 12.91
N ARG E 171 21.64 6.69 11.95
CA ARG E 171 21.90 7.04 10.55
C ARG E 171 22.11 8.54 10.34
N ASN E 172 21.30 9.35 11.00
CA ASN E 172 21.31 10.79 10.77
C ASN E 172 22.04 11.57 11.86
N MET E 173 22.71 10.84 12.75
CA MET E 173 23.34 11.46 13.89
C MET E 173 24.62 12.22 13.53
N ASP E 174 24.79 13.38 14.15
CA ASP E 174 26.03 14.12 14.05
C ASP E 174 27.21 13.19 14.34
N ASP E 175 28.20 13.19 13.46
CA ASP E 175 29.35 12.27 13.58
C ASP E 175 30.04 12.39 14.92
N ASP E 176 30.15 13.62 15.42
CA ASP E 176 30.86 13.87 16.65
C ASP E 176 30.12 13.33 17.87
N GLU E 177 28.87 12.91 17.70
CA GLU E 177 28.07 12.44 18.82
C GLU E 177 28.00 10.92 18.88
N VAL E 178 28.49 10.25 17.84
CA VAL E 178 28.41 8.79 17.78
C VAL E 178 29.24 8.08 18.87
N PHE E 179 30.39 8.63 19.21
CA PHE E 179 31.22 8.02 20.26
C PHE E 179 30.34 7.82 21.49
N THR E 180 29.76 8.91 21.97
CA THR E 180 28.90 8.87 23.15
C THR E 180 27.75 7.90 22.96
N PHE E 181 27.21 7.82 21.75
CA PHE E 181 26.13 6.90 21.46
C PHE E 181 26.59 5.45 21.64
N ALA E 182 27.82 5.17 21.21
CA ALA E 182 28.36 3.83 21.34
C ALA E 182 28.52 3.48 22.81
N LYS E 183 29.00 4.43 23.59
CA LYS E 183 29.11 4.24 25.03
C LYS E 183 27.75 3.90 25.63
N LYS E 184 26.76 4.77 25.40
CA LYS E 184 25.42 4.56 25.94
C LYS E 184 24.84 3.22 25.49
N LEU E 185 25.19 2.80 24.27
CA LEU E 185 24.73 1.53 23.75
C LEU E 185 25.56 0.38 24.34
N ALA E 186 26.74 0.72 24.83
CA ALA E 186 27.69 -0.29 25.27
C ALA E 186 27.96 -1.25 24.12
N ALA E 187 28.30 -0.68 22.97
CA ALA E 187 28.57 -1.47 21.78
C ALA E 187 29.78 -0.91 21.06
N PRO E 188 30.56 -1.81 20.43
CA PRO E 188 31.82 -1.43 19.80
C PRO E 188 31.63 -0.30 18.79
N TYR E 189 32.40 0.77 18.95
CA TYR E 189 32.27 1.97 18.13
C TYR E 189 32.40 1.67 16.64
N ASP E 190 33.37 0.82 16.27
CA ASP E 190 33.58 0.48 14.87
C ASP E 190 32.30 -0.11 14.27
N LEU E 191 31.71 -1.09 14.93
CA LEU E 191 30.47 -1.69 14.46
C LEU E 191 29.31 -0.70 14.42
N VAL E 192 29.33 0.31 15.27
CA VAL E 192 28.28 1.31 15.30
C VAL E 192 28.38 2.18 14.06
N MET E 193 29.60 2.66 13.77
CA MET E 193 29.83 3.46 12.58
C MET E 193 29.52 2.65 11.32
N GLN E 194 29.87 1.37 11.34
CA GLN E 194 29.55 0.51 10.21
C GLN E 194 28.03 0.41 10.03
N THR E 195 27.30 0.41 11.14
CA THR E 195 25.85 0.37 11.07
C THR E 195 25.30 1.70 10.60
N LYS E 196 25.96 2.78 10.99
CA LYS E 196 25.56 4.12 10.56
C LYS E 196 25.70 4.24 9.04
N GLN E 197 26.90 3.99 8.53
CA GLN E 197 27.17 4.10 7.10
C GLN E 197 26.24 3.21 6.28
N LEU E 198 25.93 2.04 6.83
CA LEU E 198 25.19 1.03 6.09
C LEU E 198 23.68 1.25 6.17
N GLY E 199 23.23 1.98 7.19
CA GLY E 199 21.82 2.28 7.36
C GLY E 199 20.99 1.10 7.86
N ARG E 200 21.66 0.03 8.28
CA ARG E 200 20.98 -1.13 8.83
C ARG E 200 21.94 -2.08 9.53
N LEU E 201 21.41 -3.12 10.17
CA LEU E 201 22.25 -4.15 10.77
C LEU E 201 23.14 -4.77 9.71
N PRO E 202 24.46 -4.81 9.98
CA PRO E 202 25.40 -5.37 9.03
C PRO E 202 25.24 -6.87 8.83
N VAL E 203 24.19 -7.46 9.41
CA VAL E 203 23.89 -8.87 9.18
C VAL E 203 22.39 -9.06 9.02
N VAL E 204 22.00 -10.25 8.58
CA VAL E 204 20.60 -10.61 8.44
C VAL E 204 19.87 -10.52 9.79
N GLN E 205 18.64 -10.03 9.76
CA GLN E 205 17.90 -9.71 10.97
C GLN E 205 16.46 -10.24 10.90
N PHE E 206 16.18 -11.28 11.67
CA PHE E 206 14.88 -11.91 11.69
C PHE E 206 14.08 -11.51 12.93
N ALA E 207 12.77 -11.71 12.88
CA ALA E 207 11.91 -11.51 14.02
C ALA E 207 11.56 -12.86 14.62
N ALA E 208 11.38 -12.89 15.93
CA ALA E 208 11.11 -14.13 16.62
C ALA E 208 10.41 -13.89 17.95
N GLY E 209 9.42 -14.73 18.24
CA GLY E 209 8.73 -14.66 19.51
C GLY E 209 7.27 -14.28 19.37
N GLY E 210 6.40 -15.28 19.46
CA GLY E 210 4.97 -15.02 19.52
C GLY E 210 4.31 -14.86 18.18
N VAL E 211 5.07 -15.06 17.10
CA VAL E 211 4.51 -15.00 15.76
C VAL E 211 3.54 -16.15 15.57
N ALA E 212 2.25 -15.86 15.62
CA ALA E 212 1.24 -16.92 15.62
C ALA E 212 0.42 -16.96 14.33
N THR E 213 0.22 -15.81 13.70
CA THR E 213 -0.64 -15.74 12.51
C THR E 213 0.06 -15.11 11.32
N PRO E 214 -0.50 -15.33 10.12
CA PRO E 214 0.00 -14.68 8.92
C PRO E 214 0.12 -13.17 9.09
N ALA E 215 -0.83 -12.55 9.77
CA ALA E 215 -0.78 -11.10 9.98
C ALA E 215 0.43 -10.71 10.84
N ASP E 216 0.74 -11.55 11.82
CA ASP E 216 1.91 -11.32 12.66
C ASP E 216 3.19 -11.33 11.82
N ALA E 217 3.33 -12.38 11.03
CA ALA E 217 4.54 -12.56 10.22
C ALA E 217 4.73 -11.41 9.26
N ALA E 218 3.65 -11.05 8.57
CA ALA E 218 3.69 -9.95 7.61
C ALA E 218 4.00 -8.63 8.31
N LEU E 219 3.49 -8.47 9.52
CA LEU E 219 3.73 -7.25 10.29
C LEU E 219 5.22 -7.07 10.54
N MET E 220 5.89 -8.15 10.95
CA MET E 220 7.32 -8.11 11.18
C MET E 220 8.05 -7.68 9.91
N MET E 221 7.64 -8.23 8.78
CA MET E 221 8.28 -7.88 7.51
C MET E 221 8.07 -6.40 7.19
N GLN E 222 6.87 -5.88 7.45
CA GLN E 222 6.60 -4.47 7.17
C GLN E 222 7.37 -3.55 8.12
N LEU E 223 7.71 -4.06 9.30
CA LEU E 223 8.50 -3.28 10.24
C LEU E 223 9.98 -3.30 9.83
N GLY E 224 10.32 -4.14 8.86
CA GLY E 224 11.67 -4.13 8.29
C GLY E 224 12.55 -5.34 8.58
N CYS E 225 11.95 -6.46 8.94
CA CYS E 225 12.73 -7.67 9.18
C CYS E 225 12.96 -8.43 7.88
N ASP E 226 14.00 -9.27 7.86
CA ASP E 226 14.34 -10.03 6.67
C ASP E 226 13.65 -11.40 6.67
N GLY E 227 12.93 -11.70 7.74
CA GLY E 227 12.26 -12.99 7.87
C GLY E 227 11.82 -13.25 9.30
N VAL E 228 11.23 -14.41 9.55
CA VAL E 228 10.73 -14.72 10.89
C VAL E 228 11.02 -16.15 11.34
N PHE E 229 11.19 -16.33 12.65
CA PHE E 229 11.20 -17.66 13.26
C PHE E 229 9.81 -17.99 13.75
N VAL E 230 9.44 -19.27 13.68
CA VAL E 230 8.17 -19.71 14.24
C VAL E 230 8.33 -20.98 15.07
N GLY E 231 7.66 -21.01 16.23
CA GLY E 231 7.64 -22.18 17.08
C GLY E 231 6.56 -23.14 16.63
N ILE E 234 3.25 -22.99 15.07
CA ILE E 234 2.71 -23.71 13.92
C ILE E 234 2.18 -25.07 14.33
N PHE E 235 3.01 -25.87 15.00
CA PHE E 235 2.63 -27.22 15.39
C PHE E 235 1.79 -27.19 16.66
N LYS E 236 1.83 -26.06 17.36
CA LYS E 236 0.98 -25.86 18.53
C LYS E 236 -0.33 -25.19 18.11
N SER E 237 -0.87 -25.62 16.97
CA SER E 237 -2.13 -25.07 16.46
C SER E 237 -3.00 -26.19 15.86
N GLY E 238 -4.13 -25.80 15.30
CA GLY E 238 -5.09 -26.76 14.73
C GLY E 238 -4.52 -27.59 13.61
N ASP E 239 -4.33 -26.98 12.44
CA ASP E 239 -3.75 -27.67 11.29
C ASP E 239 -2.41 -27.03 10.91
N PRO E 240 -1.30 -27.70 11.26
CA PRO E 240 0.05 -27.18 11.09
C PRO E 240 0.44 -26.88 9.64
N ALA E 241 0.20 -27.83 8.75
CA ALA E 241 0.58 -27.67 7.35
C ALA E 241 0.00 -26.39 6.76
N ARG E 242 -1.32 -26.27 6.80
CA ARG E 242 -1.98 -25.09 6.25
C ARG E 242 -1.44 -23.81 6.88
N ARG E 243 -1.33 -23.81 8.21
CA ARG E 243 -0.84 -22.64 8.93
C ARG E 243 0.60 -22.28 8.51
N ALA E 244 1.45 -23.29 8.43
CA ALA E 244 2.84 -23.08 8.05
C ALA E 244 2.94 -22.51 6.65
N ARG E 245 2.15 -23.08 5.75
CA ARG E 245 2.06 -22.60 4.39
C ARG E 245 1.61 -21.14 4.36
N ALA E 246 0.65 -20.81 5.22
CA ALA E 246 0.07 -19.47 5.27
C ALA E 246 1.08 -18.43 5.73
N ILE E 247 1.89 -18.81 6.72
CA ILE E 247 2.88 -17.90 7.26
C ILE E 247 3.99 -17.69 6.23
N VAL E 248 4.39 -18.77 5.58
CA VAL E 248 5.36 -18.66 4.49
C VAL E 248 4.83 -17.68 3.44
N GLN E 249 3.65 -17.98 2.91
CA GLN E 249 3.06 -17.13 1.90
C GLN E 249 2.96 -15.68 2.38
N ALA E 250 2.69 -15.52 3.68
CA ALA E 250 2.54 -14.20 4.26
C ALA E 250 3.84 -13.42 4.20
N VAL E 251 4.95 -14.10 4.44
CA VAL E 251 6.26 -13.46 4.42
C VAL E 251 6.64 -13.07 2.99
N THR E 252 6.33 -13.95 2.04
CA THR E 252 6.63 -13.68 0.64
C THR E 252 5.73 -12.59 0.05
N HIS E 253 4.51 -12.46 0.57
CA HIS E 253 3.57 -11.45 0.06
C HIS E 253 3.17 -10.45 1.14
N TYR E 254 4.14 -10.05 1.95
CA TYR E 254 3.84 -9.29 3.16
C TYR E 254 3.14 -7.95 2.89
N SER E 255 3.38 -7.36 1.72
CA SER E 255 2.80 -6.05 1.41
C SER E 255 1.57 -6.18 0.52
N ASP E 256 0.91 -7.35 0.57
CA ASP E 256 -0.25 -7.62 -0.27
C ASP E 256 -1.44 -8.09 0.55
N PRO E 257 -2.27 -7.14 1.00
CA PRO E 257 -3.38 -7.44 1.89
C PRO E 257 -4.35 -8.48 1.30
N GLU E 258 -4.63 -8.38 0.02
CA GLU E 258 -5.52 -9.34 -0.64
C GLU E 258 -5.01 -10.76 -0.43
N MET E 259 -3.72 -10.97 -0.66
CA MET E 259 -3.14 -12.29 -0.49
C MET E 259 -3.18 -12.68 1.00
N LEU E 260 -2.87 -11.73 1.86
CA LEU E 260 -2.89 -11.97 3.31
C LEU E 260 -4.29 -12.43 3.74
N VAL E 261 -5.32 -11.82 3.18
CA VAL E 261 -6.69 -12.21 3.49
C VAL E 261 -6.91 -13.62 2.98
N GLU E 262 -6.39 -13.90 1.80
CA GLU E 262 -6.55 -15.23 1.18
C GLU E 262 -6.00 -16.31 2.11
N VAL E 263 -4.76 -16.16 2.57
CA VAL E 263 -4.09 -17.20 3.35
C VAL E 263 -4.51 -17.27 4.81
N SER E 264 -5.15 -16.22 5.30
CA SER E 264 -5.61 -16.19 6.70
C SER E 264 -6.98 -16.83 6.83
N CYS E 265 -7.65 -17.03 5.69
CA CYS E 265 -9.02 -17.53 5.66
C CYS E 265 -9.11 -19.01 6.05
N GLY E 266 -9.96 -19.30 7.03
CA GLY E 266 -10.17 -20.68 7.49
C GLY E 266 -8.87 -21.35 7.89
N LEU E 267 -8.13 -20.71 8.78
CA LEU E 267 -6.83 -21.22 9.19
C LEU E 267 -6.97 -22.25 10.30
N GLY E 268 -8.05 -22.15 11.07
CA GLY E 268 -8.27 -23.03 12.22
C GLY E 268 -7.75 -22.39 13.49
N GLU E 269 -7.93 -23.06 14.62
CA GLU E 269 -7.48 -22.54 15.91
C GLU E 269 -5.97 -22.27 15.88
N ALA E 270 -5.59 -21.05 16.24
CA ALA E 270 -4.19 -20.62 16.19
C ALA E 270 -3.40 -21.10 17.41
N PRO F 2 25.16 -21.06 -3.87
CA PRO F 2 25.60 -19.67 -4.00
C PRO F 2 24.60 -18.80 -4.74
N PHE F 3 23.76 -19.41 -5.59
CA PHE F 3 22.75 -18.64 -6.30
C PHE F 3 21.75 -18.03 -5.31
N SER F 4 21.29 -18.84 -4.37
CA SER F 4 20.36 -18.35 -3.35
C SER F 4 20.99 -17.23 -2.52
N VAL F 5 22.31 -17.24 -2.40
CA VAL F 5 23.02 -16.17 -1.70
C VAL F 5 22.95 -14.86 -2.48
N LYS F 6 23.15 -14.95 -3.79
CA LYS F 6 23.07 -13.76 -4.65
C LYS F 6 21.66 -13.20 -4.66
N VAL F 7 20.68 -14.10 -4.76
CA VAL F 7 19.28 -13.70 -4.73
C VAL F 7 18.96 -12.98 -3.43
N GLY F 8 19.41 -13.55 -2.32
CA GLY F 8 19.25 -12.93 -1.01
C GLY F 8 19.89 -11.56 -0.95
N LEU F 9 21.08 -11.43 -1.54
CA LEU F 9 21.78 -10.15 -1.56
C LEU F 9 20.95 -9.08 -2.26
N ALA F 10 20.28 -9.47 -3.35
CA ALA F 10 19.53 -8.52 -4.15
C ALA F 10 18.31 -8.01 -3.40
N GLN F 11 17.71 -8.85 -2.56
CA GLN F 11 16.51 -8.49 -1.82
C GLN F 11 16.74 -7.29 -0.90
N MET F 12 17.99 -7.06 -0.50
CA MET F 12 18.32 -5.89 0.30
C MET F 12 17.79 -4.64 -0.40
N LEU F 13 17.78 -4.69 -1.72
CA LEU F 13 17.49 -3.51 -2.54
C LEU F 13 16.00 -3.19 -2.61
N ARG F 14 15.16 -4.14 -2.24
CA ARG F 14 13.71 -3.92 -2.26
C ARG F 14 13.37 -2.58 -1.64
N GLY F 15 12.50 -1.83 -2.33
CA GLY F 15 12.02 -0.55 -1.83
C GLY F 15 12.95 0.60 -2.17
N GLY F 16 13.88 0.38 -3.09
CA GLY F 16 14.87 1.39 -3.41
C GLY F 16 14.80 1.97 -4.82
N VAL F 17 15.60 3.02 -5.04
CA VAL F 17 15.76 3.61 -6.35
C VAL F 17 17.21 3.50 -6.81
N ILE F 18 17.42 2.91 -7.97
CA ILE F 18 18.77 2.78 -8.52
C ILE F 18 18.98 3.84 -9.59
N MET F 19 19.94 4.73 -9.35
CA MET F 19 20.12 5.89 -10.20
C MET F 19 21.37 5.76 -11.05
N ASP F 20 21.28 6.19 -12.31
CA ASP F 20 22.44 6.25 -13.17
C ASP F 20 23.32 7.43 -12.77
N VAL F 21 24.62 7.27 -12.99
CA VAL F 21 25.56 8.35 -12.71
C VAL F 21 26.78 8.25 -13.63
N VAL F 22 27.28 9.41 -14.06
CA VAL F 22 28.40 9.45 -15.00
C VAL F 22 29.63 10.09 -14.37
N ASN F 23 29.67 10.11 -13.04
CA ASN F 23 30.81 10.67 -12.32
C ASN F 23 30.57 10.60 -10.82
N ALA F 24 31.54 11.07 -10.04
CA ALA F 24 31.45 11.03 -8.59
C ALA F 24 30.44 12.05 -8.08
N GLU F 25 30.55 13.28 -8.55
CA GLU F 25 29.63 14.34 -8.15
C GLU F 25 28.20 13.82 -8.15
N GLN F 26 27.80 13.21 -9.26
CA GLN F 26 26.45 12.67 -9.41
C GLN F 26 26.19 11.51 -8.47
N ALA F 27 27.17 10.62 -8.35
CA ALA F 27 27.05 9.47 -7.46
C ALA F 27 26.69 9.92 -6.05
N ARG F 28 27.30 11.02 -5.63
CA ARG F 28 27.05 11.59 -4.31
C ARG F 28 25.64 12.19 -4.26
N ILE F 29 25.32 13.03 -5.24
CA ILE F 29 24.00 13.66 -5.31
C ILE F 29 22.91 12.59 -5.32
N ALA F 30 23.25 11.42 -5.86
CA ALA F 30 22.33 10.29 -5.92
C ALA F 30 22.23 9.62 -4.56
N GLU F 31 23.37 9.39 -3.92
CA GLU F 31 23.39 8.78 -2.59
C GLU F 31 22.75 9.72 -1.58
N GLU F 32 23.08 11.02 -1.69
CA GLU F 32 22.52 12.02 -0.80
C GLU F 32 21.00 11.99 -0.85
N ALA F 33 20.46 11.90 -2.07
CA ALA F 33 19.02 11.87 -2.26
C ALA F 33 18.39 10.57 -1.77
N GLY F 34 19.23 9.63 -1.32
CA GLY F 34 18.74 8.39 -0.72
C GLY F 34 18.67 7.20 -1.66
N ALA F 35 19.34 7.28 -2.79
CA ALA F 35 19.39 6.15 -3.72
C ALA F 35 19.90 4.90 -3.00
N CYS F 36 19.32 3.75 -3.32
CA CYS F 36 19.72 2.49 -2.68
C CYS F 36 20.91 1.87 -3.40
N ALA F 37 21.38 2.54 -4.45
CA ALA F 37 22.49 2.04 -5.26
C ALA F 37 22.63 2.89 -6.51
N VAL F 38 23.84 2.96 -7.04
CA VAL F 38 24.06 3.73 -8.27
C VAL F 38 24.51 2.84 -9.42
N MET F 39 24.23 3.28 -10.63
CA MET F 39 24.61 2.56 -11.84
C MET F 39 25.62 3.37 -12.64
N ALA F 40 26.85 2.88 -12.66
CA ALA F 40 27.96 3.61 -13.26
C ALA F 40 27.97 3.53 -14.79
N LEU F 41 28.16 4.67 -15.44
CA LEU F 41 28.31 4.74 -16.88
C LEU F 41 28.87 6.11 -17.27
N GLU F 42 29.29 6.25 -18.52
CA GLU F 42 29.80 7.52 -19.02
C GLU F 42 28.86 8.10 -20.07
N ARG F 43 27.73 7.42 -20.30
CA ARG F 43 26.70 7.92 -21.21
C ARG F 43 25.37 7.23 -20.91
N GLY F 52 24.00 8.16 -31.33
CA GLY F 52 24.37 6.89 -31.94
C GLY F 52 25.79 6.48 -31.58
N GLY F 53 26.21 5.32 -32.06
CA GLY F 53 27.53 4.79 -31.73
C GLY F 53 27.46 3.53 -30.89
N VAL F 54 28.55 2.80 -30.80
CA VAL F 54 28.59 1.58 -30.01
C VAL F 54 28.78 1.93 -28.53
N ALA F 55 27.88 1.43 -27.69
CA ALA F 55 27.97 1.69 -26.26
C ALA F 55 28.47 0.46 -25.54
N ARG F 56 29.55 0.60 -24.77
CA ARG F 56 30.20 -0.54 -24.13
C ARG F 56 30.30 -0.36 -22.62
N MET F 57 30.92 -1.33 -21.97
CA MET F 57 31.29 -1.22 -20.57
C MET F 57 32.00 0.12 -20.36
N SER F 58 31.85 0.68 -19.17
CA SER F 58 32.48 1.95 -18.85
C SER F 58 33.93 1.74 -18.43
N ASP F 59 34.72 2.80 -18.51
CA ASP F 59 36.12 2.74 -18.15
C ASP F 59 36.28 2.45 -16.66
N PRO F 60 36.99 1.37 -16.33
CA PRO F 60 37.20 1.00 -14.94
C PRO F 60 37.52 2.21 -14.07
N GLN F 61 38.50 3.01 -14.49
CA GLN F 61 38.90 4.19 -13.74
C GLN F 61 37.68 4.88 -13.16
N MET F 62 36.77 5.31 -14.04
CA MET F 62 35.59 6.04 -13.62
C MET F 62 34.74 5.18 -12.68
N ILE F 63 34.77 3.87 -12.88
CA ILE F 63 34.01 2.96 -12.03
C ILE F 63 34.62 2.88 -10.64
N LYS F 64 35.93 2.95 -10.56
CA LYS F 64 36.63 2.94 -9.28
C LYS F 64 36.40 4.24 -8.53
N GLU F 65 36.45 5.35 -9.26
CA GLU F 65 36.21 6.67 -8.67
C GLU F 65 34.84 6.72 -8.00
N ILE F 66 33.85 6.11 -8.64
CA ILE F 66 32.49 6.10 -8.11
C ILE F 66 32.33 5.08 -6.99
N LYS F 67 33.03 3.95 -7.09
CA LYS F 67 32.98 2.94 -6.04
C LYS F 67 33.62 3.47 -4.76
N GLN F 68 34.59 4.37 -4.92
CA GLN F 68 35.31 4.93 -3.78
C GLN F 68 34.63 6.20 -3.27
N ALA F 69 33.71 6.75 -4.07
CA ALA F 69 33.09 8.02 -3.72
C ALA F 69 31.74 7.87 -3.01
N VAL F 70 31.27 6.63 -2.86
CA VAL F 70 30.00 6.39 -2.18
C VAL F 70 30.04 5.12 -1.35
N THR F 71 29.06 4.96 -0.48
CA THR F 71 29.03 3.82 0.45
C THR F 71 27.88 2.87 0.12
N ILE F 72 27.02 3.27 -0.82
CA ILE F 72 25.95 2.40 -1.28
C ILE F 72 26.46 1.54 -2.43
N PRO F 73 25.84 0.37 -2.64
CA PRO F 73 26.26 -0.55 -3.69
C PRO F 73 26.47 0.15 -5.03
N VAL F 74 27.44 -0.33 -5.80
CA VAL F 74 27.76 0.26 -7.10
C VAL F 74 27.60 -0.77 -8.21
N MET F 75 26.74 -0.45 -9.18
CA MET F 75 26.48 -1.33 -10.32
C MET F 75 27.21 -0.83 -11.56
N ALA F 76 27.29 -1.69 -12.58
CA ALA F 76 27.87 -1.29 -13.86
C ALA F 76 27.33 -2.17 -14.98
N LYS F 77 27.32 -1.62 -16.19
CA LYS F 77 26.76 -2.31 -17.34
C LYS F 77 27.79 -3.14 -18.11
N ALA F 78 27.36 -4.31 -18.54
CA ALA F 78 28.12 -5.13 -19.48
C ALA F 78 27.23 -5.49 -20.66
N ARG F 79 27.77 -5.40 -21.87
CA ARG F 79 26.98 -5.71 -23.05
C ARG F 79 26.47 -7.14 -22.96
N ILE F 80 25.28 -7.38 -23.52
CA ILE F 80 24.70 -8.72 -23.53
C ILE F 80 25.65 -9.71 -24.19
N GLY F 81 25.97 -10.78 -23.48
CA GLY F 81 26.82 -11.84 -24.01
C GLY F 81 28.30 -11.58 -23.86
N HIS F 82 28.68 -10.39 -23.43
CA HIS F 82 30.09 -10.05 -23.30
C HIS F 82 30.61 -10.48 -21.93
N PHE F 83 30.94 -11.75 -21.80
CA PHE F 83 31.31 -12.30 -20.50
C PHE F 83 32.69 -11.85 -20.02
N VAL F 84 33.46 -11.23 -20.91
CA VAL F 84 34.78 -10.74 -20.54
C VAL F 84 34.68 -9.32 -19.96
N GLU F 85 33.75 -8.53 -20.48
CA GLU F 85 33.45 -7.24 -19.87
C GLU F 85 32.98 -7.52 -18.44
N ALA F 86 32.26 -8.63 -18.26
CA ALA F 86 31.77 -9.02 -16.96
C ALA F 86 32.93 -9.44 -16.05
N GLN F 87 33.82 -10.26 -16.57
CA GLN F 87 35.00 -10.69 -15.83
C GLN F 87 35.77 -9.47 -15.30
N ILE F 88 35.83 -8.43 -16.13
CA ILE F 88 36.53 -7.21 -15.78
C ILE F 88 35.80 -6.45 -14.66
N LEU F 89 34.47 -6.42 -14.76
CA LEU F 89 33.66 -5.73 -13.76
C LEU F 89 33.77 -6.42 -12.41
N GLU F 90 33.72 -7.74 -12.42
CA GLU F 90 33.88 -8.53 -11.21
C GLU F 90 35.23 -8.23 -10.57
N ALA F 91 36.29 -8.34 -11.38
CA ALA F 91 37.64 -8.11 -10.90
C ALA F 91 37.85 -6.68 -10.38
N ILE F 92 36.92 -5.79 -10.71
CA ILE F 92 37.02 -4.41 -10.25
C ILE F 92 36.43 -4.26 -8.85
N GLY F 93 35.69 -5.27 -8.42
CA GLY F 93 35.09 -5.27 -7.09
C GLY F 93 33.85 -4.41 -6.99
N ILE F 94 32.94 -4.52 -7.96
CA ILE F 94 31.65 -3.86 -7.84
C ILE F 94 30.60 -4.88 -7.40
N ASP F 95 29.47 -4.37 -6.93
CA ASP F 95 28.51 -5.21 -6.21
C ASP F 95 27.53 -5.93 -7.14
N TYR F 96 27.12 -5.24 -8.20
CA TYR F 96 26.18 -5.83 -9.15
C TYR F 96 26.62 -5.56 -10.58
N ILE F 97 26.42 -6.54 -11.45
CA ILE F 97 26.66 -6.39 -12.87
C ILE F 97 25.32 -6.41 -13.60
N ASP F 98 25.06 -5.39 -14.40
CA ASP F 98 23.85 -5.35 -15.21
C ASP F 98 24.15 -5.72 -16.66
N GLU F 99 23.83 -6.94 -17.03
CA GLU F 99 23.92 -7.37 -18.42
C GLU F 99 22.81 -6.65 -19.17
N SER F 100 23.13 -5.48 -19.72
CA SER F 100 22.10 -4.54 -20.14
C SER F 100 21.92 -4.42 -21.64
N GLU F 101 20.68 -4.45 -22.09
CA GLU F 101 20.35 -4.33 -23.50
C GLU F 101 20.36 -2.88 -23.99
N VAL F 102 20.60 -1.93 -23.10
CA VAL F 102 20.71 -0.53 -23.51
C VAL F 102 22.08 -0.27 -24.12
N LEU F 103 23.05 -1.09 -23.74
CA LEU F 103 24.36 -1.09 -24.38
C LEU F 103 24.23 -1.84 -25.69
N THR F 104 25.28 -1.80 -26.50
CA THR F 104 25.27 -2.49 -27.78
C THR F 104 25.44 -4.00 -27.62
N LEU F 105 24.36 -4.73 -27.93
CA LEU F 105 24.38 -6.19 -27.93
C LEU F 105 25.68 -6.73 -28.50
N ALA F 106 26.28 -7.71 -27.83
CA ALA F 106 27.57 -8.26 -28.26
C ALA F 106 27.42 -9.69 -28.77
N ASP F 107 26.37 -10.37 -28.32
CA ASP F 107 26.10 -11.72 -28.77
C ASP F 107 24.59 -11.86 -28.97
N GLU F 108 24.17 -12.02 -30.22
CA GLU F 108 22.75 -12.01 -30.54
C GLU F 108 22.04 -13.29 -30.13
N ASP F 109 22.78 -14.35 -29.88
CA ASP F 109 22.18 -15.67 -29.67
C ASP F 109 22.28 -16.20 -28.25
N HIS F 110 23.22 -15.66 -27.47
CA HIS F 110 23.44 -16.17 -26.12
C HIS F 110 23.71 -15.04 -25.13
N HIS F 111 23.14 -15.17 -23.95
CA HIS F 111 23.46 -14.25 -22.86
C HIS F 111 24.64 -14.80 -22.08
N ILE F 112 25.23 -13.97 -21.23
CA ILE F 112 26.32 -14.38 -20.38
C ILE F 112 25.87 -15.51 -19.45
N ASN F 113 26.74 -16.50 -19.28
CA ASN F 113 26.47 -17.55 -18.31
C ASN F 113 26.87 -16.99 -16.95
N LYS F 114 25.89 -16.48 -16.22
CA LYS F 114 26.16 -15.67 -15.05
C LYS F 114 26.51 -16.52 -13.82
N HIS F 115 26.08 -17.77 -13.80
CA HIS F 115 26.45 -18.68 -12.73
C HIS F 115 27.96 -18.78 -12.56
N ASN F 116 28.70 -18.53 -13.65
CA ASN F 116 30.15 -18.60 -13.61
C ASN F 116 30.77 -17.41 -12.89
N PHE F 117 29.95 -16.60 -12.25
CA PHE F 117 30.44 -15.40 -11.58
C PHE F 117 30.02 -15.38 -10.11
N ARG F 118 30.77 -14.63 -9.31
CA ARG F 118 30.46 -14.47 -7.91
C ARG F 118 29.46 -13.33 -7.74
N ILE F 119 29.74 -12.19 -8.36
CA ILE F 119 28.87 -11.01 -8.25
C ILE F 119 27.47 -11.33 -8.76
N PRO F 120 26.46 -10.69 -8.14
CA PRO F 120 25.07 -10.83 -8.56
C PRO F 120 24.79 -10.13 -9.89
N PHE F 121 23.93 -10.71 -10.73
CA PHE F 121 23.61 -10.13 -12.03
C PHE F 121 22.16 -9.63 -12.11
N VAL F 122 22.01 -8.46 -12.73
CA VAL F 122 20.71 -7.96 -13.15
C VAL F 122 20.53 -8.19 -14.66
N CYS F 123 19.36 -8.68 -15.05
CA CYS F 123 19.00 -8.82 -16.46
C CYS F 123 17.65 -8.17 -16.73
N GLY F 124 17.46 -7.69 -17.95
CA GLY F 124 16.20 -7.07 -18.34
C GLY F 124 15.26 -8.11 -18.90
N CYS F 125 13.98 -7.76 -18.99
CA CYS F 125 12.97 -8.65 -19.55
C CYS F 125 11.75 -7.85 -20.00
N ARG F 126 10.94 -8.46 -20.85
CA ARG F 126 9.73 -7.83 -21.35
C ARG F 126 8.51 -8.70 -21.06
N ASN F 127 8.75 -9.94 -20.68
CA ASN F 127 7.68 -10.86 -20.31
C ASN F 127 8.20 -11.91 -19.35
N LEU F 128 7.34 -12.85 -18.97
CA LEU F 128 7.66 -13.81 -17.93
C LEU F 128 8.65 -14.86 -18.40
N GLY F 129 8.49 -15.32 -19.64
CA GLY F 129 9.38 -16.33 -20.19
C GLY F 129 10.79 -15.80 -20.24
N GLU F 130 10.91 -14.55 -20.68
CA GLU F 130 12.20 -13.91 -20.82
C GLU F 130 12.85 -13.78 -19.44
N ALA F 131 12.03 -13.42 -18.45
CA ALA F 131 12.50 -13.29 -17.08
C ALA F 131 13.01 -14.63 -16.57
N LEU F 132 12.22 -15.67 -16.76
CA LEU F 132 12.58 -16.99 -16.26
C LEU F 132 13.84 -17.54 -16.93
N ARG F 133 14.05 -17.18 -18.21
CA ARG F 133 15.22 -17.64 -18.92
C ARG F 133 16.48 -16.94 -18.43
N ARG F 134 16.39 -15.64 -18.19
CA ARG F 134 17.51 -14.89 -17.64
C ARG F 134 17.89 -15.42 -16.25
N ILE F 135 16.88 -15.79 -15.48
CA ILE F 135 17.11 -16.28 -14.11
C ILE F 135 17.80 -17.64 -14.14
N ARG F 136 17.36 -18.53 -15.02
CA ARG F 136 18.00 -19.84 -15.14
C ARG F 136 19.45 -19.67 -15.59
N GLU F 137 19.72 -18.60 -16.33
CA GLU F 137 21.10 -18.28 -16.73
C GLU F 137 21.87 -17.70 -15.55
N GLY F 138 21.18 -17.50 -14.44
CA GLY F 138 21.85 -17.06 -13.21
C GLY F 138 21.66 -15.61 -12.86
N ALA F 139 20.69 -14.93 -13.49
CA ALA F 139 20.35 -13.58 -13.08
C ALA F 139 19.76 -13.62 -11.68
N ALA F 140 20.27 -12.80 -10.77
CA ALA F 140 19.79 -12.79 -9.40
C ALA F 140 18.69 -11.76 -9.21
N MET F 141 18.58 -10.87 -10.19
CA MET F 141 17.63 -9.78 -10.12
C MET F 141 17.14 -9.45 -11.53
N ILE F 142 15.86 -9.12 -11.64
CA ILE F 142 15.26 -8.84 -12.95
C ILE F 142 14.70 -7.43 -12.99
N ARG F 143 15.02 -6.69 -14.04
CA ARG F 143 14.33 -5.43 -14.27
C ARG F 143 13.52 -5.55 -15.55
N THR F 144 12.23 -5.25 -15.44
CA THR F 144 11.35 -5.27 -16.59
C THR F 144 11.51 -3.94 -17.30
N LYS F 145 12.08 -3.98 -18.49
CA LYS F 145 12.43 -2.77 -19.23
C LYS F 145 11.34 -2.34 -20.20
N GLY F 146 11.14 -1.04 -20.29
CA GLY F 146 10.24 -0.46 -21.29
C GLY F 146 11.04 0.20 -22.39
N GLU F 147 10.97 1.53 -22.46
CA GLU F 147 11.72 2.29 -23.44
C GLU F 147 12.88 3.04 -22.78
N ALA F 148 14.02 3.05 -23.47
CA ALA F 148 15.22 3.71 -22.95
C ALA F 148 15.44 5.07 -23.59
N GLY F 149 15.37 6.12 -22.77
CA GLY F 149 15.74 7.47 -23.20
C GLY F 149 14.61 8.31 -23.77
N THR F 150 13.37 7.86 -23.59
CA THR F 150 12.22 8.57 -24.15
C THR F 150 11.42 9.36 -23.11
N GLY F 151 11.53 8.96 -21.84
CA GLY F 151 10.74 9.59 -20.79
C GLY F 151 9.31 9.11 -20.79
N ASN F 152 9.03 8.07 -21.58
CA ASN F 152 7.68 7.54 -21.70
C ASN F 152 7.62 6.17 -21.02
N ILE F 153 6.69 6.01 -20.09
CA ILE F 153 6.59 4.80 -19.29
C ILE F 153 5.67 3.76 -19.88
N ILE F 154 5.08 4.06 -21.03
CA ILE F 154 4.05 3.20 -21.60
C ILE F 154 4.52 1.75 -21.73
N GLU F 155 5.72 1.54 -22.24
CA GLU F 155 6.19 0.17 -22.47
C GLU F 155 6.57 -0.55 -21.18
N ALA F 156 7.05 0.21 -20.19
CA ALA F 156 7.34 -0.35 -18.88
C ALA F 156 6.05 -0.87 -18.25
N VAL F 157 4.98 -0.08 -18.37
CA VAL F 157 3.69 -0.48 -17.86
C VAL F 157 3.23 -1.75 -18.55
N ARG F 158 3.42 -1.80 -19.87
CA ARG F 158 3.03 -2.97 -20.64
C ARG F 158 3.75 -4.21 -20.10
N HIS F 159 5.05 -4.11 -19.89
CA HIS F 159 5.83 -5.27 -19.50
C HIS F 159 5.57 -5.67 -18.04
N VAL F 160 5.49 -4.68 -17.16
CA VAL F 160 5.16 -4.94 -15.76
C VAL F 160 3.83 -5.68 -15.67
N ARG F 161 2.81 -5.18 -16.38
CA ARG F 161 1.52 -5.84 -16.36
C ARG F 161 1.61 -7.22 -17.00
N SER F 162 2.52 -7.38 -17.95
CA SER F 162 2.66 -8.65 -18.66
C SER F 162 3.19 -9.73 -17.72
N VAL F 163 4.30 -9.43 -17.06
CA VAL F 163 4.91 -10.36 -16.12
C VAL F 163 3.97 -10.66 -14.95
N ASN F 164 3.52 -9.61 -14.27
CA ASN F 164 2.61 -9.78 -13.14
C ASN F 164 1.36 -10.51 -13.58
N GLY F 165 0.91 -10.22 -14.79
CA GLY F 165 -0.30 -10.85 -15.33
C GLY F 165 -0.18 -12.35 -15.50
N ASP F 166 0.89 -12.81 -16.13
CA ASP F 166 1.08 -14.25 -16.34
C ASP F 166 1.36 -14.93 -15.01
N ILE F 167 2.04 -14.24 -14.11
CA ILE F 167 2.30 -14.78 -12.78
C ILE F 167 0.97 -15.11 -12.09
N ARG F 168 0.02 -14.17 -12.16
CA ARG F 168 -1.31 -14.38 -11.58
C ARG F 168 -2.04 -15.53 -12.28
N VAL F 169 -1.96 -15.59 -13.60
CA VAL F 169 -2.56 -16.69 -14.35
C VAL F 169 -1.92 -18.01 -13.92
N LEU F 170 -0.59 -17.98 -13.77
CA LEU F 170 0.15 -19.18 -13.40
C LEU F 170 -0.25 -19.67 -11.99
N ARG F 171 -0.36 -18.75 -11.05
CA ARG F 171 -0.66 -19.10 -9.66
C ARG F 171 -1.86 -20.03 -9.51
N ASN F 172 -2.95 -19.73 -10.21
CA ASN F 172 -4.19 -20.47 -10.02
C ASN F 172 -4.45 -21.51 -11.11
N MET F 173 -3.44 -21.75 -11.93
CA MET F 173 -3.61 -22.62 -13.09
C MET F 173 -3.69 -24.09 -12.70
N ASP F 174 -4.49 -24.86 -13.42
CA ASP F 174 -4.53 -26.30 -13.25
C ASP F 174 -3.12 -26.87 -13.44
N ASP F 175 -2.62 -27.59 -12.44
CA ASP F 175 -1.25 -28.13 -12.47
C ASP F 175 -0.95 -28.91 -13.74
N ASP F 176 -1.93 -29.67 -14.22
CA ASP F 176 -1.73 -30.49 -15.39
C ASP F 176 -1.42 -29.64 -16.63
N GLU F 177 -1.90 -28.40 -16.64
CA GLU F 177 -1.75 -27.53 -17.80
C GLU F 177 -0.44 -26.77 -17.79
N VAL F 178 0.30 -26.85 -16.68
CA VAL F 178 1.52 -26.07 -16.54
C VAL F 178 2.64 -26.51 -17.48
N PHE F 179 2.65 -27.79 -17.84
CA PHE F 179 3.69 -28.28 -18.76
C PHE F 179 3.58 -27.50 -20.07
N THR F 180 2.37 -27.42 -20.60
CA THR F 180 2.13 -26.73 -21.87
C THR F 180 2.40 -25.24 -21.73
N PHE F 181 2.10 -24.68 -20.57
CA PHE F 181 2.33 -23.26 -20.32
C PHE F 181 3.83 -22.95 -20.37
N ALA F 182 4.64 -23.88 -19.86
CA ALA F 182 6.08 -23.70 -19.86
C ALA F 182 6.61 -23.75 -21.30
N LYS F 183 6.09 -24.68 -22.09
CA LYS F 183 6.46 -24.74 -23.50
C LYS F 183 6.16 -23.41 -24.22
N LYS F 184 4.97 -22.85 -24.00
CA LYS F 184 4.58 -21.62 -24.66
C LYS F 184 5.42 -20.43 -24.22
N LEU F 185 5.78 -20.39 -22.94
CA LEU F 185 6.63 -19.32 -22.43
C LEU F 185 8.08 -19.53 -22.86
N ALA F 186 8.39 -20.74 -23.34
CA ALA F 186 9.77 -21.12 -23.60
C ALA F 186 10.61 -20.86 -22.34
N ALA F 187 10.11 -21.32 -21.21
CA ALA F 187 10.80 -21.18 -19.93
C ALA F 187 10.99 -22.55 -19.27
N PRO F 188 12.04 -22.69 -18.45
CA PRO F 188 12.31 -23.93 -17.73
C PRO F 188 11.15 -24.31 -16.81
N TYR F 189 10.63 -25.52 -16.99
CA TYR F 189 9.44 -25.96 -16.26
C TYR F 189 9.61 -25.82 -14.75
N ASP F 190 10.81 -26.15 -14.26
CA ASP F 190 11.05 -26.13 -12.83
C ASP F 190 10.88 -24.72 -12.26
N LEU F 191 11.53 -23.74 -12.90
CA LEU F 191 11.38 -22.35 -12.48
C LEU F 191 9.93 -21.87 -12.58
N VAL F 192 9.17 -22.46 -13.49
CA VAL F 192 7.77 -22.08 -13.66
C VAL F 192 6.98 -22.55 -12.45
N MET F 193 7.14 -23.82 -12.09
CA MET F 193 6.46 -24.38 -10.92
C MET F 193 6.89 -23.64 -9.67
N GLN F 194 8.18 -23.31 -9.58
CA GLN F 194 8.67 -22.55 -8.45
C GLN F 194 7.94 -21.22 -8.37
N THR F 195 7.83 -20.56 -9.51
CA THR F 195 7.15 -19.27 -9.60
C THR F 195 5.68 -19.42 -9.23
N LYS F 196 5.07 -20.53 -9.66
CA LYS F 196 3.69 -20.81 -9.31
C LYS F 196 3.55 -20.96 -7.80
N GLN F 197 4.52 -21.64 -7.20
CA GLN F 197 4.51 -21.90 -5.75
C GLN F 197 4.65 -20.61 -4.96
N LEU F 198 5.66 -19.81 -5.31
CA LEU F 198 5.92 -18.58 -4.59
C LEU F 198 4.84 -17.51 -4.83
N GLY F 199 4.14 -17.64 -5.96
CA GLY F 199 3.13 -16.65 -6.34
C GLY F 199 3.76 -15.35 -6.82
N ARG F 200 5.05 -15.39 -7.12
CA ARG F 200 5.74 -14.22 -7.64
C ARG F 200 7.10 -14.60 -8.23
N LEU F 201 7.77 -13.64 -8.85
CA LEU F 201 9.12 -13.87 -9.35
C LEU F 201 10.00 -14.37 -8.22
N PRO F 202 10.76 -15.44 -8.47
CA PRO F 202 11.67 -15.97 -7.45
C PRO F 202 12.85 -15.05 -7.17
N VAL F 203 12.88 -13.88 -7.80
CA VAL F 203 13.94 -12.91 -7.58
C VAL F 203 13.35 -11.52 -7.52
N VAL F 204 14.14 -10.55 -7.07
CA VAL F 204 13.71 -9.16 -6.99
C VAL F 204 13.34 -8.61 -8.38
N GLN F 205 12.24 -7.88 -8.45
CA GLN F 205 11.75 -7.32 -9.72
C GLN F 205 11.65 -5.81 -9.65
N PHE F 206 12.48 -5.13 -10.43
CA PHE F 206 12.45 -3.67 -10.52
C PHE F 206 11.87 -3.22 -11.85
N ALA F 207 11.45 -1.96 -11.91
CA ALA F 207 10.96 -1.39 -13.15
C ALA F 207 11.97 -0.38 -13.68
N ALA F 208 12.12 -0.33 -14.99
CA ALA F 208 13.07 0.56 -15.61
C ALA F 208 12.60 0.92 -17.00
N GLY F 209 12.83 2.17 -17.40
CA GLY F 209 12.45 2.62 -18.72
C GLY F 209 11.39 3.70 -18.70
N GLY F 210 11.84 4.94 -18.83
CA GLY F 210 10.93 6.07 -19.02
C GLY F 210 10.34 6.59 -17.73
N VAL F 211 10.82 6.08 -16.60
CA VAL F 211 10.39 6.58 -15.30
C VAL F 211 10.98 7.99 -15.11
N ALA F 212 10.17 9.00 -15.38
CA ALA F 212 10.67 10.37 -15.36
C ALA F 212 10.20 11.14 -14.12
N THR F 213 8.95 10.91 -13.70
CA THR F 213 8.39 11.66 -12.59
C THR F 213 8.09 10.76 -11.39
N PRO F 214 7.85 11.39 -10.24
CA PRO F 214 7.47 10.71 -9.01
C PRO F 214 6.23 9.86 -9.19
N ALA F 215 5.23 10.39 -9.90
CA ALA F 215 4.01 9.64 -10.16
C ALA F 215 4.33 8.35 -10.91
N ASP F 216 5.26 8.42 -11.85
CA ASP F 216 5.67 7.23 -12.59
C ASP F 216 6.21 6.17 -11.64
N ALA F 217 7.13 6.58 -10.77
CA ALA F 217 7.78 5.66 -9.84
C ALA F 217 6.77 5.00 -8.92
N ALA F 218 5.83 5.78 -8.40
CA ALA F 218 4.82 5.25 -7.50
C ALA F 218 3.90 4.27 -8.22
N LEU F 219 3.58 4.57 -9.48
CA LEU F 219 2.72 3.68 -10.27
C LEU F 219 3.36 2.30 -10.41
N MET F 220 4.66 2.28 -10.68
CA MET F 220 5.38 1.01 -10.84
C MET F 220 5.25 0.19 -9.55
N MET F 221 5.51 0.84 -8.42
CA MET F 221 5.36 0.18 -7.12
C MET F 221 3.95 -0.35 -6.93
N GLN F 222 2.93 0.47 -7.22
CA GLN F 222 1.54 0.05 -7.06
C GLN F 222 1.19 -1.12 -7.99
N LEU F 223 1.84 -1.17 -9.15
CA LEU F 223 1.63 -2.29 -10.07
C LEU F 223 2.21 -3.57 -9.47
N GLY F 224 3.22 -3.42 -8.61
CA GLY F 224 3.77 -4.57 -7.88
C GLY F 224 5.27 -4.77 -7.99
N CYS F 225 6.00 -3.74 -8.43
CA CYS F 225 7.45 -3.84 -8.52
C CYS F 225 8.11 -3.68 -7.15
N ASP F 226 9.36 -4.14 -7.04
CA ASP F 226 10.11 -4.05 -5.80
C ASP F 226 10.97 -2.79 -5.73
N GLY F 227 10.97 -2.00 -6.79
CA GLY F 227 11.78 -0.78 -6.86
C GLY F 227 11.84 -0.28 -8.28
N VAL F 228 12.68 0.72 -8.55
CA VAL F 228 12.81 1.25 -9.91
C VAL F 228 14.23 1.70 -10.26
N PHE F 229 14.57 1.65 -11.54
CA PHE F 229 15.77 2.28 -12.06
C PHE F 229 15.39 3.65 -12.60
N VAL F 230 16.32 4.60 -12.51
CA VAL F 230 16.12 5.91 -13.12
C VAL F 230 17.38 6.31 -13.89
N GLY F 231 17.19 6.81 -15.11
CA GLY F 231 18.31 7.20 -15.96
C GLY F 231 18.50 8.71 -16.01
N GLY F 238 15.48 20.14 -14.73
CA GLY F 238 16.29 21.31 -14.44
C GLY F 238 17.14 21.11 -13.19
N ASP F 239 16.49 20.82 -12.08
CA ASP F 239 17.19 20.59 -10.81
C ASP F 239 17.12 19.11 -10.43
N PRO F 240 18.26 18.41 -10.52
CA PRO F 240 18.33 16.96 -10.26
C PRO F 240 18.17 16.58 -8.78
N ALA F 241 19.03 17.12 -7.92
CA ALA F 241 18.99 16.76 -6.50
C ALA F 241 17.56 16.71 -5.97
N ARG F 242 16.76 17.71 -6.36
CA ARG F 242 15.37 17.76 -5.92
C ARG F 242 14.58 16.60 -6.52
N ARG F 243 14.68 16.42 -7.83
CA ARG F 243 13.95 15.36 -8.51
C ARG F 243 14.32 13.99 -7.96
N ALA F 244 15.59 13.83 -7.61
CA ALA F 244 16.08 12.54 -7.12
C ALA F 244 15.43 12.17 -5.79
N ARG F 245 15.46 13.10 -4.85
CA ARG F 245 14.87 12.86 -3.53
C ARG F 245 13.37 12.62 -3.67
N ALA F 246 12.74 13.35 -4.57
CA ALA F 246 11.31 13.21 -4.82
C ALA F 246 10.98 11.79 -5.26
N ILE F 247 11.76 11.29 -6.21
CA ILE F 247 11.54 9.95 -6.73
C ILE F 247 11.78 8.91 -5.63
N VAL F 248 12.83 9.09 -4.85
CA VAL F 248 13.09 8.19 -3.74
C VAL F 248 11.91 8.19 -2.78
N GLN F 249 11.49 9.38 -2.37
CA GLN F 249 10.34 9.52 -1.49
C GLN F 249 9.09 8.85 -2.10
N ALA F 250 8.89 9.07 -3.39
CA ALA F 250 7.73 8.52 -4.08
C ALA F 250 7.69 7.01 -3.95
N VAL F 251 8.86 6.39 -4.08
CA VAL F 251 8.96 4.94 -4.00
C VAL F 251 8.75 4.45 -2.57
N THR F 252 9.22 5.24 -1.60
CA THR F 252 9.06 4.89 -0.20
C THR F 252 7.62 5.05 0.28
N HIS F 253 6.94 6.08 -0.21
CA HIS F 253 5.55 6.34 0.21
C HIS F 253 4.59 6.23 -0.98
N TYR F 254 4.67 5.13 -1.70
CA TYR F 254 3.96 5.01 -2.96
C TYR F 254 2.45 4.84 -2.82
N SER F 255 1.96 4.77 -1.58
CA SER F 255 0.52 4.63 -1.35
C SER F 255 -0.08 5.92 -0.79
N ASP F 256 0.76 6.93 -0.57
CA ASP F 256 0.34 8.17 0.05
C ASP F 256 0.22 9.31 -0.96
N PRO F 257 -0.97 9.47 -1.55
CA PRO F 257 -1.21 10.52 -2.53
C PRO F 257 -0.80 11.89 -2.03
N GLU F 258 -1.20 12.21 -0.80
CA GLU F 258 -0.87 13.51 -0.20
C GLU F 258 0.64 13.71 -0.23
N MET F 259 1.38 12.67 0.13
CA MET F 259 2.83 12.73 0.09
C MET F 259 3.32 12.96 -1.34
N LEU F 260 2.77 12.19 -2.26
CA LEU F 260 3.16 12.27 -3.66
C LEU F 260 2.92 13.67 -4.24
N VAL F 261 1.87 14.33 -3.78
CA VAL F 261 1.59 15.70 -4.20
C VAL F 261 2.73 16.62 -3.81
N GLU F 262 3.19 16.47 -2.56
CA GLU F 262 4.27 17.31 -2.04
C GLU F 262 5.53 17.17 -2.89
N VAL F 263 5.95 15.93 -3.13
CA VAL F 263 7.23 15.68 -3.79
C VAL F 263 7.18 16.03 -5.27
N SER F 264 5.97 16.10 -5.84
CA SER F 264 5.80 16.46 -7.23
C SER F 264 5.59 17.97 -7.37
N CYS F 265 5.17 18.59 -6.28
CA CYS F 265 4.87 20.02 -6.29
C CYS F 265 6.11 20.82 -6.64
N GLY F 266 6.01 21.65 -7.67
CA GLY F 266 7.11 22.51 -8.08
C GLY F 266 8.40 21.75 -8.34
N LEU F 267 8.33 20.75 -9.21
CA LEU F 267 9.50 19.99 -9.58
C LEU F 267 10.10 20.55 -10.86
N GLY F 268 10.24 21.87 -10.91
CA GLY F 268 10.79 22.55 -12.07
C GLY F 268 10.26 21.96 -13.37
N GLU F 269 11.11 21.26 -14.10
CA GLU F 269 10.73 20.62 -15.35
C GLU F 269 11.45 19.29 -15.51
N ALA F 270 10.70 18.25 -15.85
CA ALA F 270 11.26 16.91 -16.02
C ALA F 270 12.01 16.79 -17.35
N SER G 1 -26.56 6.91 -4.90
CA SER G 1 -25.41 6.32 -5.63
C SER G 1 -24.26 7.32 -5.74
N PRO G 2 -23.06 6.91 -5.32
CA PRO G 2 -21.87 7.74 -5.42
C PRO G 2 -21.56 8.10 -6.87
N PHE G 3 -21.94 7.23 -7.80
CA PHE G 3 -21.75 7.50 -9.22
C PHE G 3 -22.76 8.54 -9.68
N SER G 4 -24.02 8.34 -9.31
CA SER G 4 -25.09 9.27 -9.64
C SER G 4 -24.75 10.67 -9.12
N VAL G 5 -24.06 10.75 -7.99
CA VAL G 5 -23.65 12.03 -7.44
C VAL G 5 -22.60 12.66 -8.35
N LYS G 6 -21.68 11.83 -8.83
CA LYS G 6 -20.64 12.32 -9.74
C LYS G 6 -21.28 12.79 -11.05
N VAL G 7 -22.22 11.99 -11.55
CA VAL G 7 -22.95 12.37 -12.76
C VAL G 7 -23.61 13.72 -12.57
N GLY G 8 -24.19 13.93 -11.40
CA GLY G 8 -24.83 15.21 -11.07
C GLY G 8 -23.86 16.37 -11.03
N LEU G 9 -22.68 16.14 -10.46
CA LEU G 9 -21.68 17.20 -10.39
C LEU G 9 -21.32 17.69 -11.78
N ALA G 10 -21.56 16.85 -12.78
CA ALA G 10 -21.15 17.16 -14.15
C ALA G 10 -22.25 17.90 -14.91
N GLN G 11 -23.50 17.53 -14.63
CA GLN G 11 -24.64 18.16 -15.29
C GLN G 11 -24.62 19.66 -15.08
N MET G 12 -24.17 20.09 -13.91
CA MET G 12 -24.12 21.51 -13.58
C MET G 12 -23.32 22.28 -14.63
N LEU G 13 -22.69 21.55 -15.54
CA LEU G 13 -21.91 22.18 -16.61
C LEU G 13 -22.71 22.24 -17.90
N ARG G 14 -23.81 21.50 -17.95
CA ARG G 14 -24.65 21.45 -19.14
C ARG G 14 -24.99 22.86 -19.63
N GLY G 15 -24.45 23.23 -20.79
CA GLY G 15 -24.75 24.50 -21.43
C GLY G 15 -23.56 25.44 -21.45
N GLY G 16 -22.39 24.92 -21.09
CA GLY G 16 -21.21 25.77 -20.94
C GLY G 16 -20.04 25.47 -21.87
N VAL G 17 -18.98 26.24 -21.69
CA VAL G 17 -17.77 26.10 -22.47
C VAL G 17 -16.58 25.91 -21.53
N ILE G 18 -15.79 24.87 -21.79
CA ILE G 18 -14.60 24.60 -20.99
C ILE G 18 -13.36 24.98 -21.79
N MET G 19 -12.49 25.75 -21.17
CA MET G 19 -11.37 26.32 -21.90
C MET G 19 -10.05 25.87 -21.28
N ASP G 20 -9.14 25.42 -22.14
CA ASP G 20 -7.78 25.11 -21.72
C ASP G 20 -7.06 26.36 -21.27
N VAL G 21 -6.29 26.26 -20.19
CA VAL G 21 -5.53 27.38 -19.67
C VAL G 21 -4.17 26.90 -19.15
N VAL G 22 -3.17 27.78 -19.21
CA VAL G 22 -1.81 27.40 -18.84
C VAL G 22 -1.23 28.33 -17.78
N ASN G 23 -2.00 29.32 -17.34
CA ASN G 23 -1.57 30.21 -16.27
C ASN G 23 -2.77 30.88 -15.62
N ALA G 24 -2.52 31.65 -14.58
CA ALA G 24 -3.58 32.36 -13.87
C ALA G 24 -4.22 33.40 -14.79
N GLU G 25 -3.40 34.03 -15.62
CA GLU G 25 -3.87 35.01 -16.58
C GLU G 25 -4.98 34.43 -17.46
N GLN G 26 -4.60 33.50 -18.33
CA GLN G 26 -5.55 32.85 -19.21
C GLN G 26 -6.78 32.37 -18.44
N ALA G 27 -6.56 31.74 -17.30
CA ALA G 27 -7.66 31.21 -16.50
C ALA G 27 -8.62 32.32 -16.08
N ARG G 28 -8.07 33.47 -15.74
CA ARG G 28 -8.88 34.63 -15.37
C ARG G 28 -9.63 35.16 -16.60
N ILE G 29 -8.92 35.28 -17.72
CA ILE G 29 -9.53 35.73 -18.96
C ILE G 29 -10.68 34.81 -19.34
N ALA G 30 -10.47 33.50 -19.19
CA ALA G 30 -11.48 32.51 -19.55
C ALA G 30 -12.71 32.62 -18.66
N GLU G 31 -12.49 32.89 -17.37
CA GLU G 31 -13.59 33.02 -16.43
C GLU G 31 -14.33 34.32 -16.69
N GLU G 32 -13.60 35.31 -17.18
CA GLU G 32 -14.17 36.62 -17.49
C GLU G 32 -15.10 36.53 -18.70
N ALA G 33 -14.74 35.68 -19.66
CA ALA G 33 -15.55 35.51 -20.86
C ALA G 33 -16.82 34.69 -20.58
N GLY G 34 -16.80 33.91 -19.49
CA GLY G 34 -17.97 33.15 -19.09
C GLY G 34 -17.81 31.65 -19.17
N ALA G 35 -16.57 31.18 -19.25
CA ALA G 35 -16.31 29.74 -19.26
C ALA G 35 -16.96 29.10 -18.05
N CYS G 36 -17.55 27.92 -18.23
CA CYS G 36 -18.20 27.22 -17.14
C CYS G 36 -17.19 26.46 -16.29
N ALA G 37 -15.94 26.44 -16.75
CA ALA G 37 -14.87 25.72 -16.08
C ALA G 37 -13.58 25.90 -16.88
N VAL G 38 -12.45 25.64 -16.25
CA VAL G 38 -11.17 25.75 -16.94
C VAL G 38 -10.38 24.45 -16.88
N MET G 39 -9.63 24.18 -17.94
CA MET G 39 -8.83 22.96 -18.03
C MET G 39 -7.35 23.33 -17.91
N ALA G 40 -6.76 22.95 -16.78
CA ALA G 40 -5.37 23.32 -16.48
C ALA G 40 -4.37 22.37 -17.11
N LEU G 41 -3.38 22.95 -17.79
CA LEU G 41 -2.27 22.18 -18.35
C LEU G 41 -1.11 23.11 -18.69
N GLU G 42 0.06 22.53 -18.92
CA GLU G 42 1.28 23.31 -19.14
C GLU G 42 1.55 23.54 -20.61
N ARG G 43 0.90 22.76 -21.47
CA ARG G 43 1.07 22.90 -22.92
C ARG G 43 -0.25 22.68 -23.66
N GLY G 53 7.47 15.35 -27.97
CA GLY G 53 7.80 15.04 -26.57
C GLY G 53 6.68 14.31 -25.87
N VAL G 54 6.93 13.92 -24.61
CA VAL G 54 5.92 13.28 -23.79
C VAL G 54 5.14 14.35 -23.05
N ALA G 55 3.83 14.19 -23.00
CA ALA G 55 2.97 15.14 -22.30
C ALA G 55 2.33 14.46 -21.10
N ARG G 56 2.52 15.05 -19.92
CA ARG G 56 2.07 14.43 -18.68
C ARG G 56 1.13 15.33 -17.89
N MET G 57 0.70 14.83 -16.74
CA MET G 57 -0.03 15.64 -15.77
C MET G 57 0.74 16.94 -15.59
N SER G 58 0.02 18.01 -15.27
CA SER G 58 0.67 19.29 -15.04
C SER G 58 1.21 19.37 -13.61
N ASP G 59 2.16 20.28 -13.41
CA ASP G 59 2.78 20.49 -12.12
C ASP G 59 1.74 20.87 -11.08
N PRO G 60 1.73 20.17 -9.94
CA PRO G 60 0.73 20.46 -8.91
C PRO G 60 0.72 21.93 -8.47
N GLN G 61 1.83 22.63 -8.68
CA GLN G 61 1.91 24.04 -8.30
C GLN G 61 1.12 24.93 -9.24
N MET G 62 1.32 24.75 -10.54
CA MET G 62 0.64 25.57 -11.54
C MET G 62 -0.86 25.31 -11.50
N ILE G 63 -1.25 24.11 -11.08
CA ILE G 63 -2.66 23.77 -10.95
C ILE G 63 -3.27 24.49 -9.75
N LYS G 64 -2.55 24.52 -8.64
CA LYS G 64 -3.03 25.18 -7.43
C LYS G 64 -3.15 26.69 -7.64
N GLU G 65 -2.19 27.27 -8.35
CA GLU G 65 -2.22 28.69 -8.66
C GLU G 65 -3.50 29.04 -9.42
N ILE G 66 -3.90 28.17 -10.33
CA ILE G 66 -5.10 28.38 -11.12
C ILE G 66 -6.36 28.11 -10.29
N LYS G 67 -6.27 27.18 -9.35
CA LYS G 67 -7.41 26.84 -8.52
C LYS G 67 -7.78 28.00 -7.58
N GLN G 68 -6.79 28.83 -7.26
CA GLN G 68 -6.99 29.95 -6.35
C GLN G 68 -7.36 31.22 -7.10
N ALA G 69 -7.06 31.25 -8.38
CA ALA G 69 -7.26 32.45 -9.19
C ALA G 69 -8.59 32.45 -9.92
N VAL G 70 -9.49 31.54 -9.59
CA VAL G 70 -10.82 31.51 -10.23
C VAL G 70 -11.86 30.87 -9.33
N THR G 71 -13.13 31.15 -9.64
CA THR G 71 -14.25 30.68 -8.85
C THR G 71 -14.97 29.50 -9.51
N ILE G 72 -14.75 29.32 -10.81
CA ILE G 72 -15.37 28.22 -11.53
C ILE G 72 -14.58 26.93 -11.32
N PRO G 73 -15.23 25.77 -11.52
CA PRO G 73 -14.60 24.47 -11.37
C PRO G 73 -13.27 24.39 -12.14
N VAL G 74 -12.30 23.64 -11.59
CA VAL G 74 -11.02 23.47 -12.24
C VAL G 74 -10.78 22.01 -12.61
N MET G 75 -10.49 21.77 -13.89
CA MET G 75 -10.22 20.43 -14.40
C MET G 75 -8.74 20.27 -14.66
N ALA G 76 -8.26 19.03 -14.65
CA ALA G 76 -6.87 18.76 -15.04
C ALA G 76 -6.76 17.40 -15.72
N LYS G 77 -5.77 17.29 -16.60
CA LYS G 77 -5.58 16.07 -17.39
C LYS G 77 -4.70 15.07 -16.68
N ALA G 78 -5.07 13.81 -16.76
CA ALA G 78 -4.23 12.69 -16.38
C ALA G 78 -4.01 11.82 -17.61
N ARG G 79 -2.82 11.23 -17.74
CA ARG G 79 -2.55 10.35 -18.86
C ARG G 79 -3.45 9.13 -18.78
N ILE G 80 -3.89 8.64 -19.94
CA ILE G 80 -4.69 7.43 -19.98
C ILE G 80 -3.98 6.33 -19.19
N GLY G 81 -4.68 5.78 -18.20
CA GLY G 81 -4.17 4.66 -17.42
C GLY G 81 -3.28 5.04 -16.25
N HIS G 82 -2.89 6.31 -16.16
CA HIS G 82 -1.99 6.73 -15.08
C HIS G 82 -2.78 7.04 -13.81
N PHE G 83 -3.15 5.99 -13.09
CA PHE G 83 -4.03 6.15 -11.96
C PHE G 83 -3.36 6.90 -10.80
N VAL G 84 -2.04 6.93 -10.78
CA VAL G 84 -1.33 7.65 -9.73
C VAL G 84 -1.36 9.16 -10.00
N GLU G 85 -1.23 9.55 -11.26
CA GLU G 85 -1.41 10.96 -11.62
C GLU G 85 -2.78 11.41 -11.15
N ALA G 86 -3.78 10.55 -11.35
CA ALA G 86 -5.14 10.86 -10.92
C ALA G 86 -5.18 11.02 -9.40
N GLN G 87 -4.67 10.03 -8.68
CA GLN G 87 -4.61 10.09 -7.23
C GLN G 87 -4.06 11.44 -6.79
N ILE G 88 -3.00 11.89 -7.47
CA ILE G 88 -2.39 13.16 -7.13
C ILE G 88 -3.33 14.32 -7.39
N LEU G 89 -4.01 14.29 -8.53
CA LEU G 89 -4.96 15.35 -8.89
C LEU G 89 -6.08 15.42 -7.86
N GLU G 90 -6.59 14.26 -7.46
CA GLU G 90 -7.65 14.23 -6.46
C GLU G 90 -7.15 14.85 -5.16
N ALA G 91 -5.97 14.41 -4.71
CA ALA G 91 -5.37 14.92 -3.48
C ALA G 91 -5.12 16.42 -3.55
N ILE G 92 -5.09 16.97 -4.76
CA ILE G 92 -4.92 18.41 -4.92
C ILE G 92 -6.25 19.13 -4.77
N GLY G 93 -7.33 18.36 -4.72
CA GLY G 93 -8.66 18.92 -4.52
C GLY G 93 -9.29 19.45 -5.81
N ILE G 94 -8.84 18.92 -6.95
CA ILE G 94 -9.37 19.34 -8.24
C ILE G 94 -10.84 18.96 -8.34
N ASP G 95 -11.57 19.64 -9.20
CA ASP G 95 -13.00 19.41 -9.34
C ASP G 95 -13.27 18.27 -10.32
N TYR G 96 -12.48 18.22 -11.38
CA TYR G 96 -12.64 17.18 -12.39
C TYR G 96 -11.28 16.69 -12.89
N ILE G 97 -11.21 15.41 -13.18
CA ILE G 97 -10.03 14.83 -13.80
C ILE G 97 -10.38 14.39 -15.22
N ASP G 98 -9.57 14.82 -16.18
CA ASP G 98 -9.76 14.39 -17.56
C ASP G 98 -8.71 13.35 -17.92
N GLU G 99 -9.10 12.08 -17.92
CA GLU G 99 -8.23 11.00 -18.39
C GLU G 99 -8.15 11.16 -19.90
N SER G 100 -7.16 11.92 -20.36
CA SER G 100 -7.18 12.46 -21.71
C SER G 100 -6.19 11.83 -22.68
N GLU G 101 -6.68 11.42 -23.84
CA GLU G 101 -5.84 10.87 -24.90
C GLU G 101 -4.98 11.93 -25.56
N VAL G 102 -5.21 13.19 -25.22
CA VAL G 102 -4.40 14.27 -25.75
C VAL G 102 -3.00 14.23 -25.13
N LEU G 103 -2.92 13.75 -23.89
CA LEU G 103 -1.63 13.53 -23.25
C LEU G 103 -1.05 12.20 -23.74
N THR G 104 0.18 11.93 -23.34
CA THR G 104 0.88 10.71 -23.76
C THR G 104 0.32 9.48 -23.06
N LEU G 105 -0.34 8.63 -23.82
CA LEU G 105 -0.87 7.36 -23.33
C LEU G 105 0.12 6.68 -22.38
N ALA G 106 -0.38 6.22 -21.23
CA ALA G 106 0.50 5.60 -20.23
C ALA G 106 0.26 4.10 -20.12
N ASP G 107 -0.95 3.67 -20.46
CA ASP G 107 -1.27 2.25 -20.47
C ASP G 107 -2.12 1.96 -21.70
N GLU G 108 -1.53 1.26 -22.66
CA GLU G 108 -2.19 1.02 -23.95
C GLU G 108 -3.34 0.02 -23.85
N ASP G 109 -3.42 -0.73 -22.75
CA ASP G 109 -4.41 -1.80 -22.65
C ASP G 109 -5.51 -1.55 -21.62
N HIS G 110 -5.30 -0.59 -20.72
CA HIS G 110 -6.25 -0.35 -19.66
C HIS G 110 -6.40 1.13 -19.35
N HIS G 111 -7.63 1.53 -19.04
CA HIS G 111 -7.88 2.86 -18.54
C HIS G 111 -7.89 2.83 -17.02
N ILE G 112 -7.84 4.00 -16.41
CA ILE G 112 -7.97 4.13 -14.97
C ILE G 112 -9.29 3.53 -14.50
N ASN G 113 -9.23 2.81 -13.38
CA ASN G 113 -10.45 2.39 -12.72
C ASN G 113 -10.96 3.60 -11.96
N LYS G 114 -11.94 4.29 -12.55
CA LYS G 114 -12.37 5.58 -12.05
C LYS G 114 -13.31 5.46 -10.85
N HIS G 115 -13.89 4.28 -10.66
CA HIS G 115 -14.74 4.03 -9.51
C HIS G 115 -13.97 4.12 -8.19
N ASN G 116 -12.65 4.03 -8.25
CA ASN G 116 -11.83 4.10 -7.05
C ASN G 116 -11.54 5.54 -6.62
N PHE G 117 -12.19 6.51 -7.29
CA PHE G 117 -11.94 7.91 -6.98
C PHE G 117 -13.23 8.60 -6.55
N ARG G 118 -13.09 9.68 -5.80
CA ARG G 118 -14.23 10.46 -5.35
C ARG G 118 -14.56 11.52 -6.39
N ILE G 119 -13.53 12.16 -6.93
CA ILE G 119 -13.70 13.19 -7.95
C ILE G 119 -14.35 12.63 -9.21
N PRO G 120 -15.07 13.49 -9.95
CA PRO G 120 -15.71 13.06 -11.19
C PRO G 120 -14.74 13.06 -12.36
N PHE G 121 -14.81 12.04 -13.21
CA PHE G 121 -13.89 11.91 -14.35
C PHE G 121 -14.54 12.21 -15.69
N VAL G 122 -13.76 12.84 -16.56
CA VAL G 122 -14.12 13.00 -17.97
C VAL G 122 -13.25 12.08 -18.84
N CYS G 123 -13.89 11.37 -19.77
CA CYS G 123 -13.19 10.51 -20.72
C CYS G 123 -13.62 10.82 -22.15
N GLY G 124 -12.69 10.69 -23.08
CA GLY G 124 -12.97 10.91 -24.49
C GLY G 124 -13.53 9.67 -25.15
N CYS G 125 -14.11 9.83 -26.33
CA CYS G 125 -14.64 8.70 -27.09
C CYS G 125 -14.83 9.09 -28.55
N ARG G 126 -14.97 8.10 -29.42
CA ARG G 126 -15.17 8.34 -30.84
C ARG G 126 -16.49 7.74 -31.31
N ASN G 127 -17.00 6.78 -30.56
CA ASN G 127 -18.25 6.11 -30.90
C ASN G 127 -18.96 5.67 -29.62
N LEU G 128 -20.12 5.05 -29.77
CA LEU G 128 -20.96 4.73 -28.62
C LEU G 128 -20.31 3.71 -27.70
N GLY G 129 -19.69 2.68 -28.29
CA GLY G 129 -19.08 1.62 -27.52
C GLY G 129 -17.99 2.15 -26.60
N GLU G 130 -17.14 2.99 -27.15
CA GLU G 130 -16.04 3.56 -26.41
C GLU G 130 -16.59 4.39 -25.25
N ALA G 131 -17.64 5.13 -25.54
CA ALA G 131 -18.28 5.96 -24.53
C ALA G 131 -18.82 5.10 -23.39
N LEU G 132 -19.56 4.06 -23.74
CA LEU G 132 -20.17 3.20 -22.74
C LEU G 132 -19.10 2.46 -21.93
N ARG G 133 -17.99 2.11 -22.56
CA ARG G 133 -16.90 1.44 -21.86
C ARG G 133 -16.24 2.37 -20.85
N ARG G 134 -16.03 3.63 -21.23
CA ARG G 134 -15.45 4.59 -20.30
C ARG G 134 -16.39 4.81 -19.11
N ILE G 135 -17.69 4.85 -19.39
CA ILE G 135 -18.68 5.06 -18.36
C ILE G 135 -18.69 3.90 -17.37
N ARG G 136 -18.64 2.68 -17.90
CA ARG G 136 -18.63 1.50 -17.05
C ARG G 136 -17.40 1.50 -16.14
N GLU G 137 -16.31 2.07 -16.64
CA GLU G 137 -15.08 2.19 -15.86
C GLU G 137 -15.20 3.29 -14.80
N GLY G 138 -16.24 4.13 -14.92
CA GLY G 138 -16.53 5.12 -13.90
C GLY G 138 -16.63 6.55 -14.38
N ALA G 139 -16.32 6.80 -15.66
CA ALA G 139 -16.41 8.14 -16.21
C ALA G 139 -17.80 8.74 -15.95
N ALA G 140 -17.83 9.96 -15.42
CA ALA G 140 -19.10 10.62 -15.10
C ALA G 140 -19.45 11.64 -16.16
N MET G 141 -18.61 11.73 -17.19
CA MET G 141 -18.82 12.71 -18.25
C MET G 141 -18.05 12.26 -19.47
N ILE G 142 -18.64 12.46 -20.64
CA ILE G 142 -18.04 12.03 -21.88
C ILE G 142 -17.83 13.21 -22.82
N ARG G 143 -16.63 13.31 -23.38
CA ARG G 143 -16.41 14.25 -24.47
C ARG G 143 -16.10 13.47 -25.74
N THR G 144 -17.02 13.52 -26.68
CA THR G 144 -16.83 12.89 -27.97
C THR G 144 -15.75 13.65 -28.73
N LYS G 145 -14.56 13.08 -28.76
CA LYS G 145 -13.39 13.77 -29.30
C LYS G 145 -13.34 13.74 -30.82
N GLY G 146 -12.60 14.68 -31.40
CA GLY G 146 -12.34 14.68 -32.83
C GLY G 146 -10.86 14.81 -33.12
N GLU G 147 -10.47 15.94 -33.67
CA GLU G 147 -9.10 16.19 -34.07
C GLU G 147 -8.54 17.30 -33.18
N ALA G 148 -7.37 17.04 -32.60
CA ALA G 148 -6.78 17.97 -31.64
C ALA G 148 -5.60 18.73 -32.24
N GLY G 149 -5.69 20.06 -32.23
CA GLY G 149 -4.58 20.91 -32.64
C GLY G 149 -4.64 21.32 -34.11
N THR G 150 -5.71 20.95 -34.79
CA THR G 150 -5.84 21.23 -36.22
C THR G 150 -6.75 22.42 -36.50
N GLY G 151 -7.69 22.69 -35.61
CA GLY G 151 -8.69 23.72 -35.86
C GLY G 151 -9.71 23.23 -36.87
N ASN G 152 -9.67 21.94 -37.19
CA ASN G 152 -10.63 21.35 -38.12
C ASN G 152 -11.68 20.55 -37.35
N ILE G 153 -12.94 20.88 -37.61
CA ILE G 153 -14.06 20.37 -36.82
C ILE G 153 -14.58 19.04 -37.36
N ILE G 154 -14.08 18.64 -38.52
CA ILE G 154 -14.66 17.52 -39.28
C ILE G 154 -14.75 16.20 -38.51
N GLU G 155 -13.74 15.90 -37.71
CA GLU G 155 -13.71 14.63 -36.99
C GLU G 155 -14.64 14.64 -35.78
N ALA G 156 -14.70 15.77 -35.09
CA ALA G 156 -15.62 15.92 -33.98
C ALA G 156 -17.06 15.74 -34.47
N VAL G 157 -17.36 16.23 -35.67
CA VAL G 157 -18.68 16.07 -36.24
C VAL G 157 -18.97 14.61 -36.54
N ARG G 158 -17.96 13.90 -37.03
CA ARG G 158 -18.12 12.48 -37.32
C ARG G 158 -18.51 11.71 -36.07
N HIS G 159 -17.81 12.00 -34.97
CA HIS G 159 -18.00 11.22 -33.76
C HIS G 159 -19.30 11.59 -33.04
N VAL G 160 -19.65 12.87 -33.05
CA VAL G 160 -20.93 13.28 -32.50
C VAL G 160 -22.06 12.60 -33.28
N ARG G 161 -21.95 12.59 -34.59
CA ARG G 161 -22.97 11.94 -35.41
C ARG G 161 -22.97 10.45 -35.17
N SER G 162 -21.78 9.89 -34.96
CA SER G 162 -21.67 8.46 -34.67
C SER G 162 -22.42 8.12 -33.39
N VAL G 163 -22.06 8.79 -32.31
CA VAL G 163 -22.67 8.51 -31.01
C VAL G 163 -24.19 8.75 -31.05
N ASN G 164 -24.59 9.95 -31.44
CA ASN G 164 -26.03 10.29 -31.50
C ASN G 164 -26.78 9.34 -32.44
N GLY G 165 -26.18 9.05 -33.59
CA GLY G 165 -26.80 8.15 -34.56
C GLY G 165 -27.04 6.78 -33.99
N ASP G 166 -26.04 6.21 -33.32
CA ASP G 166 -26.17 4.90 -32.70
C ASP G 166 -27.20 4.91 -31.57
N ILE G 167 -27.22 5.99 -30.80
CA ILE G 167 -28.22 6.12 -29.74
C ILE G 167 -29.63 6.04 -30.32
N ARG G 168 -29.85 6.76 -31.41
CA ARG G 168 -31.16 6.75 -32.06
C ARG G 168 -31.51 5.35 -32.58
N VAL G 169 -30.54 4.68 -33.18
CA VAL G 169 -30.75 3.32 -33.65
C VAL G 169 -31.14 2.45 -32.46
N LEU G 170 -30.40 2.59 -31.37
CA LEU G 170 -30.64 1.80 -30.17
C LEU G 170 -32.04 2.08 -29.61
N ARG G 171 -32.45 3.35 -29.64
CA ARG G 171 -33.73 3.76 -29.06
C ARG G 171 -34.91 2.95 -29.60
N ASN G 172 -34.89 2.63 -30.89
CA ASN G 172 -36.05 2.06 -31.55
C ASN G 172 -35.87 0.57 -31.86
N MET G 173 -34.74 0.02 -31.44
CA MET G 173 -34.37 -1.35 -31.78
C MET G 173 -35.25 -2.38 -31.10
N ASP G 174 -35.51 -3.48 -31.82
CA ASP G 174 -36.18 -4.62 -31.23
C ASP G 174 -35.37 -5.13 -30.04
N ASP G 175 -36.02 -5.23 -28.89
CA ASP G 175 -35.34 -5.64 -27.66
C ASP G 175 -34.51 -6.91 -27.86
N ASP G 176 -35.06 -7.88 -28.56
CA ASP G 176 -34.41 -9.17 -28.72
C ASP G 176 -33.10 -9.07 -29.50
N GLU G 177 -32.88 -7.93 -30.14
CA GLU G 177 -31.69 -7.75 -30.96
C GLU G 177 -30.61 -6.97 -30.22
N VAL G 178 -30.95 -6.40 -29.07
CA VAL G 178 -30.02 -5.54 -28.34
C VAL G 178 -28.80 -6.30 -27.80
N PHE G 179 -28.96 -7.58 -27.49
CA PHE G 179 -27.82 -8.37 -27.02
C PHE G 179 -26.72 -8.37 -28.07
N THR G 180 -27.05 -8.83 -29.27
CA THR G 180 -26.11 -8.87 -30.38
C THR G 180 -25.53 -7.49 -30.64
N PHE G 181 -26.35 -6.46 -30.49
CA PHE G 181 -25.89 -5.09 -30.70
C PHE G 181 -24.83 -4.70 -29.67
N ALA G 182 -24.99 -5.19 -28.45
CA ALA G 182 -24.04 -4.90 -27.38
C ALA G 182 -22.71 -5.56 -27.68
N LYS G 183 -22.77 -6.79 -28.19
CA LYS G 183 -21.58 -7.52 -28.58
C LYS G 183 -20.82 -6.75 -29.66
N LYS G 184 -21.53 -6.30 -30.69
CA LYS G 184 -20.91 -5.58 -31.81
C LYS G 184 -20.32 -4.26 -31.34
N LEU G 185 -20.96 -3.61 -30.38
CA LEU G 185 -20.44 -2.37 -29.82
C LEU G 185 -19.29 -2.67 -28.87
N ALA G 186 -19.19 -3.93 -28.47
CA ALA G 186 -18.29 -4.31 -27.40
C ALA G 186 -18.55 -3.41 -26.18
N ALA G 187 -19.81 -3.36 -25.76
CA ALA G 187 -20.20 -2.53 -24.63
C ALA G 187 -21.01 -3.33 -23.62
N PRO G 188 -20.99 -2.90 -22.36
CA PRO G 188 -21.77 -3.54 -21.30
C PRO G 188 -23.25 -3.50 -21.63
N TYR G 189 -23.89 -4.67 -21.65
CA TYR G 189 -25.29 -4.78 -22.04
C TYR G 189 -26.19 -3.91 -21.16
N ASP G 190 -25.98 -3.95 -19.85
CA ASP G 190 -26.79 -3.16 -18.94
C ASP G 190 -26.73 -1.67 -19.32
N LEU G 191 -25.53 -1.13 -19.45
CA LEU G 191 -25.36 0.28 -19.79
C LEU G 191 -26.00 0.62 -21.13
N VAL G 192 -26.12 -0.38 -21.99
CA VAL G 192 -26.73 -0.19 -23.30
C VAL G 192 -28.25 -0.08 -23.15
N MET G 193 -28.84 -1.01 -22.40
CA MET G 193 -30.29 -0.98 -22.16
C MET G 193 -30.69 0.29 -21.41
N GLN G 194 -29.81 0.77 -20.53
CA GLN G 194 -30.07 2.02 -19.83
C GLN G 194 -30.06 3.19 -20.80
N THR G 195 -29.19 3.12 -21.79
CA THR G 195 -29.09 4.18 -22.79
C THR G 195 -30.30 4.16 -23.72
N LYS G 196 -30.81 2.96 -23.98
CA LYS G 196 -32.00 2.81 -24.79
C LYS G 196 -33.23 3.33 -24.05
N GLN G 197 -33.28 3.09 -22.75
CA GLN G 197 -34.40 3.54 -21.92
C GLN G 197 -34.41 5.06 -21.81
N LEU G 198 -33.25 5.66 -21.60
CA LEU G 198 -33.17 7.11 -21.43
C LEU G 198 -33.36 7.85 -22.74
N GLY G 199 -32.86 7.27 -23.83
CA GLY G 199 -32.91 7.95 -25.13
C GLY G 199 -31.70 8.84 -25.35
N ARG G 200 -30.71 8.71 -24.46
CA ARG G 200 -29.46 9.47 -24.58
C ARG G 200 -28.37 8.85 -23.71
N LEU G 201 -27.15 9.39 -23.83
CA LEU G 201 -26.08 8.97 -22.93
C LEU G 201 -26.56 9.19 -21.51
N PRO G 202 -26.23 8.25 -20.62
CA PRO G 202 -26.58 8.40 -19.20
C PRO G 202 -25.68 9.39 -18.47
N VAL G 203 -24.79 10.06 -19.20
CA VAL G 203 -23.95 11.09 -18.60
C VAL G 203 -23.85 12.30 -19.53
N VAL G 204 -23.36 13.40 -18.98
CA VAL G 204 -23.13 14.62 -19.74
C VAL G 204 -22.20 14.35 -20.92
N GLN G 205 -22.49 14.99 -22.06
CA GLN G 205 -21.75 14.76 -23.28
C GLN G 205 -21.33 16.06 -23.94
N PHE G 206 -20.03 16.33 -23.93
CA PHE G 206 -19.47 17.52 -24.57
C PHE G 206 -18.78 17.13 -25.87
N ALA G 207 -18.53 18.13 -26.71
CA ALA G 207 -17.75 17.94 -27.92
C ALA G 207 -16.42 18.63 -27.73
N ALA G 208 -15.38 18.10 -28.35
CA ALA G 208 -14.05 18.67 -28.25
C ALA G 208 -13.21 18.25 -29.45
N GLY G 209 -12.35 19.15 -29.90
CA GLY G 209 -11.49 18.87 -31.03
C GLY G 209 -11.80 19.76 -32.21
N GLY G 210 -10.99 20.80 -32.38
CA GLY G 210 -11.06 21.64 -33.57
C GLY G 210 -12.08 22.76 -33.50
N VAL G 211 -12.81 22.87 -32.39
CA VAL G 211 -13.81 23.92 -32.26
C VAL G 211 -13.13 25.28 -32.27
N ALA G 212 -13.13 25.95 -33.43
CA ALA G 212 -12.35 27.16 -33.60
C ALA G 212 -13.20 28.43 -33.68
N THR G 213 -14.45 28.31 -34.11
CA THR G 213 -15.30 29.49 -34.29
C THR G 213 -16.65 29.36 -33.56
N PRO G 214 -17.33 30.49 -33.40
CA PRO G 214 -18.68 30.50 -32.82
C PRO G 214 -19.59 29.54 -33.55
N ALA G 215 -19.48 29.50 -34.88
CA ALA G 215 -20.31 28.62 -35.69
C ALA G 215 -20.03 27.16 -35.35
N ASP G 216 -18.75 26.80 -35.22
CA ASP G 216 -18.37 25.45 -34.82
C ASP G 216 -19.09 25.04 -33.53
N ALA G 217 -19.02 25.92 -32.54
CA ALA G 217 -19.57 25.64 -31.21
C ALA G 217 -21.07 25.43 -31.27
N ALA G 218 -21.77 26.32 -31.96
CA ALA G 218 -23.22 26.23 -32.07
C ALA G 218 -23.62 24.98 -32.85
N LEU G 219 -22.83 24.61 -33.85
CA LEU G 219 -23.09 23.40 -34.62
C LEU G 219 -23.10 22.21 -33.68
N MET G 220 -22.07 22.10 -32.86
CA MET G 220 -21.97 21.00 -31.91
C MET G 220 -23.23 20.95 -31.04
N MET G 221 -23.67 22.11 -30.55
CA MET G 221 -24.86 22.16 -29.72
C MET G 221 -26.11 21.74 -30.48
N GLN G 222 -26.21 22.18 -31.74
CA GLN G 222 -27.38 21.83 -32.56
C GLN G 222 -27.36 20.35 -32.91
N LEU G 223 -26.19 19.74 -32.90
CA LEU G 223 -26.09 18.29 -33.14
C LEU G 223 -26.47 17.52 -31.89
N GLY G 224 -26.51 18.22 -30.76
CA GLY G 224 -27.01 17.62 -29.51
C GLY G 224 -26.02 17.53 -28.37
N CYS G 225 -24.95 18.32 -28.41
CA CYS G 225 -23.94 18.27 -27.37
C CYS G 225 -24.27 19.23 -26.23
N ASP G 226 -24.08 18.77 -25.01
CA ASP G 226 -24.40 19.54 -23.82
C ASP G 226 -23.42 20.68 -23.61
N GLY G 227 -22.38 20.75 -24.43
CA GLY G 227 -21.36 21.78 -24.28
C GLY G 227 -20.13 21.47 -25.11
N VAL G 228 -19.08 22.27 -24.94
CA VAL G 228 -17.88 22.11 -25.75
C VAL G 228 -16.60 22.46 -25.01
N PHE G 229 -15.51 21.83 -25.42
CA PHE G 229 -14.17 22.19 -24.98
C PHE G 229 -13.51 23.05 -26.04
N VAL G 230 -12.66 23.98 -25.61
CA VAL G 230 -11.87 24.77 -26.54
C VAL G 230 -10.40 24.77 -26.09
N GLY G 231 -9.49 24.56 -27.04
CA GLY G 231 -8.07 24.41 -26.71
C GLY G 231 -7.25 25.63 -27.06
N GLY G 238 -5.64 35.91 -32.61
CA GLY G 238 -5.96 37.32 -32.76
C GLY G 238 -6.28 37.98 -31.43
N ASP G 239 -7.54 37.90 -31.03
CA ASP G 239 -7.96 38.43 -29.73
C ASP G 239 -8.67 37.33 -28.92
N PRO G 240 -7.90 36.66 -28.05
CA PRO G 240 -8.41 35.55 -27.25
C PRO G 240 -9.64 35.91 -26.44
N ALA G 241 -9.58 37.02 -25.70
CA ALA G 241 -10.70 37.43 -24.86
C ALA G 241 -11.97 37.54 -25.70
N ARG G 242 -11.86 38.20 -26.85
CA ARG G 242 -13.01 38.39 -27.73
C ARG G 242 -13.59 37.05 -28.17
N ARG G 243 -12.74 36.19 -28.72
CA ARG G 243 -13.18 34.89 -29.25
C ARG G 243 -13.83 34.04 -28.15
N ALA G 244 -13.27 34.09 -26.94
CA ALA G 244 -13.78 33.30 -25.84
C ALA G 244 -15.23 33.67 -25.54
N ARG G 245 -15.47 34.95 -25.36
CA ARG G 245 -16.83 35.45 -25.10
C ARG G 245 -17.75 35.05 -26.25
N ALA G 246 -17.29 35.23 -27.47
CA ALA G 246 -18.08 34.93 -28.66
C ALA G 246 -18.46 33.46 -28.70
N ILE G 247 -17.53 32.60 -28.32
CA ILE G 247 -17.78 31.16 -28.29
C ILE G 247 -18.76 30.83 -27.18
N VAL G 248 -18.56 31.44 -26.02
CA VAL G 248 -19.47 31.24 -24.89
C VAL G 248 -20.89 31.64 -25.29
N GLN G 249 -21.01 32.82 -25.90
CA GLN G 249 -22.32 33.31 -26.34
C GLN G 249 -22.94 32.38 -27.38
N ALA G 250 -22.11 31.88 -28.29
CA ALA G 250 -22.56 30.95 -29.31
C ALA G 250 -23.21 29.72 -28.69
N VAL G 251 -22.61 29.22 -27.62
CA VAL G 251 -23.12 28.03 -26.94
C VAL G 251 -24.40 28.32 -26.18
N THR G 252 -24.48 29.49 -25.55
CA THR G 252 -25.68 29.86 -24.81
C THR G 252 -26.83 30.18 -25.75
N HIS G 253 -26.52 30.77 -26.90
CA HIS G 253 -27.55 31.11 -27.89
C HIS G 253 -27.32 30.40 -29.22
N TYR G 254 -27.25 29.07 -29.17
CA TYR G 254 -26.82 28.31 -30.34
C TYR G 254 -27.83 28.25 -31.48
N SER G 255 -29.10 28.49 -31.19
CA SER G 255 -30.12 28.47 -32.23
C SER G 255 -30.63 29.87 -32.58
N ASP G 256 -29.78 30.88 -32.41
CA ASP G 256 -30.15 32.26 -32.73
C ASP G 256 -29.16 32.87 -33.72
N PRO G 257 -29.45 32.73 -35.01
CA PRO G 257 -28.59 33.18 -36.11
C PRO G 257 -28.15 34.64 -35.99
N GLU G 258 -29.04 35.50 -35.47
CA GLU G 258 -28.71 36.91 -35.32
C GLU G 258 -27.57 37.08 -34.34
N MET G 259 -27.64 36.35 -33.23
CA MET G 259 -26.56 36.34 -32.24
C MET G 259 -25.28 35.81 -32.86
N LEU G 260 -25.39 34.64 -33.50
CA LEU G 260 -24.22 34.00 -34.08
C LEU G 260 -23.53 34.93 -35.07
N VAL G 261 -24.33 35.67 -35.84
CA VAL G 261 -23.78 36.65 -36.77
C VAL G 261 -23.06 37.75 -36.00
N GLU G 262 -23.70 38.24 -34.95
CA GLU G 262 -23.16 39.35 -34.17
C GLU G 262 -21.79 39.04 -33.57
N VAL G 263 -21.69 37.92 -32.87
CA VAL G 263 -20.45 37.59 -32.15
C VAL G 263 -19.38 37.05 -33.08
N SER G 264 -19.75 36.77 -34.33
CA SER G 264 -18.82 36.25 -35.31
C SER G 264 -18.20 37.37 -36.13
N CYS G 265 -18.88 38.52 -36.14
CA CYS G 265 -18.43 39.67 -36.93
C CYS G 265 -17.16 40.28 -36.36
N GLY G 266 -16.18 40.52 -37.22
CA GLY G 266 -14.90 41.07 -36.80
C GLY G 266 -14.25 40.22 -35.72
N LEU G 267 -14.14 38.92 -35.99
CA LEU G 267 -13.59 37.98 -35.03
C LEU G 267 -12.07 38.01 -35.01
N GLY G 268 -11.48 38.31 -36.16
CA GLY G 268 -10.02 38.34 -36.28
C GLY G 268 -9.48 36.97 -36.61
N GLU G 269 -8.28 36.93 -37.19
CA GLU G 269 -7.66 35.66 -37.58
C GLU G 269 -7.79 34.62 -36.48
N ALA G 270 -8.35 33.47 -36.83
CA ALA G 270 -8.58 32.40 -35.87
C ALA G 270 -7.37 31.48 -35.75
N SER H 1 -12.59 16.35 2.22
CA SER H 1 -11.41 15.56 2.70
C SER H 1 -11.84 14.15 3.06
N PRO H 2 -10.94 13.17 2.84
CA PRO H 2 -11.25 11.77 3.12
C PRO H 2 -11.60 11.53 4.59
N PHE H 3 -11.03 12.31 5.49
CA PHE H 3 -11.29 12.14 6.92
C PHE H 3 -12.71 12.58 7.28
N SER H 4 -13.10 13.74 6.78
CA SER H 4 -14.45 14.27 7.02
C SER H 4 -15.50 13.31 6.49
N VAL H 5 -15.15 12.55 5.46
CA VAL H 5 -16.08 11.58 4.88
C VAL H 5 -16.23 10.38 5.81
N LYS H 6 -15.13 9.95 6.41
CA LYS H 6 -15.16 8.85 7.36
C LYS H 6 -15.96 9.25 8.59
N VAL H 7 -15.72 10.45 9.07
CA VAL H 7 -16.47 10.99 10.19
C VAL H 7 -17.96 10.95 9.86
N GLY H 8 -18.31 11.39 8.64
CA GLY H 8 -19.69 11.36 8.17
C GLY H 8 -20.26 9.95 8.16
N LEU H 9 -19.43 8.97 7.82
CA LEU H 9 -19.88 7.59 7.80
C LEU H 9 -20.30 7.11 9.20
N ALA H 10 -19.63 7.64 10.23
CA ALA H 10 -19.89 7.21 11.59
C ALA H 10 -21.13 7.89 12.16
N GLN H 11 -21.49 9.05 11.61
CA GLN H 11 -22.63 9.81 12.08
C GLN H 11 -23.96 9.08 11.81
N MET H 12 -23.97 8.20 10.83
CA MET H 12 -25.17 7.45 10.49
C MET H 12 -25.39 6.33 11.49
N LEU H 13 -24.56 6.29 12.53
CA LEU H 13 -24.71 5.30 13.59
C LEU H 13 -25.29 5.96 14.84
N ARG H 14 -25.35 7.29 14.84
CA ARG H 14 -25.88 8.02 15.99
C ARG H 14 -27.21 7.43 16.43
N GLY H 15 -27.48 7.55 17.73
CA GLY H 15 -28.74 7.08 18.30
C GLY H 15 -28.92 5.58 18.20
N GLY H 16 -27.83 4.86 17.92
CA GLY H 16 -27.93 3.42 17.74
C GLY H 16 -27.23 2.59 18.80
N VAL H 17 -27.39 1.28 18.68
CA VAL H 17 -26.75 0.33 19.59
C VAL H 17 -25.95 -0.70 18.80
N ILE H 18 -24.67 -0.85 19.13
CA ILE H 18 -23.80 -1.83 18.49
C ILE H 18 -23.63 -3.05 19.37
N MET H 19 -23.78 -4.24 18.79
CA MET H 19 -23.79 -5.47 19.55
C MET H 19 -22.70 -6.43 19.11
N ASP H 20 -22.01 -7.02 20.08
CA ASP H 20 -21.02 -8.04 19.80
C ASP H 20 -21.73 -9.31 19.32
N VAL H 21 -21.16 -9.95 18.31
CA VAL H 21 -21.69 -11.21 17.81
C VAL H 21 -20.54 -12.14 17.46
N VAL H 22 -20.76 -13.45 17.62
CA VAL H 22 -19.71 -14.43 17.41
C VAL H 22 -20.12 -15.48 16.37
N ASN H 23 -21.36 -15.41 15.90
CA ASN H 23 -21.84 -16.30 14.86
C ASN H 23 -22.89 -15.57 14.02
N ALA H 24 -23.29 -16.19 12.92
CA ALA H 24 -24.29 -15.58 12.04
C ALA H 24 -25.65 -15.52 12.75
N GLU H 25 -25.91 -16.51 13.60
CA GLU H 25 -27.15 -16.56 14.34
C GLU H 25 -27.33 -15.29 15.17
N GLN H 26 -26.35 -15.00 16.01
CA GLN H 26 -26.39 -13.80 16.85
C GLN H 26 -26.57 -12.56 16.01
N ALA H 27 -25.81 -12.47 14.92
CA ALA H 27 -25.87 -11.30 14.05
C ALA H 27 -27.30 -11.00 13.62
N ARG H 28 -28.04 -12.05 13.27
CA ARG H 28 -29.43 -11.90 12.87
C ARG H 28 -30.28 -11.46 14.06
N ILE H 29 -30.13 -12.16 15.18
CA ILE H 29 -30.84 -11.79 16.40
C ILE H 29 -30.55 -10.32 16.73
N ALA H 30 -29.31 -9.90 16.53
CA ALA H 30 -28.93 -8.52 16.80
C ALA H 30 -29.58 -7.55 15.83
N GLU H 31 -29.54 -7.87 14.55
CA GLU H 31 -30.16 -7.03 13.54
C GLU H 31 -31.68 -7.04 13.71
N GLU H 32 -32.22 -8.20 14.07
CA GLU H 32 -33.65 -8.34 14.28
C GLU H 32 -34.14 -7.40 15.40
N ALA H 33 -33.34 -7.30 16.45
CA ALA H 33 -33.70 -6.46 17.60
C ALA H 33 -33.42 -4.99 17.33
N GLY H 34 -32.94 -4.67 16.13
CA GLY H 34 -32.78 -3.27 15.70
C GLY H 34 -31.42 -2.66 15.98
N ALA H 35 -30.38 -3.49 16.05
CA ALA H 35 -29.03 -2.97 16.25
C ALA H 35 -28.61 -2.15 15.04
N CYS H 36 -27.90 -1.04 15.28
CA CYS H 36 -27.42 -0.19 14.19
C CYS H 36 -26.28 -0.88 13.46
N ALA H 37 -25.51 -1.68 14.19
CA ALA H 37 -24.40 -2.41 13.60
C ALA H 37 -24.07 -3.61 14.47
N VAL H 38 -23.26 -4.53 13.94
CA VAL H 38 -22.80 -5.66 14.71
C VAL H 38 -21.28 -5.68 14.75
N MET H 39 -20.74 -6.27 15.81
CA MET H 39 -19.29 -6.36 15.98
C MET H 39 -18.87 -7.82 15.93
N ALA H 40 -18.14 -8.18 14.89
CA ALA H 40 -17.73 -9.56 14.67
C ALA H 40 -16.53 -9.93 15.53
N LEU H 41 -16.67 -11.00 16.30
CA LEU H 41 -15.55 -11.56 17.06
C LEU H 41 -15.85 -13.01 17.44
N GLU H 42 -14.79 -13.80 17.61
CA GLU H 42 -14.93 -15.21 17.95
C GLU H 42 -14.93 -15.41 19.45
N ARG H 43 -14.81 -14.31 20.19
CA ARG H 43 -14.88 -14.34 21.66
C ARG H 43 -14.71 -12.94 22.23
N GLY H 52 -8.54 -16.71 29.85
CA GLY H 52 -7.32 -16.01 29.45
C GLY H 52 -7.03 -16.17 27.97
N GLY H 53 -5.76 -16.22 27.62
CA GLY H 53 -5.34 -16.40 26.23
C GLY H 53 -5.11 -15.09 25.49
N VAL H 54 -4.43 -15.16 24.36
CA VAL H 54 -4.20 -14.00 23.52
C VAL H 54 -5.40 -13.78 22.61
N ALA H 55 -5.91 -12.57 22.58
CA ALA H 55 -7.08 -12.27 21.76
C ALA H 55 -6.67 -11.50 20.51
N ARG H 56 -6.99 -12.05 19.35
CA ARG H 56 -6.57 -11.44 18.08
C ARG H 56 -7.77 -11.14 17.19
N MET H 57 -7.50 -10.48 16.08
CA MET H 57 -8.49 -10.35 15.01
C MET H 57 -9.15 -11.71 14.78
N SER H 58 -10.43 -11.70 14.45
CA SER H 58 -11.15 -12.95 14.20
C SER H 58 -10.88 -13.43 12.77
N ASP H 59 -11.17 -14.70 12.53
CA ASP H 59 -10.96 -15.33 11.22
C ASP H 59 -11.84 -14.69 10.15
N PRO H 60 -11.24 -14.28 9.03
CA PRO H 60 -12.01 -13.68 7.94
C PRO H 60 -13.17 -14.56 7.50
N GLN H 61 -13.03 -15.87 7.65
CA GLN H 61 -14.10 -16.80 7.33
C GLN H 61 -15.39 -16.38 8.04
N MET H 62 -15.31 -16.25 9.36
CA MET H 62 -16.49 -15.94 10.17
C MET H 62 -16.93 -14.50 10.00
N ILE H 63 -15.99 -13.62 9.67
CA ILE H 63 -16.33 -12.23 9.40
C ILE H 63 -17.13 -12.14 8.09
N LYS H 64 -16.70 -12.90 7.09
CA LYS H 64 -17.38 -12.90 5.79
C LYS H 64 -18.79 -13.45 5.93
N GLU H 65 -18.95 -14.47 6.78
CA GLU H 65 -20.26 -15.09 6.99
C GLU H 65 -21.24 -14.12 7.66
N ILE H 66 -20.74 -13.27 8.54
CA ILE H 66 -21.57 -12.31 9.23
C ILE H 66 -21.94 -11.13 8.34
N LYS H 67 -20.98 -10.66 7.55
CA LYS H 67 -21.23 -9.56 6.62
C LYS H 67 -22.26 -9.99 5.57
N GLN H 68 -22.42 -11.31 5.41
CA GLN H 68 -23.35 -11.85 4.43
C GLN H 68 -24.74 -12.07 5.04
N ALA H 69 -24.78 -12.23 6.36
CA ALA H 69 -26.02 -12.59 7.04
C ALA H 69 -26.87 -11.38 7.42
N VAL H 70 -26.29 -10.19 7.31
CA VAL H 70 -27.00 -8.98 7.74
C VAL H 70 -26.77 -7.85 6.75
N THR H 71 -27.66 -6.88 6.76
CA THR H 71 -27.57 -5.75 5.85
C THR H 71 -27.12 -4.49 6.58
N ILE H 72 -26.98 -4.59 7.90
CA ILE H 72 -26.45 -3.49 8.68
C ILE H 72 -24.92 -3.54 8.68
N PRO H 73 -24.28 -2.39 8.89
CA PRO H 73 -22.81 -2.30 8.88
C PRO H 73 -22.17 -3.33 9.80
N VAL H 74 -21.06 -3.91 9.35
CA VAL H 74 -20.31 -4.89 10.13
C VAL H 74 -18.96 -4.32 10.58
N MET H 75 -18.70 -4.41 11.88
CA MET H 75 -17.45 -3.95 12.45
C MET H 75 -16.64 -5.16 12.90
N ALA H 76 -15.33 -4.99 13.00
CA ALA H 76 -14.46 -6.04 13.53
C ALA H 76 -13.26 -5.42 14.26
N LYS H 77 -12.67 -6.20 15.16
CA LYS H 77 -11.57 -5.70 15.98
C LYS H 77 -10.21 -6.04 15.42
N ALA H 78 -9.30 -5.07 15.52
CA ALA H 78 -7.88 -5.30 15.30
C ALA H 78 -7.13 -4.96 16.59
N ARG H 79 -6.11 -5.74 16.92
CA ARG H 79 -5.31 -5.46 18.10
C ARG H 79 -4.69 -4.08 18.00
N ILE H 80 -4.50 -3.42 19.13
CA ILE H 80 -3.89 -2.09 19.13
C ILE H 80 -2.51 -2.13 18.48
N GLY H 81 -2.33 -1.28 17.47
CA GLY H 81 -1.05 -1.18 16.79
C GLY H 81 -0.83 -2.23 15.69
N HIS H 82 -1.73 -3.18 15.58
CA HIS H 82 -1.57 -4.23 14.59
C HIS H 82 -2.12 -3.77 13.24
N PHE H 83 -1.33 -2.98 12.53
CA PHE H 83 -1.80 -2.37 11.28
C PHE H 83 -1.99 -3.39 10.15
N VAL H 84 -1.32 -4.52 10.24
CA VAL H 84 -1.51 -5.55 9.22
C VAL H 84 -2.85 -6.24 9.40
N GLU H 85 -3.23 -6.51 10.64
CA GLU H 85 -4.57 -7.04 10.92
C GLU H 85 -5.62 -6.10 10.34
N ALA H 86 -5.37 -4.80 10.45
CA ALA H 86 -6.29 -3.78 9.94
C ALA H 86 -6.36 -3.82 8.41
N GLN H 87 -5.21 -4.00 7.77
CA GLN H 87 -5.15 -4.09 6.31
C GLN H 87 -5.98 -5.28 5.84
N ILE H 88 -5.91 -6.37 6.58
CA ILE H 88 -6.67 -7.57 6.23
C ILE H 88 -8.17 -7.31 6.35
N LEU H 89 -8.57 -6.62 7.41
CA LEU H 89 -9.97 -6.31 7.64
C LEU H 89 -10.50 -5.38 6.55
N GLU H 90 -9.68 -4.39 6.18
CA GLU H 90 -10.06 -3.46 5.13
C GLU H 90 -10.25 -4.18 3.80
N ALA H 91 -9.36 -5.12 3.51
CA ALA H 91 -9.40 -5.83 2.23
C ALA H 91 -10.61 -6.76 2.11
N ILE H 92 -11.25 -7.10 3.23
CA ILE H 92 -12.38 -8.02 3.18
C ILE H 92 -13.72 -7.31 3.30
N GLY H 93 -13.73 -5.99 3.14
CA GLY H 93 -14.96 -5.23 3.01
C GLY H 93 -15.60 -4.74 4.29
N ILE H 94 -14.98 -5.04 5.43
CA ILE H 94 -15.51 -4.60 6.72
C ILE H 94 -15.85 -3.11 6.64
N ASP H 95 -16.95 -2.72 7.29
CA ASP H 95 -17.41 -1.34 7.26
C ASP H 95 -16.66 -0.46 8.24
N TYR H 96 -16.36 -1.00 9.42
CA TYR H 96 -15.58 -0.28 10.41
C TYR H 96 -14.56 -1.20 11.05
N ILE H 97 -13.41 -0.63 11.40
CA ILE H 97 -12.38 -1.34 12.13
C ILE H 97 -12.30 -0.79 13.55
N ASP H 98 -12.38 -1.68 14.53
CA ASP H 98 -12.25 -1.30 15.93
C ASP H 98 -10.85 -1.65 16.41
N GLU H 99 -9.97 -0.65 16.47
CA GLU H 99 -8.67 -0.82 17.09
C GLU H 99 -8.92 -0.90 18.59
N SER H 100 -9.09 -2.12 19.09
CA SER H 100 -9.72 -2.33 20.39
C SER H 100 -8.78 -2.87 21.47
N GLU H 101 -8.78 -2.21 22.63
CA GLU H 101 -7.91 -2.60 23.73
C GLU H 101 -8.44 -3.80 24.49
N VAL H 102 -9.62 -4.29 24.12
CA VAL H 102 -10.12 -5.51 24.76
C VAL H 102 -9.52 -6.73 24.07
N LEU H 103 -8.84 -6.50 22.95
CA LEU H 103 -7.98 -7.51 22.35
C LEU H 103 -6.60 -7.39 22.98
N THR H 104 -5.72 -8.34 22.69
CA THR H 104 -4.37 -8.32 23.24
C THR H 104 -3.51 -7.28 22.53
N LEU H 105 -3.11 -6.25 23.27
CA LEU H 105 -2.28 -5.20 22.71
C LEU H 105 -1.12 -5.81 21.91
N ALA H 106 -0.88 -5.29 20.70
CA ALA H 106 0.20 -5.81 19.86
C ALA H 106 1.40 -4.86 19.88
N ASP H 107 1.14 -3.59 20.14
CA ASP H 107 2.19 -2.60 20.20
C ASP H 107 1.91 -1.69 21.39
N GLU H 108 2.87 -1.61 22.31
CA GLU H 108 2.64 -0.90 23.58
C GLU H 108 2.81 0.60 23.45
N ASP H 109 3.49 1.07 22.41
CA ASP H 109 3.88 2.48 22.35
C ASP H 109 3.28 3.25 21.19
N HIS H 110 2.71 2.54 20.23
CA HIS H 110 2.12 3.18 19.06
C HIS H 110 0.80 2.53 18.67
N HIS H 111 -0.16 3.35 18.29
CA HIS H 111 -1.39 2.85 17.69
C HIS H 111 -1.22 2.80 16.17
N ILE H 112 -2.15 2.12 15.52
CA ILE H 112 -2.17 2.09 14.07
C ILE H 112 -2.25 3.51 13.53
N ASN H 113 -1.51 3.77 12.45
CA ASN H 113 -1.71 5.00 11.71
C ASN H 113 -2.96 4.80 10.86
N LYS H 114 -4.06 5.39 11.31
CA LYS H 114 -5.37 5.09 10.76
C LYS H 114 -5.66 5.90 9.49
N HIS H 115 -4.97 7.02 9.32
CA HIS H 115 -5.10 7.79 8.10
C HIS H 115 -4.77 6.94 6.86
N ASN H 116 -3.83 6.01 7.00
CA ASN H 116 -3.38 5.17 5.89
C ASN H 116 -4.44 4.19 5.43
N PHE H 117 -5.66 4.33 5.93
CA PHE H 117 -6.73 3.41 5.53
C PHE H 117 -7.92 4.16 4.95
N ARG H 118 -8.73 3.44 4.20
CA ARG H 118 -9.96 3.99 3.63
C ARG H 118 -11.14 3.72 4.56
N ILE H 119 -11.05 2.63 5.33
CA ILE H 119 -12.09 2.26 6.29
C ILE H 119 -12.04 3.16 7.52
N PRO H 120 -13.22 3.55 8.04
CA PRO H 120 -13.27 4.36 9.24
C PRO H 120 -12.96 3.54 10.49
N PHE H 121 -12.20 4.12 11.41
CA PHE H 121 -11.78 3.43 12.61
C PHE H 121 -12.53 3.89 13.85
N VAL H 122 -12.79 2.94 14.74
CA VAL H 122 -13.21 3.25 16.10
C VAL H 122 -12.04 2.99 17.06
N CYS H 123 -11.83 3.91 17.98
CA CYS H 123 -10.81 3.76 19.03
C CYS H 123 -11.42 4.03 20.40
N GLY H 124 -10.88 3.38 21.43
CA GLY H 124 -11.36 3.60 22.79
C GLY H 124 -10.63 4.75 23.46
N CYS H 125 -11.15 5.23 24.57
CA CYS H 125 -10.50 6.29 25.35
C CYS H 125 -11.04 6.33 26.75
N ARG H 126 -10.28 6.93 27.65
CA ARG H 126 -10.67 7.05 29.05
C ARG H 126 -10.80 8.51 29.44
N ASN H 127 -10.24 9.39 28.64
CA ASN H 127 -10.32 10.82 28.88
C ASN H 127 -10.19 11.58 27.57
N LEU H 128 -10.25 12.91 27.66
CA LEU H 128 -10.28 13.75 26.47
C LEU H 128 -8.98 13.70 25.69
N GLY H 129 -7.86 13.81 26.41
CA GLY H 129 -6.55 13.82 25.76
C GLY H 129 -6.36 12.56 24.93
N GLU H 130 -6.81 11.45 25.47
CA GLU H 130 -6.66 10.17 24.82
C GLU H 130 -7.54 10.11 23.56
N ALA H 131 -8.75 10.67 23.68
CA ALA H 131 -9.67 10.72 22.55
C ALA H 131 -9.08 11.55 21.42
N LEU H 132 -8.52 12.71 21.76
CA LEU H 132 -8.00 13.60 20.74
C LEU H 132 -6.77 12.99 20.04
N ARG H 133 -5.91 12.33 20.81
CA ARG H 133 -4.73 11.67 20.23
C ARG H 133 -5.16 10.60 19.24
N ARG H 134 -6.16 9.80 19.60
CA ARG H 134 -6.67 8.78 18.71
C ARG H 134 -7.23 9.43 17.43
N ILE H 135 -7.95 10.52 17.60
CA ILE H 135 -8.56 11.22 16.46
C ILE H 135 -7.47 11.75 15.52
N ARG H 136 -6.44 12.35 16.09
CA ARG H 136 -5.33 12.89 15.30
C ARG H 136 -4.64 11.80 14.49
N GLU H 137 -4.64 10.57 15.03
CA GLU H 137 -4.06 9.42 14.35
C GLU H 137 -4.99 8.90 13.25
N GLY H 138 -6.23 9.37 13.24
CA GLY H 138 -7.16 9.01 12.18
C GLY H 138 -8.50 8.47 12.64
N ALA H 139 -8.62 8.18 13.94
CA ALA H 139 -9.89 7.68 14.48
C ALA H 139 -11.05 8.54 14.01
N ALA H 140 -12.10 7.90 13.49
CA ALA H 140 -13.27 8.62 12.99
C ALA H 140 -14.42 8.50 13.98
N MET H 141 -14.24 7.66 14.99
CA MET H 141 -15.26 7.44 15.99
C MET H 141 -14.64 6.99 17.29
N ILE H 142 -15.09 7.61 18.38
CA ILE H 142 -14.54 7.36 19.71
C ILE H 142 -15.53 6.59 20.55
N ARG H 143 -15.05 5.60 21.29
CA ARG H 143 -15.87 4.98 22.32
C ARG H 143 -15.17 5.10 23.67
N THR H 144 -15.84 5.75 24.61
CA THR H 144 -15.32 5.89 25.96
C THR H 144 -15.53 4.58 26.68
N LYS H 145 -14.42 3.88 26.91
CA LYS H 145 -14.44 2.55 27.48
C LYS H 145 -14.29 2.57 28.99
N GLY H 146 -15.22 1.92 29.67
CA GLY H 146 -15.07 1.66 31.10
C GLY H 146 -14.23 0.41 31.26
N GLU H 147 -14.83 -0.63 31.83
CA GLU H 147 -14.16 -1.92 31.93
C GLU H 147 -14.92 -2.96 31.10
N ALA H 148 -14.25 -4.07 30.80
CA ALA H 148 -14.82 -5.08 29.90
C ALA H 148 -15.23 -6.34 30.64
N GLY H 149 -16.44 -6.81 30.37
CA GLY H 149 -16.88 -8.13 30.81
C GLY H 149 -17.15 -8.23 32.30
N THR H 150 -17.55 -7.12 32.91
CA THR H 150 -17.86 -7.12 34.33
C THR H 150 -19.35 -6.86 34.60
N GLY H 151 -20.00 -6.13 33.70
CA GLY H 151 -21.39 -5.76 33.90
C GLY H 151 -21.53 -4.56 34.81
N ASN H 152 -20.41 -3.89 35.08
CA ASN H 152 -20.40 -2.74 35.96
C ASN H 152 -20.11 -1.48 35.17
N ILE H 153 -21.05 -0.54 35.16
CA ILE H 153 -20.93 0.66 34.33
C ILE H 153 -20.14 1.79 35.00
N ILE H 154 -19.66 1.57 36.21
CA ILE H 154 -19.06 2.66 36.97
C ILE H 154 -17.90 3.32 36.23
N GLU H 155 -17.11 2.53 35.52
CA GLU H 155 -15.93 3.07 34.85
C GLU H 155 -16.31 3.89 33.61
N ALA H 156 -17.30 3.41 32.88
CA ALA H 156 -17.81 4.15 31.74
C ALA H 156 -18.36 5.51 32.18
N VAL H 157 -19.07 5.52 33.31
CA VAL H 157 -19.61 6.77 33.82
C VAL H 157 -18.46 7.73 34.11
N ARG H 158 -17.41 7.21 34.75
CA ARG H 158 -16.23 8.01 35.04
C ARG H 158 -15.70 8.65 33.77
N HIS H 159 -15.53 7.85 32.72
CA HIS H 159 -14.87 8.33 31.52
C HIS H 159 -15.78 9.28 30.73
N VAL H 160 -17.03 8.88 30.53
CA VAL H 160 -17.98 9.75 29.87
C VAL H 160 -17.98 11.10 30.58
N ARG H 161 -18.08 11.08 31.91
CA ARG H 161 -18.08 12.32 32.67
C ARG H 161 -16.76 13.07 32.52
N SER H 162 -15.66 12.32 32.45
CA SER H 162 -14.34 12.93 32.30
C SER H 162 -14.23 13.67 30.97
N VAL H 163 -14.57 12.99 29.88
CA VAL H 163 -14.50 13.60 28.56
C VAL H 163 -15.45 14.80 28.45
N ASN H 164 -16.73 14.58 28.73
CA ASN H 164 -17.73 15.65 28.65
C ASN H 164 -17.38 16.78 29.60
N GLY H 165 -16.82 16.45 30.75
CA GLY H 165 -16.43 17.46 31.72
C GLY H 165 -15.37 18.39 31.16
N ASP H 166 -14.29 17.83 30.64
CA ASP H 166 -13.22 18.63 30.07
C ASP H 166 -13.69 19.43 28.85
N ILE H 167 -14.54 18.82 28.02
CA ILE H 167 -15.09 19.55 26.89
C ILE H 167 -15.79 20.83 27.37
N ARG H 168 -16.60 20.71 28.43
CA ARG H 168 -17.28 21.88 28.99
C ARG H 168 -16.28 22.90 29.53
N VAL H 169 -15.24 22.41 30.21
CA VAL H 169 -14.21 23.29 30.72
C VAL H 169 -13.55 24.02 29.55
N LEU H 170 -13.33 23.27 28.47
CA LEU H 170 -12.66 23.81 27.30
C LEU H 170 -13.51 24.89 26.64
N ARG H 171 -14.80 24.62 26.52
CA ARG H 171 -15.70 25.51 25.80
C ARG H 171 -15.65 26.95 26.28
N ASN H 172 -15.47 27.13 27.59
CA ASN H 172 -15.59 28.44 28.21
C ASN H 172 -14.24 29.00 28.64
N MET H 173 -13.16 28.34 28.24
CA MET H 173 -11.83 28.69 28.72
C MET H 173 -11.27 29.94 28.03
N ASP H 174 -10.52 30.73 28.78
CA ASP H 174 -9.79 31.84 28.20
C ASP H 174 -8.88 31.32 27.09
N ASP H 175 -8.94 31.96 25.93
CA ASP H 175 -8.21 31.49 24.74
C ASP H 175 -6.72 31.37 24.99
N ASP H 176 -6.18 32.29 25.79
CA ASP H 176 -4.75 32.33 26.06
C ASP H 176 -4.28 31.17 26.96
N GLU H 177 -5.22 30.44 27.54
CA GLU H 177 -4.88 29.36 28.46
C GLU H 177 -5.01 28.00 27.78
N VAL H 178 -5.54 27.97 26.56
CA VAL H 178 -5.76 26.72 25.86
C VAL H 178 -4.44 26.02 25.49
N PHE H 179 -3.39 26.80 25.23
CA PHE H 179 -2.09 26.23 24.91
C PHE H 179 -1.64 25.32 26.05
N THR H 180 -1.54 25.89 27.23
CA THR H 180 -1.14 25.14 28.41
C THR H 180 -2.07 23.95 28.66
N PHE H 181 -3.36 24.14 28.42
CA PHE H 181 -4.33 23.07 28.60
C PHE H 181 -4.03 21.90 27.65
N ALA H 182 -3.71 22.23 26.41
CA ALA H 182 -3.36 21.22 25.40
C ALA H 182 -2.15 20.44 25.88
N LYS H 183 -1.18 21.15 26.45
CA LYS H 183 0.01 20.50 26.98
C LYS H 183 -0.36 19.51 28.09
N LYS H 184 -1.17 19.96 29.04
CA LYS H 184 -1.55 19.15 30.19
C LYS H 184 -2.32 17.91 29.73
N LEU H 185 -3.13 18.05 28.69
CA LEU H 185 -3.81 16.88 28.13
C LEU H 185 -2.85 16.10 27.24
N ALA H 186 -1.70 16.69 26.93
CA ALA H 186 -0.81 16.14 25.93
C ALA H 186 -1.60 15.80 24.66
N ALA H 187 -2.37 16.78 24.18
CA ALA H 187 -3.18 16.60 22.98
C ALA H 187 -2.84 17.68 21.95
N PRO H 188 -3.09 17.38 20.67
CA PRO H 188 -2.80 18.33 19.60
C PRO H 188 -3.63 19.61 19.73
N TYR H 189 -2.95 20.76 19.74
CA TYR H 189 -3.60 22.04 19.94
C TYR H 189 -4.71 22.28 18.91
N ASP H 190 -4.42 22.07 17.63
CA ASP H 190 -5.42 22.25 16.58
C ASP H 190 -6.73 21.58 16.96
N LEU H 191 -6.66 20.30 17.29
CA LEU H 191 -7.86 19.54 17.63
C LEU H 191 -8.53 20.05 18.91
N VAL H 192 -7.71 20.56 19.84
CA VAL H 192 -8.24 21.09 21.09
C VAL H 192 -9.08 22.32 20.78
N MET H 193 -8.55 23.23 19.98
CA MET H 193 -9.30 24.42 19.57
C MET H 193 -10.55 24.05 18.78
N GLN H 194 -10.41 23.06 17.90
CA GLN H 194 -11.55 22.60 17.12
C GLN H 194 -12.64 22.04 18.03
N THR H 195 -12.22 21.39 19.12
CA THR H 195 -13.15 20.84 20.08
C THR H 195 -13.81 21.96 20.87
N LYS H 196 -13.05 23.03 21.09
CA LYS H 196 -13.57 24.21 21.76
C LYS H 196 -14.63 24.88 20.89
N GLN H 197 -14.33 25.08 19.62
CA GLN H 197 -15.28 25.68 18.70
C GLN H 197 -16.58 24.88 18.66
N LEU H 198 -16.49 23.60 18.30
CA LEU H 198 -17.68 22.76 18.20
C LEU H 198 -18.42 22.61 19.52
N GLY H 199 -17.71 22.77 20.64
CA GLY H 199 -18.31 22.58 21.95
C GLY H 199 -18.59 21.12 22.23
N ARG H 200 -18.10 20.25 21.35
CA ARG H 200 -18.19 18.80 21.56
C ARG H 200 -17.05 18.08 20.88
N LEU H 201 -17.05 16.75 20.98
CA LEU H 201 -16.07 15.91 20.31
C LEU H 201 -16.28 16.04 18.80
N PRO H 202 -15.19 16.25 18.05
CA PRO H 202 -15.27 16.39 16.59
C PRO H 202 -15.71 15.11 15.88
N VAL H 203 -15.95 14.04 16.63
CA VAL H 203 -16.40 12.79 16.04
C VAL H 203 -17.48 12.15 16.89
N VAL H 204 -18.16 11.16 16.33
CA VAL H 204 -19.18 10.41 17.06
C VAL H 204 -18.60 9.78 18.34
N GLN H 205 -19.36 9.87 19.43
CA GLN H 205 -18.90 9.34 20.72
C GLN H 205 -19.89 8.35 21.32
N PHE H 206 -19.48 7.09 21.42
CA PHE H 206 -20.32 6.06 22.04
C PHE H 206 -19.77 5.69 23.40
N ALA H 207 -20.57 4.92 24.16
CA ALA H 207 -20.13 4.42 25.44
C ALA H 207 -20.03 2.91 25.38
N ALA H 208 -19.06 2.36 26.11
CA ALA H 208 -18.80 0.94 26.06
C ALA H 208 -18.21 0.48 27.37
N GLY H 209 -18.61 -0.70 27.82
CA GLY H 209 -18.08 -1.25 29.06
C GLY H 209 -19.12 -1.31 30.16
N GLY H 210 -19.70 -2.50 30.33
CA GLY H 210 -20.54 -2.76 31.48
C GLY H 210 -22.01 -2.44 31.28
N VAL H 211 -22.36 -1.93 30.11
CA VAL H 211 -23.76 -1.65 29.82
C VAL H 211 -24.53 -2.96 29.83
N ALA H 212 -25.26 -3.21 30.91
CA ALA H 212 -25.87 -4.51 31.12
C ALA H 212 -27.40 -4.46 31.14
N THR H 213 -27.96 -3.26 31.28
CA THR H 213 -29.41 -3.11 31.36
C THR H 213 -29.88 -1.89 30.60
N PRO H 214 -31.18 -1.87 30.25
CA PRO H 214 -31.77 -0.74 29.58
C PRO H 214 -31.45 0.57 30.28
N ALA H 215 -31.53 0.57 31.61
CA ALA H 215 -31.26 1.77 32.38
C ALA H 215 -29.81 2.24 32.18
N ASP H 216 -28.88 1.30 32.16
CA ASP H 216 -27.47 1.61 31.88
C ASP H 216 -27.36 2.38 30.57
N ALA H 217 -28.00 1.84 29.54
CA ALA H 217 -27.87 2.39 28.19
C ALA H 217 -28.44 3.80 28.12
N ALA H 218 -29.63 3.98 28.70
CA ALA H 218 -30.29 5.28 28.69
C ALA H 218 -29.49 6.29 29.49
N LEU H 219 -28.81 5.82 30.54
CA LEU H 219 -27.99 6.68 31.37
C LEU H 219 -26.85 7.26 30.53
N MET H 220 -26.23 6.41 29.72
CA MET H 220 -25.14 6.85 28.86
C MET H 220 -25.64 7.91 27.88
N MET H 221 -26.79 7.64 27.27
CA MET H 221 -27.39 8.62 26.37
C MET H 221 -27.69 9.92 27.09
N GLN H 222 -28.24 9.84 28.30
CA GLN H 222 -28.58 11.05 29.05
C GLN H 222 -27.31 11.81 29.44
N LEU H 223 -26.21 11.10 29.59
CA LEU H 223 -24.93 11.75 29.91
C LEU H 223 -24.33 12.47 28.70
N GLY H 224 -24.72 12.06 27.49
CA GLY H 224 -24.29 12.75 26.28
C GLY H 224 -23.82 11.86 25.14
N CYS H 225 -23.67 10.57 25.41
CA CYS H 225 -23.18 9.66 24.39
C CYS H 225 -24.09 9.61 23.16
N ASP H 226 -23.49 9.42 21.99
CA ASP H 226 -24.23 9.33 20.74
C ASP H 226 -24.78 7.92 20.53
N GLY H 227 -24.46 7.02 21.44
CA GLY H 227 -24.89 5.62 21.32
C GLY H 227 -24.08 4.72 22.23
N VAL H 228 -24.29 3.41 22.13
CA VAL H 228 -23.60 2.48 23.02
C VAL H 228 -23.19 1.15 22.35
N PHE H 229 -22.16 0.54 22.91
CA PHE H 229 -21.76 -0.82 22.54
C PHE H 229 -22.30 -1.76 23.62
N VAL H 230 -22.64 -2.98 23.22
CA VAL H 230 -23.01 -4.03 24.18
C VAL H 230 -22.22 -5.29 23.87
N GLY H 231 -21.60 -5.86 24.90
CA GLY H 231 -20.78 -7.06 24.75
C GLY H 231 -21.52 -8.34 25.10
N GLY H 238 -29.94 -14.11 30.24
CA GLY H 238 -31.29 -14.69 30.20
C GLY H 238 -31.78 -14.86 28.78
N ASP H 239 -32.62 -13.94 28.33
CA ASP H 239 -33.14 -13.96 26.97
C ASP H 239 -32.52 -12.82 26.16
N PRO H 240 -31.54 -13.14 25.31
CA PRO H 240 -30.81 -12.14 24.50
C PRO H 240 -31.71 -11.37 23.53
N ALA H 241 -32.56 -12.07 22.78
CA ALA H 241 -33.43 -11.42 21.82
C ALA H 241 -34.31 -10.38 22.48
N ARG H 242 -34.70 -10.64 23.73
CA ARG H 242 -35.54 -9.71 24.48
C ARG H 242 -34.72 -8.56 25.03
N ARG H 243 -33.59 -8.89 25.67
CA ARG H 243 -32.71 -7.89 26.25
C ARG H 243 -32.17 -6.95 25.18
N ALA H 244 -31.94 -7.49 23.99
CA ALA H 244 -31.39 -6.72 22.88
C ALA H 244 -32.34 -5.60 22.46
N ARG H 245 -33.60 -5.96 22.23
CA ARG H 245 -34.61 -4.99 21.83
C ARG H 245 -34.82 -3.94 22.92
N ALA H 246 -34.79 -4.39 24.16
CA ALA H 246 -34.99 -3.49 25.31
C ALA H 246 -33.93 -2.39 25.32
N ILE H 247 -32.68 -2.78 25.07
CA ILE H 247 -31.58 -1.82 25.07
C ILE H 247 -31.68 -0.90 23.86
N VAL H 248 -32.01 -1.46 22.70
CA VAL H 248 -32.22 -0.64 21.52
C VAL H 248 -33.29 0.41 21.81
N GLN H 249 -34.43 -0.06 22.33
CA GLN H 249 -35.52 0.84 22.70
C GLN H 249 -35.06 1.87 23.73
N ALA H 250 -34.22 1.43 24.66
CA ALA H 250 -33.69 2.31 25.68
C ALA H 250 -32.91 3.47 25.06
N VAL H 251 -32.09 3.15 24.07
CA VAL H 251 -31.26 4.16 23.42
C VAL H 251 -32.13 5.14 22.63
N THR H 252 -33.15 4.61 21.95
CA THR H 252 -34.04 5.45 21.15
C THR H 252 -34.90 6.36 22.02
N HIS H 253 -35.35 5.85 23.16
CA HIS H 253 -36.24 6.61 24.03
C HIS H 253 -35.61 6.86 25.41
N TYR H 254 -34.35 7.26 25.41
CA TYR H 254 -33.58 7.35 26.65
C TYR H 254 -34.13 8.36 27.65
N SER H 255 -34.99 9.27 27.21
CA SER H 255 -35.58 10.24 28.13
C SER H 255 -37.07 10.00 28.33
N ASP H 256 -37.49 8.74 28.20
CA ASP H 256 -38.87 8.36 28.41
C ASP H 256 -38.97 7.26 29.47
N PRO H 257 -39.13 7.66 30.73
CA PRO H 257 -39.14 6.74 31.86
C PRO H 257 -40.22 5.67 31.71
N GLU H 258 -41.42 6.08 31.34
CA GLU H 258 -42.51 5.14 31.13
C GLU H 258 -42.05 4.01 30.21
N MET H 259 -41.45 4.39 29.09
CA MET H 259 -40.94 3.42 28.14
C MET H 259 -39.85 2.56 28.78
N LEU H 260 -38.93 3.21 29.50
CA LEU H 260 -37.84 2.50 30.14
C LEU H 260 -38.35 1.45 31.12
N VAL H 261 -39.45 1.77 31.81
CA VAL H 261 -40.09 0.82 32.73
C VAL H 261 -40.62 -0.38 31.96
N GLU H 262 -41.25 -0.11 30.82
CA GLU H 262 -41.90 -1.17 30.04
C GLU H 262 -40.93 -2.19 29.48
N VAL H 263 -39.77 -1.73 28.98
CA VAL H 263 -38.80 -2.63 28.37
C VAL H 263 -37.90 -3.32 29.39
N SER H 264 -37.84 -2.76 30.60
CA SER H 264 -37.04 -3.36 31.67
C SER H 264 -37.86 -4.37 32.46
N CYS H 265 -39.18 -4.30 32.31
CA CYS H 265 -40.09 -5.13 33.08
C CYS H 265 -39.97 -6.60 32.70
N GLY H 266 -39.59 -7.42 33.68
CA GLY H 266 -39.45 -8.87 33.47
C GLY H 266 -38.42 -9.21 32.41
N LEU H 267 -37.26 -8.57 32.51
CA LEU H 267 -36.19 -8.78 31.53
C LEU H 267 -35.47 -10.10 31.79
N GLY H 268 -35.25 -10.42 33.06
CA GLY H 268 -34.59 -11.67 33.43
C GLY H 268 -33.21 -11.43 34.01
N GLU H 269 -32.45 -12.51 34.21
CA GLU H 269 -31.10 -12.41 34.77
C GLU H 269 -30.14 -11.75 33.78
N ALA H 270 -29.38 -10.78 34.27
CA ALA H 270 -28.46 -10.02 33.43
C ALA H 270 -27.02 -10.55 33.55
S SO4 I . 24.76 -8.70 27.24
O1 SO4 I . 24.95 -7.99 28.50
O2 SO4 I . 26.03 -8.56 26.51
O3 SO4 I . 23.66 -8.08 26.50
O4 SO4 I . 24.43 -10.12 27.44
S SO4 J . 15.81 -14.60 -25.45
O1 SO4 J . 16.81 -13.54 -25.52
O2 SO4 J . 14.57 -14.09 -24.84
O3 SO4 J . 16.25 -15.75 -24.65
O4 SO4 J . 15.52 -15.10 -26.80
S SO4 K . 15.68 6.04 -18.83
O1 SO4 K . 14.90 7.14 -18.21
O2 SO4 K . 16.89 6.62 -19.47
O3 SO4 K . 14.85 5.36 -19.86
O4 SO4 K . 16.06 5.07 -17.80
S SO4 L . -10.94 0.75 -25.78
O1 SO4 L . -9.78 1.57 -25.46
O2 SO4 L . -12.10 1.61 -26.08
O3 SO4 L . -11.34 -0.11 -24.65
O4 SO4 L . -10.70 -0.12 -26.93
S SO4 M . -1.70 6.91 24.71
O1 SO4 M . -1.28 7.71 23.57
O2 SO4 M . -0.84 7.30 25.83
O3 SO4 M . -3.09 7.21 25.03
O4 SO4 M . -1.59 5.47 24.46
S SO4 N . 17.49 -19.24 32.12
O1 SO4 N . 17.78 -19.32 30.68
O2 SO4 N . 17.88 -17.90 32.63
O3 SO4 N . 16.04 -19.45 32.35
O4 SO4 N . 18.23 -20.28 32.86
S SO4 O . 7.63 -18.85 19.71
O1 SO4 O . 8.97 -18.84 19.07
O2 SO4 O . 7.62 -17.84 20.78
O3 SO4 O . 7.34 -20.19 20.27
O4 SO4 O . 6.60 -18.53 18.70
S SO4 P . 21.79 -3.22 -30.33
O1 SO4 P . 21.32 -1.81 -30.23
O2 SO4 P . 23.09 -3.23 -31.02
O3 SO4 P . 21.93 -3.81 -28.97
O4 SO4 P . 20.83 -4.03 -31.11
S SO4 Q . 0.30 8.59 -27.61
O1 SO4 Q . 0.37 9.38 -28.87
O2 SO4 Q . 1.64 8.61 -26.98
O3 SO4 Q . -0.71 9.16 -26.68
O4 SO4 Q . -0.11 7.20 -27.93
S SO4 R . -8.36 21.89 -29.81
O1 SO4 R . -9.10 23.10 -30.22
O2 SO4 R . -7.00 22.27 -29.36
O3 SO4 R . -9.10 21.22 -28.71
O4 SO4 R . -8.26 20.97 -30.96
S SO4 S . -3.08 -6.54 27.17
O1 SO4 S . -3.85 -6.00 26.03
O2 SO4 S . -2.15 -5.50 27.70
O3 SO4 S . -4.03 -6.96 28.23
O4 SO4 S . -2.29 -7.71 26.73
S SO4 T . -19.03 -5.51 27.83
O1 SO4 T . -18.95 -4.86 26.50
O2 SO4 T . -18.25 -4.71 28.80
O3 SO4 T . -18.51 -6.89 27.78
O4 SO4 T . -20.46 -5.55 28.25
#